data_2LJU
#
_entry.id   2LJU
#
_entity_poly.entity_id   1
_entity_poly.type   'polypeptide(L)'
_entity_poly.pdbx_seq_one_letter_code
;GPGSMQEQVSNVRARIYKPAKSTMQSGHSKLKAWKLEFEPSCTQYTEPLMNWTGSHDTKQQVCLSFTTRELAIAYAVAHK
IDYTVLQDNPRTIVPKSYADNFTKPRDM
;
_entity_poly.pdbx_strand_id   A
#
# COMPACT_ATOMS: atom_id res chain seq x y z
N MET A 5 -13.11 -15.06 22.88
CA MET A 5 -13.71 -15.92 21.87
C MET A 5 -13.13 -15.64 20.49
N GLN A 6 -11.83 -15.32 20.46
CA GLN A 6 -11.15 -15.03 19.21
C GLN A 6 -10.31 -16.21 18.75
N GLU A 7 -9.58 -16.03 17.66
CA GLU A 7 -8.73 -17.09 17.12
C GLU A 7 -7.33 -16.57 16.84
N GLN A 8 -6.32 -17.35 17.25
CA GLN A 8 -4.93 -16.96 17.05
C GLN A 8 -4.44 -17.40 15.66
N VAL A 9 -3.79 -16.48 14.96
CA VAL A 9 -3.26 -16.75 13.63
C VAL A 9 -1.78 -16.41 13.54
N SER A 10 -1.03 -17.28 12.86
CA SER A 10 0.41 -17.07 12.70
C SER A 10 0.73 -16.58 11.30
N ASN A 11 0.37 -15.34 11.00
CA ASN A 11 0.61 -14.74 9.70
C ASN A 11 0.81 -13.23 9.81
N VAL A 12 1.49 -12.66 8.82
CA VAL A 12 1.74 -11.22 8.80
C VAL A 12 0.67 -10.48 8.00
N ARG A 13 0.67 -9.16 8.12
CA ARG A 13 -0.30 -8.33 7.41
C ARG A 13 0.37 -7.09 6.83
N ALA A 14 -0.17 -6.61 5.72
CA ALA A 14 0.38 -5.43 5.05
C ALA A 14 -0.49 -4.20 5.32
N ARG A 15 0.14 -3.08 5.64
CA ARG A 15 -0.58 -1.84 5.92
C ARG A 15 -0.30 -0.80 4.83
N ILE A 16 -1.29 -0.60 3.95
CA ILE A 16 -1.15 0.37 2.88
C ILE A 16 -1.96 1.63 3.16
N TYR A 17 -1.35 2.78 2.92
CA TYR A 17 -2.01 4.06 3.15
C TYR A 17 -1.87 4.98 1.93
N LYS A 18 -2.98 5.59 1.55
CA LYS A 18 -2.99 6.50 0.40
C LYS A 18 -2.72 7.93 0.83
N PRO A 19 -2.15 8.73 -0.09
CA PRO A 19 -1.83 10.13 0.19
C PRO A 19 -3.08 11.00 0.31
N ALA A 20 -2.87 12.31 0.42
CA ALA A 20 -3.98 13.25 0.55
C ALA A 20 -4.28 13.94 -0.78
N LYS A 21 -5.56 14.17 -1.04
CA LYS A 21 -5.97 14.83 -2.28
C LYS A 21 -5.46 16.26 -2.34
N SER A 22 -4.60 16.53 -3.30
CA SER A 22 -4.02 17.86 -3.47
C SER A 22 -3.64 18.11 -4.93
N THR A 23 -3.59 19.38 -5.31
CA THR A 23 -3.24 19.76 -6.67
C THR A 23 -1.84 19.27 -7.04
N MET A 24 -1.77 18.36 -8.00
CA MET A 24 -0.50 17.81 -8.44
C MET A 24 0.37 18.89 -9.09
N GLN A 25 1.58 18.52 -9.46
CA GLN A 25 2.50 19.46 -10.09
C GLN A 25 2.66 20.71 -9.25
N SER A 26 2.55 20.55 -7.94
CA SER A 26 2.68 21.68 -7.02
C SER A 26 4.09 21.79 -6.47
N GLY A 27 5.07 21.60 -7.35
CA GLY A 27 6.46 21.68 -6.94
C GLY A 27 6.88 20.49 -6.11
N HIS A 28 7.51 19.51 -6.75
CA HIS A 28 7.97 18.31 -6.06
C HIS A 28 9.28 17.80 -6.66
N SER A 29 10.16 17.29 -5.81
CA SER A 29 11.46 16.79 -6.25
C SER A 29 11.72 15.40 -5.66
N LYS A 30 10.65 14.68 -5.36
CA LYS A 30 10.77 13.34 -4.80
C LYS A 30 9.69 12.42 -5.35
N LEU A 31 9.80 11.13 -5.04
CA LEU A 31 8.84 10.14 -5.50
C LEU A 31 8.26 9.36 -4.33
N LYS A 32 7.16 9.84 -3.77
CA LYS A 32 6.51 9.17 -2.65
C LYS A 32 5.08 9.66 -2.48
N ALA A 33 4.13 8.73 -2.62
CA ALA A 33 2.71 9.06 -2.48
C ALA A 33 2.00 8.05 -1.61
N TRP A 34 2.33 6.77 -1.79
CA TRP A 34 1.71 5.71 -1.01
C TRP A 34 2.67 5.20 0.07
N LYS A 35 2.10 4.68 1.17
CA LYS A 35 2.90 4.16 2.26
C LYS A 35 2.60 2.68 2.50
N LEU A 36 3.62 1.94 2.91
CA LEU A 36 3.47 0.51 3.17
C LEU A 36 4.15 0.12 4.47
N GLU A 37 3.47 -0.70 5.27
CA GLU A 37 4.01 -1.15 6.54
C GLU A 37 3.52 -2.56 6.88
N PHE A 38 4.42 -3.53 6.76
CA PHE A 38 4.08 -4.92 7.05
C PHE A 38 4.50 -5.30 8.47
N GLU A 39 3.66 -6.08 9.14
CA GLU A 39 3.93 -6.51 10.50
C GLU A 39 5.17 -7.40 10.55
N PRO A 40 5.77 -7.53 11.74
CA PRO A 40 6.97 -8.35 11.95
C PRO A 40 6.68 -9.84 11.83
N SER A 41 7.65 -10.59 11.33
CA SER A 41 7.51 -12.03 11.16
C SER A 41 8.43 -12.79 12.10
N CYS A 42 9.73 -12.78 11.78
CA CYS A 42 10.72 -13.46 12.60
C CYS A 42 12.13 -13.14 12.11
N THR A 43 13.07 -13.02 13.06
CA THR A 43 14.45 -12.72 12.72
C THR A 43 14.55 -11.44 11.90
N GLN A 44 13.84 -10.40 12.33
CA GLN A 44 13.85 -9.12 11.64
C GLN A 44 15.28 -8.61 11.45
N TYR A 45 15.48 -7.83 10.40
CA TYR A 45 16.80 -7.27 10.09
C TYR A 45 16.93 -5.85 10.60
N THR A 46 18.12 -5.28 10.48
CA THR A 46 18.37 -3.92 10.93
C THR A 46 18.08 -2.91 9.81
N GLU A 47 17.72 -1.70 10.20
CA GLU A 47 17.41 -0.64 9.23
C GLU A 47 18.54 -0.50 8.22
N PRO A 48 18.19 0.05 7.04
CA PRO A 48 19.16 0.26 5.96
C PRO A 48 20.18 1.35 6.28
N LEU A 49 21.21 1.46 5.46
CA LEU A 49 22.24 2.46 5.67
C LEU A 49 21.86 3.79 5.01
N MET A 50 21.59 4.79 5.85
CA MET A 50 21.21 6.11 5.35
C MET A 50 21.97 7.21 6.08
N ASN A 51 22.32 8.27 5.35
CA ASN A 51 23.06 9.38 5.94
C ASN A 51 22.86 10.65 5.11
N TRP A 52 22.81 11.79 5.79
CA TRP A 52 22.62 13.07 5.13
C TRP A 52 23.45 14.16 5.80
N THR A 53 23.61 15.29 5.11
CA THR A 53 24.38 16.41 5.64
C THR A 53 23.50 17.60 5.91
N GLY A 54 22.74 18.03 4.90
CA GLY A 54 21.85 19.17 5.06
C GLY A 54 20.89 19.00 6.22
N SER A 55 20.32 17.80 6.34
CA SER A 55 19.37 17.52 7.42
C SER A 55 19.67 16.17 8.05
N HIS A 56 19.73 16.15 9.39
CA HIS A 56 20.02 14.93 10.13
C HIS A 56 19.06 13.81 9.70
N ASP A 57 19.62 12.62 9.47
CA ASP A 57 18.82 11.47 9.06
C ASP A 57 17.97 10.96 10.22
N THR A 58 16.75 10.52 9.90
CA THR A 58 15.83 10.01 10.90
C THR A 58 15.94 8.49 11.03
N LYS A 59 15.50 7.97 12.17
CA LYS A 59 15.55 6.53 12.41
C LYS A 59 14.30 5.85 11.87
N GLN A 60 14.46 5.13 10.76
CA GLN A 60 13.36 4.43 10.13
C GLN A 60 12.78 3.37 11.07
N GLN A 61 11.53 2.98 10.82
CA GLN A 61 10.87 1.98 11.64
C GLN A 61 10.42 0.79 10.80
N VAL A 62 11.29 0.36 9.87
CA VAL A 62 10.98 -0.76 9.01
C VAL A 62 9.81 -0.45 8.08
N CYS A 63 9.46 0.83 8.00
CA CYS A 63 8.36 1.27 7.15
C CYS A 63 8.82 1.48 5.72
N LEU A 64 7.97 1.13 4.76
CA LEU A 64 8.30 1.27 3.35
C LEU A 64 7.50 2.42 2.73
N SER A 65 8.03 3.00 1.66
CA SER A 65 7.37 4.10 0.97
C SER A 65 7.29 3.82 -0.53
N PHE A 66 6.07 3.77 -1.04
CA PHE A 66 5.85 3.51 -2.47
C PHE A 66 5.27 4.75 -3.15
N THR A 67 5.34 4.75 -4.48
CA THR A 67 4.83 5.89 -5.26
C THR A 67 3.45 5.57 -5.83
N THR A 68 3.28 4.36 -6.36
CA THR A 68 2.02 3.95 -6.95
C THR A 68 1.46 2.73 -6.22
N ARG A 69 0.14 2.72 -6.00
CA ARG A 69 -0.52 1.61 -5.32
C ARG A 69 -0.13 0.28 -5.96
N GLU A 70 -0.02 0.27 -7.28
CA GLU A 70 0.33 -0.94 -8.01
C GLU A 70 1.61 -1.56 -7.45
N LEU A 71 2.50 -0.71 -6.95
CA LEU A 71 3.76 -1.18 -6.38
C LEU A 71 3.55 -1.68 -4.95
N ALA A 72 2.68 -1.01 -4.21
CA ALA A 72 2.40 -1.39 -2.83
C ALA A 72 1.71 -2.75 -2.77
N ILE A 73 0.48 -2.81 -3.28
CA ILE A 73 -0.28 -4.05 -3.29
C ILE A 73 0.53 -5.20 -3.90
N ALA A 74 1.35 -4.87 -4.88
CA ALA A 74 2.18 -5.87 -5.54
C ALA A 74 3.02 -6.64 -4.53
N TYR A 75 3.48 -5.95 -3.49
CA TYR A 75 4.29 -6.58 -2.46
C TYR A 75 3.50 -7.65 -1.71
N ALA A 76 2.35 -7.26 -1.18
CA ALA A 76 1.49 -8.19 -0.45
C ALA A 76 1.07 -9.36 -1.34
N VAL A 77 0.49 -9.04 -2.49
CA VAL A 77 0.04 -10.06 -3.43
C VAL A 77 1.14 -11.06 -3.72
N ALA A 78 2.39 -10.60 -3.67
CA ALA A 78 3.53 -11.47 -3.93
C ALA A 78 3.48 -12.72 -3.07
N HIS A 79 2.95 -12.59 -1.85
CA HIS A 79 2.85 -13.71 -0.93
C HIS A 79 1.41 -13.86 -0.43
N LYS A 80 0.47 -13.36 -1.20
CA LYS A 80 -0.95 -13.43 -0.83
C LYS A 80 -1.17 -12.89 0.58
N ILE A 81 -0.48 -11.80 0.90
CA ILE A 81 -0.60 -11.19 2.22
C ILE A 81 -1.80 -10.26 2.29
N ASP A 82 -2.50 -10.27 3.42
CA ASP A 82 -3.67 -9.43 3.61
C ASP A 82 -3.27 -7.97 3.75
N TYR A 83 -3.46 -7.20 2.68
CA TYR A 83 -3.12 -5.78 2.68
C TYR A 83 -4.36 -4.92 2.89
N THR A 84 -4.24 -3.93 3.77
CA THR A 84 -5.35 -3.03 4.06
C THR A 84 -5.08 -1.64 3.51
N VAL A 85 -6.11 -1.04 2.90
CA VAL A 85 -5.99 0.30 2.33
C VAL A 85 -6.59 1.34 3.26
N LEU A 86 -5.78 2.32 3.66
CA LEU A 86 -6.24 3.38 4.55
C LEU A 86 -6.39 4.70 3.78
N GLN A 87 -7.47 5.41 4.05
CA GLN A 87 -7.73 6.70 3.40
C GLN A 87 -7.25 7.85 4.26
N ASP A 88 -6.82 8.93 3.61
CA ASP A 88 -6.35 10.11 4.32
C ASP A 88 -7.49 10.82 5.02
N ASN A 89 -8.68 10.77 4.42
CA ASN A 89 -9.85 11.42 4.98
C ASN A 89 -11.04 10.47 5.01
N PRO A 90 -12.03 10.78 5.85
CA PRO A 90 -13.25 9.96 5.99
C PRO A 90 -14.13 10.03 4.75
N ARG A 91 -15.03 9.06 4.62
CA ARG A 91 -15.95 9.00 3.49
C ARG A 91 -17.33 9.50 3.88
N THR A 92 -17.67 10.71 3.45
CA THR A 92 -18.97 11.30 3.75
C THR A 92 -20.01 10.89 2.72
N ILE A 93 -21.27 10.82 3.14
CA ILE A 93 -22.36 10.46 2.25
C ILE A 93 -23.09 11.68 1.74
N VAL A 94 -23.56 11.61 0.49
CA VAL A 94 -24.28 12.73 -0.11
C VAL A 94 -25.45 13.17 0.77
N PRO A 95 -25.86 14.43 0.60
CA PRO A 95 -26.97 15.02 1.37
C PRO A 95 -28.32 14.41 0.99
N LYS A 96 -28.92 13.69 1.92
CA LYS A 96 -30.22 13.06 1.67
C LYS A 96 -31.31 14.13 1.51
N SER A 97 -31.78 14.29 0.29
CA SER A 97 -32.82 15.27 0.00
C SER A 97 -34.11 14.59 -0.47
N TYR A 98 -35.12 15.38 -0.78
CA TYR A 98 -36.39 14.85 -1.23
C TYR A 98 -37.29 15.96 -1.79
N ALA A 99 -37.89 15.71 -2.93
CA ALA A 99 -38.78 16.69 -3.57
C ALA A 99 -40.21 16.51 -3.11
N ASP A 100 -41.09 17.41 -3.55
CA ASP A 100 -42.50 17.34 -3.19
C ASP A 100 -43.34 18.23 -4.09
N ASN A 101 -44.42 17.68 -4.63
CA ASN A 101 -45.30 18.43 -5.52
C ASN A 101 -46.77 18.08 -5.26
N PHE A 102 -47.65 19.05 -5.48
CA PHE A 102 -49.07 18.84 -5.27
C PHE A 102 -49.88 19.40 -6.44
N THR A 103 -51.14 18.95 -6.55
CA THR A 103 -52.01 19.41 -7.63
C THR A 103 -53.46 19.42 -7.17
N LYS A 104 -54.19 20.48 -7.54
CA LYS A 104 -55.60 20.61 -7.17
C LYS A 104 -56.47 20.70 -8.41
N PRO A 105 -57.77 20.43 -8.24
CA PRO A 105 -58.75 20.49 -9.34
C PRO A 105 -59.00 21.92 -9.82
N ARG A 106 -59.68 22.04 -10.94
CA ARG A 106 -60.00 23.35 -11.51
C ARG A 106 -61.51 23.56 -11.59
N ASP A 107 -62.07 24.20 -10.58
CA ASP A 107 -63.51 24.47 -10.54
C ASP A 107 -63.89 25.55 -11.54
N MET A 108 -65.12 25.49 -12.03
CA MET A 108 -65.61 26.46 -13.00
C MET A 108 -65.61 27.86 -12.40
N MET A 5 -12.60 -8.83 19.72
CA MET A 5 -11.16 -8.59 19.76
C MET A 5 -10.39 -9.89 19.69
N GLN A 6 -10.29 -10.47 18.49
CA GLN A 6 -9.57 -11.72 18.31
C GLN A 6 -8.50 -11.58 17.24
N GLU A 7 -7.27 -11.29 17.68
CA GLU A 7 -6.15 -11.12 16.76
C GLU A 7 -5.56 -12.47 16.38
N GLN A 8 -5.23 -12.63 15.10
CA GLN A 8 -4.66 -13.87 14.59
C GLN A 8 -3.15 -13.73 14.37
N VAL A 9 -2.43 -14.84 14.48
CA VAL A 9 -0.98 -14.84 14.30
C VAL A 9 -0.55 -16.01 13.43
N SER A 10 -0.88 -15.94 12.14
CA SER A 10 -0.51 -16.99 11.20
C SER A 10 0.41 -16.46 10.11
N ASN A 11 0.08 -15.28 9.59
CA ASN A 11 0.89 -14.66 8.54
C ASN A 11 1.02 -13.16 8.78
N VAL A 12 1.97 -12.55 8.08
CA VAL A 12 2.20 -11.11 8.22
C VAL A 12 1.05 -10.31 7.63
N ARG A 13 1.10 -9.00 7.82
CA ARG A 13 0.05 -8.12 7.32
C ARG A 13 0.64 -6.80 6.80
N ALA A 14 0.14 -6.34 5.66
CA ALA A 14 0.62 -5.10 5.07
C ALA A 14 -0.39 -3.97 5.27
N ARG A 15 0.09 -2.84 5.78
CA ARG A 15 -0.76 -1.68 6.02
C ARG A 15 -0.47 -0.57 5.04
N ILE A 16 -1.33 -0.42 4.04
CA ILE A 16 -1.16 0.61 3.02
C ILE A 16 -1.93 1.87 3.39
N TYR A 17 -1.31 3.03 3.14
CA TYR A 17 -1.95 4.31 3.45
C TYR A 17 -1.63 5.34 2.36
N LYS A 18 -2.64 6.12 2.00
CA LYS A 18 -2.49 7.15 0.98
C LYS A 18 -1.83 8.40 1.56
N PRO A 19 -1.14 9.15 0.70
CA PRO A 19 -0.45 10.39 1.11
C PRO A 19 -1.43 11.51 1.45
N ALA A 20 -0.88 12.66 1.83
CA ALA A 20 -1.70 13.81 2.19
C ALA A 20 -2.18 14.55 0.94
N LYS A 21 -3.15 15.45 1.13
CA LYS A 21 -3.70 16.22 0.01
C LYS A 21 -2.59 16.98 -0.71
N SER A 22 -1.57 17.39 0.03
CA SER A 22 -0.46 18.13 -0.55
C SER A 22 0.45 17.21 -1.34
N THR A 23 1.45 17.79 -2.01
CA THR A 23 2.38 17.02 -2.82
C THR A 23 3.77 17.66 -2.81
N MET A 24 4.77 16.89 -3.23
CA MET A 24 6.14 17.39 -3.27
C MET A 24 6.73 17.24 -4.67
N GLN A 25 8.01 17.57 -4.81
CA GLN A 25 8.68 17.47 -6.10
C GLN A 25 8.88 16.01 -6.50
N SER A 26 9.56 15.80 -7.63
CA SER A 26 9.82 14.46 -8.12
C SER A 26 10.98 14.45 -9.11
N GLY A 27 11.97 13.61 -8.83
CA GLY A 27 13.14 13.53 -9.70
C GLY A 27 13.22 12.20 -10.43
N HIS A 28 14.38 11.55 -10.36
CA HIS A 28 14.59 10.27 -11.02
C HIS A 28 14.58 9.14 -10.00
N SER A 29 15.10 9.41 -8.81
CA SER A 29 15.16 8.41 -7.75
C SER A 29 14.43 8.89 -6.50
N LYS A 30 14.30 8.01 -5.52
CA LYS A 30 13.62 8.34 -4.27
C LYS A 30 12.17 8.76 -4.53
N LEU A 31 11.55 8.14 -5.53
CA LEU A 31 10.17 8.45 -5.88
C LEU A 31 9.20 7.66 -5.01
N LYS A 32 8.53 8.36 -4.10
CA LYS A 32 7.57 7.73 -3.20
C LYS A 32 6.30 8.57 -3.07
N ALA A 33 5.15 7.91 -3.16
CA ALA A 33 3.87 8.61 -3.07
C ALA A 33 2.98 7.95 -2.01
N TRP A 34 2.92 6.62 -2.05
CA TRP A 34 2.09 5.87 -1.10
C TRP A 34 2.96 5.27 0.01
N LYS A 35 2.32 4.96 1.13
CA LYS A 35 3.03 4.38 2.27
C LYS A 35 2.56 2.96 2.53
N LEU A 36 3.51 2.04 2.70
CA LEU A 36 3.20 0.64 2.96
C LEU A 36 4.08 0.08 4.06
N GLU A 37 3.45 -0.44 5.11
CA GLU A 37 4.19 -1.01 6.23
C GLU A 37 3.72 -2.45 6.51
N PHE A 38 4.61 -3.40 6.29
CA PHE A 38 4.29 -4.81 6.52
C PHE A 38 4.98 -5.33 7.77
N GLU A 39 4.25 -6.14 8.54
CA GLU A 39 4.79 -6.71 9.77
C GLU A 39 6.07 -7.49 9.50
N PRO A 40 6.87 -7.70 10.56
CA PRO A 40 8.13 -8.44 10.46
C PRO A 40 7.90 -9.93 10.20
N SER A 41 9.00 -10.69 10.18
CA SER A 41 8.93 -12.12 9.94
C SER A 41 9.37 -12.91 11.17
N CYS A 42 10.25 -12.30 11.97
CA CYS A 42 10.76 -12.94 13.17
C CYS A 42 11.51 -14.22 12.84
N THR A 43 12.35 -14.16 11.81
CA THR A 43 13.12 -15.32 11.39
C THR A 43 14.61 -14.99 11.32
N GLN A 44 15.44 -16.04 11.28
CA GLN A 44 16.88 -15.86 11.21
C GLN A 44 17.28 -15.04 9.99
N TYR A 45 17.83 -13.85 10.23
CA TYR A 45 18.25 -12.97 9.15
C TYR A 45 19.64 -13.34 8.65
N THR A 46 19.74 -13.65 7.36
CA THR A 46 21.02 -14.02 6.76
C THR A 46 22.04 -12.91 6.92
N GLU A 47 23.32 -13.29 7.00
CA GLU A 47 24.39 -12.32 7.16
C GLU A 47 24.54 -11.47 5.91
N PRO A 48 25.21 -10.31 6.05
CA PRO A 48 25.44 -9.39 4.94
C PRO A 48 26.43 -9.94 3.92
N LEU A 49 26.68 -9.17 2.87
CA LEU A 49 27.60 -9.58 1.82
C LEU A 49 29.00 -9.01 2.07
N MET A 50 30.01 -9.68 1.53
CA MET A 50 31.39 -9.24 1.70
C MET A 50 31.59 -7.85 1.11
N ASN A 51 32.75 -7.26 1.38
CA ASN A 51 33.07 -5.93 0.87
C ASN A 51 33.38 -5.98 -0.62
N TRP A 52 32.35 -5.81 -1.44
CA TRP A 52 32.52 -5.84 -2.89
C TRP A 52 31.91 -4.59 -3.52
N THR A 53 30.65 -4.30 -3.18
CA THR A 53 29.97 -3.14 -3.72
C THR A 53 30.29 -1.88 -2.92
N GLY A 54 30.31 -2.02 -1.59
CA GLY A 54 30.61 -0.89 -0.74
C GLY A 54 30.78 -1.29 0.72
N SER A 55 29.72 -1.13 1.50
CA SER A 55 29.76 -1.48 2.92
C SER A 55 28.85 -2.68 3.21
N HIS A 56 28.82 -3.09 4.47
CA HIS A 56 27.99 -4.22 4.88
C HIS A 56 26.90 -3.78 5.85
N ASP A 57 27.20 -2.75 6.64
CA ASP A 57 26.24 -2.22 7.61
C ASP A 57 24.91 -1.90 6.94
N THR A 58 23.81 -2.18 7.63
CA THR A 58 22.48 -1.93 7.11
C THR A 58 21.51 -1.56 8.22
N LYS A 59 20.32 -1.11 7.84
CA LYS A 59 19.29 -0.74 8.80
C LYS A 59 17.96 -1.40 8.48
N GLN A 60 17.49 -2.27 9.38
CA GLN A 60 16.23 -2.96 9.17
C GLN A 60 15.05 -2.06 9.51
N GLN A 61 14.00 -2.13 8.70
CA GLN A 61 12.81 -1.32 8.90
C GLN A 61 11.55 -2.14 8.66
N VAL A 62 10.42 -1.63 9.16
CA VAL A 62 9.13 -2.31 8.99
C VAL A 62 8.21 -1.52 8.08
N CYS A 63 8.38 -0.20 8.06
CA CYS A 63 7.56 0.67 7.23
C CYS A 63 8.36 1.20 6.04
N LEU A 64 7.75 1.15 4.87
CA LEU A 64 8.40 1.62 3.65
C LEU A 64 7.43 2.44 2.80
N SER A 65 7.98 3.17 1.84
CA SER A 65 7.17 4.00 0.96
C SER A 65 7.29 3.55 -0.49
N PHE A 66 6.15 3.46 -1.18
CA PHE A 66 6.13 3.03 -2.57
C PHE A 66 5.74 4.18 -3.49
N THR A 67 6.11 4.06 -4.76
CA THR A 67 5.80 5.09 -5.74
C THR A 67 4.31 5.18 -6.00
N THR A 68 3.69 4.02 -6.25
CA THR A 68 2.25 3.97 -6.51
C THR A 68 1.58 2.90 -5.66
N ARG A 69 0.26 3.00 -5.53
CA ARG A 69 -0.50 2.04 -4.74
C ARG A 69 -0.29 0.62 -5.26
N GLU A 70 -0.39 0.45 -6.57
CA GLU A 70 -0.20 -0.85 -7.19
C GLU A 70 1.11 -1.49 -6.74
N LEU A 71 2.11 -0.66 -6.49
CA LEU A 71 3.43 -1.13 -6.06
C LEU A 71 3.32 -1.84 -4.72
N ALA A 72 2.49 -1.30 -3.83
CA ALA A 72 2.30 -1.89 -2.50
C ALA A 72 1.54 -3.21 -2.60
N ILE A 73 0.33 -3.15 -3.16
CA ILE A 73 -0.50 -4.33 -3.29
C ILE A 73 0.24 -5.44 -4.06
N ALA A 74 1.07 -5.04 -5.00
CA ALA A 74 1.84 -5.98 -5.80
C ALA A 74 2.85 -6.72 -4.94
N TYR A 75 3.29 -6.07 -3.86
CA TYR A 75 4.27 -6.66 -2.96
C TYR A 75 3.61 -7.69 -2.03
N ALA A 76 2.49 -7.30 -1.44
CA ALA A 76 1.76 -8.18 -0.54
C ALA A 76 1.18 -9.37 -1.28
N VAL A 77 0.37 -9.09 -2.31
CA VAL A 77 -0.25 -10.14 -3.11
C VAL A 77 0.79 -11.14 -3.60
N ALA A 78 1.99 -10.65 -3.89
CA ALA A 78 3.07 -11.49 -4.38
C ALA A 78 3.38 -12.60 -3.38
N HIS A 79 3.20 -12.32 -2.10
CA HIS A 79 3.46 -13.30 -1.05
C HIS A 79 2.17 -13.64 -0.29
N LYS A 80 1.03 -13.43 -0.96
CA LYS A 80 -0.26 -13.73 -0.35
C LYS A 80 -0.39 -13.07 1.02
N ILE A 81 -0.09 -11.78 1.08
CA ILE A 81 -0.17 -11.04 2.34
C ILE A 81 -1.42 -10.16 2.38
N ASP A 82 -2.06 -10.11 3.54
CA ASP A 82 -3.26 -9.31 3.72
C ASP A 82 -2.92 -7.82 3.71
N TYR A 83 -3.18 -7.16 2.59
CA TYR A 83 -2.91 -5.73 2.46
C TYR A 83 -4.18 -4.91 2.64
N THR A 84 -4.10 -3.88 3.48
CA THR A 84 -5.24 -3.02 3.75
C THR A 84 -4.99 -1.60 3.24
N VAL A 85 -5.90 -1.12 2.41
CA VAL A 85 -5.78 0.23 1.83
C VAL A 85 -6.45 1.26 2.74
N LEU A 86 -5.67 2.25 3.17
CA LEU A 86 -6.18 3.30 4.04
C LEU A 86 -6.30 4.62 3.28
N GLN A 87 -7.52 4.99 2.92
CA GLN A 87 -7.76 6.23 2.20
C GLN A 87 -8.61 7.19 3.03
N ASP A 88 -8.02 8.32 3.41
CA ASP A 88 -8.73 9.32 4.20
C ASP A 88 -9.93 9.87 3.44
N ASN A 89 -10.89 10.43 4.17
CA ASN A 89 -12.08 11.00 3.57
C ASN A 89 -12.75 9.99 2.64
N PRO A 90 -13.39 8.97 3.23
CA PRO A 90 -14.08 7.92 2.49
C PRO A 90 -15.34 8.43 1.80
N ARG A 91 -15.42 8.23 0.49
CA ARG A 91 -16.58 8.66 -0.29
C ARG A 91 -17.53 7.50 -0.57
N THR A 92 -18.81 7.73 -0.33
CA THR A 92 -19.82 6.70 -0.55
C THR A 92 -21.12 7.30 -1.07
N ILE A 93 -21.86 6.53 -1.86
CA ILE A 93 -23.13 6.99 -2.41
C ILE A 93 -24.22 5.93 -2.25
N VAL A 94 -25.39 6.37 -1.78
CA VAL A 94 -26.51 5.46 -1.59
C VAL A 94 -26.79 4.65 -2.84
N PRO A 95 -27.42 3.48 -2.66
CA PRO A 95 -27.76 2.58 -3.76
C PRO A 95 -28.86 3.15 -4.66
N LYS A 96 -28.59 3.21 -5.96
CA LYS A 96 -29.55 3.74 -6.92
C LYS A 96 -30.38 2.60 -7.52
N SER A 97 -31.66 2.88 -7.77
CA SER A 97 -32.55 1.89 -8.34
C SER A 97 -32.75 2.14 -9.84
N TYR A 98 -33.28 1.13 -10.53
CA TYR A 98 -33.53 1.24 -11.97
C TYR A 98 -34.64 0.31 -12.40
N ALA A 99 -35.72 0.88 -12.92
CA ALA A 99 -36.87 0.09 -13.38
C ALA A 99 -36.72 -0.27 -14.86
N ASP A 100 -37.71 -0.96 -15.39
CA ASP A 100 -37.71 -1.37 -16.79
C ASP A 100 -39.11 -1.34 -17.37
N ASN A 101 -39.22 -0.80 -18.59
CA ASN A 101 -40.51 -0.71 -19.26
C ASN A 101 -40.53 -1.55 -20.53
N PHE A 102 -40.62 -2.87 -20.37
CA PHE A 102 -40.64 -3.78 -21.50
C PHE A 102 -42.03 -4.35 -21.70
N THR A 103 -42.52 -4.29 -22.94
CA THR A 103 -43.84 -4.80 -23.29
C THR A 103 -43.75 -5.96 -24.26
N LYS A 104 -44.76 -6.82 -24.25
CA LYS A 104 -44.80 -7.97 -25.13
C LYS A 104 -44.86 -7.53 -26.60
N PRO A 105 -44.50 -8.44 -27.51
CA PRO A 105 -44.50 -8.17 -28.95
C PRO A 105 -45.91 -8.03 -29.50
N ARG A 106 -46.03 -7.37 -30.66
CA ARG A 106 -47.33 -7.17 -31.29
C ARG A 106 -47.46 -8.02 -32.55
N ASP A 107 -48.38 -8.97 -32.52
CA ASP A 107 -48.60 -9.84 -33.67
C ASP A 107 -49.97 -9.58 -34.31
N MET A 108 -51.02 -9.68 -33.50
CA MET A 108 -52.38 -9.44 -33.99
C MET A 108 -52.49 -8.06 -34.62
N MET A 5 -9.64 -15.52 19.77
CA MET A 5 -10.14 -16.43 18.75
C MET A 5 -9.33 -16.29 17.46
N GLN A 6 -8.09 -16.76 17.50
CA GLN A 6 -7.21 -16.69 16.34
C GLN A 6 -6.16 -17.80 16.39
N GLU A 7 -5.65 -18.17 15.21
CA GLU A 7 -4.63 -19.21 15.12
C GLU A 7 -3.47 -18.77 14.24
N GLN A 8 -2.31 -18.58 14.87
CA GLN A 8 -1.12 -18.16 14.14
C GLN A 8 -0.75 -19.17 13.05
N VAL A 9 -0.87 -18.73 11.80
CA VAL A 9 -0.56 -19.59 10.67
C VAL A 9 0.66 -19.08 9.91
N SER A 10 1.56 -18.39 10.62
CA SER A 10 2.76 -17.84 10.01
C SER A 10 2.40 -16.90 8.86
N ASN A 11 1.41 -16.06 9.08
CA ASN A 11 0.97 -15.12 8.05
C ASN A 11 1.20 -13.68 8.50
N VAL A 12 1.51 -12.81 7.55
CA VAL A 12 1.76 -11.40 7.84
C VAL A 12 0.66 -10.51 7.27
N ARG A 13 0.80 -9.20 7.47
CA ARG A 13 -0.18 -8.25 6.97
C ARG A 13 0.51 -6.97 6.49
N ALA A 14 0.00 -6.41 5.40
CA ALA A 14 0.56 -5.18 4.85
C ALA A 14 -0.38 -3.99 5.06
N ARG A 15 0.14 -2.95 5.68
CA ARG A 15 -0.66 -1.76 5.96
C ARG A 15 -0.37 -0.67 4.93
N ILE A 16 -1.29 -0.50 3.98
CA ILE A 16 -1.14 0.51 2.94
C ILE A 16 -1.88 1.78 3.30
N TYR A 17 -1.25 2.92 3.01
CA TYR A 17 -1.85 4.22 3.31
C TYR A 17 -1.58 5.21 2.18
N LYS A 18 -2.62 5.96 1.81
CA LYS A 18 -2.50 6.95 0.74
C LYS A 18 -1.93 8.26 1.27
N PRO A 19 -1.26 9.02 0.40
CA PRO A 19 -0.65 10.30 0.76
C PRO A 19 -1.70 11.37 1.04
N ALA A 20 -1.25 12.52 1.56
CA ALA A 20 -2.14 13.62 1.87
C ALA A 20 -2.45 14.45 0.63
N LYS A 21 -3.62 15.07 0.61
CA LYS A 21 -4.03 15.91 -0.52
C LYS A 21 -3.13 17.12 -0.66
N SER A 22 -2.68 17.65 0.47
CA SER A 22 -1.81 18.82 0.47
C SER A 22 -0.37 18.43 0.79
N THR A 23 0.43 18.27 -0.25
CA THR A 23 1.83 17.89 -0.09
C THR A 23 2.76 18.93 -0.71
N MET A 24 3.92 19.13 -0.10
CA MET A 24 4.89 20.09 -0.59
C MET A 24 6.21 19.40 -0.96
N GLN A 25 6.11 18.15 -1.41
CA GLN A 25 7.28 17.39 -1.78
C GLN A 25 7.09 16.72 -3.14
N SER A 26 8.14 16.71 -3.96
CA SER A 26 8.07 16.11 -5.29
C SER A 26 9.02 14.91 -5.39
N GLY A 27 10.17 15.04 -4.74
CA GLY A 27 11.15 13.97 -4.76
C GLY A 27 11.93 13.92 -6.07
N HIS A 28 13.16 14.42 -6.05
CA HIS A 28 14.00 14.43 -7.23
C HIS A 28 14.80 13.15 -7.35
N SER A 29 15.47 12.78 -6.26
CA SER A 29 16.28 11.56 -6.25
C SER A 29 15.57 10.45 -5.47
N LYS A 30 14.27 10.32 -5.69
CA LYS A 30 13.48 9.29 -5.02
C LYS A 30 12.06 9.25 -5.59
N LEU A 31 11.48 8.05 -5.60
CA LEU A 31 10.12 7.87 -6.11
C LEU A 31 9.24 7.17 -5.09
N LYS A 32 8.46 7.95 -4.34
CA LYS A 32 7.57 7.40 -3.34
C LYS A 32 6.39 8.33 -3.09
N ALA A 33 5.18 7.82 -3.34
CA ALA A 33 3.96 8.60 -3.14
C ALA A 33 3.05 7.95 -2.12
N TRP A 34 3.04 6.62 -2.09
CA TRP A 34 2.21 5.87 -1.16
C TRP A 34 3.05 5.32 -0.02
N LYS A 35 2.37 4.88 1.04
CA LYS A 35 3.05 4.31 2.20
C LYS A 35 2.64 2.86 2.42
N LEU A 36 3.56 2.07 2.98
CA LEU A 36 3.30 0.66 3.24
C LEU A 36 4.05 0.19 4.48
N GLU A 37 3.33 -0.47 5.39
CA GLU A 37 3.95 -0.98 6.61
C GLU A 37 3.57 -2.44 6.84
N PHE A 38 4.53 -3.33 6.62
CA PHE A 38 4.31 -4.76 6.79
C PHE A 38 4.64 -5.19 8.22
N GLU A 39 3.84 -6.11 8.75
CA GLU A 39 4.05 -6.61 10.12
C GLU A 39 5.46 -7.19 10.26
N PRO A 40 5.92 -7.30 11.51
CA PRO A 40 7.24 -7.85 11.83
C PRO A 40 7.32 -9.35 11.57
N SER A 41 6.18 -9.96 11.28
CA SER A 41 6.11 -11.39 11.02
C SER A 41 6.60 -12.19 12.23
N CYS A 42 6.48 -11.59 13.41
CA CYS A 42 6.90 -12.24 14.64
C CYS A 42 8.40 -12.52 14.63
N THR A 43 9.15 -11.65 13.95
CA THR A 43 10.60 -11.80 13.85
C THR A 43 11.26 -10.48 13.49
N GLN A 44 12.58 -10.41 13.71
CA GLN A 44 13.33 -9.20 13.39
C GLN A 44 14.37 -9.48 12.31
N TYR A 45 13.95 -10.18 11.26
CA TYR A 45 14.85 -10.52 10.16
C TYR A 45 14.79 -9.45 9.08
N THR A 46 15.49 -8.33 9.32
CA THR A 46 15.52 -7.23 8.36
C THR A 46 16.94 -6.76 8.11
N GLU A 47 17.37 -6.79 6.86
CA GLU A 47 18.72 -6.37 6.49
C GLU A 47 18.73 -5.78 5.07
N PRO A 48 18.14 -4.59 4.93
CA PRO A 48 18.07 -3.89 3.64
C PRO A 48 19.43 -3.37 3.20
N LEU A 49 19.46 -2.69 2.05
CA LEU A 49 20.70 -2.13 1.52
C LEU A 49 20.52 -0.67 1.16
N MET A 50 21.61 0.10 1.27
CA MET A 50 21.57 1.52 0.95
C MET A 50 22.96 2.02 0.56
N ASN A 51 23.02 3.22 -0.01
CA ASN A 51 24.28 3.80 -0.44
C ASN A 51 24.56 5.09 0.34
N TRP A 52 23.57 5.97 0.41
CA TRP A 52 23.71 7.23 1.12
C TRP A 52 23.94 7.00 2.61
N THR A 53 25.15 7.27 3.07
CA THR A 53 25.49 7.09 4.47
C THR A 53 24.56 7.88 5.38
N GLY A 54 24.09 7.25 6.44
CA GLY A 54 23.20 7.92 7.37
C GLY A 54 23.81 9.16 7.98
N SER A 55 22.97 10.10 8.40
CA SER A 55 23.44 11.35 9.00
C SER A 55 24.11 11.08 10.34
N HIS A 56 23.48 10.24 11.17
CA HIS A 56 24.02 9.91 12.47
C HIS A 56 24.35 8.42 12.56
N ASP A 57 24.64 7.82 11.41
CA ASP A 57 24.97 6.41 11.36
C ASP A 57 23.90 5.57 12.06
N THR A 58 22.66 6.02 11.99
CA THR A 58 21.56 5.32 12.62
C THR A 58 20.48 4.96 11.59
N LYS A 59 20.31 3.66 11.36
CA LYS A 59 19.32 3.18 10.40
C LYS A 59 18.26 2.34 11.09
N GLN A 60 17.27 3.00 11.66
CA GLN A 60 16.18 2.31 12.36
C GLN A 60 14.84 2.61 11.71
N GLN A 61 14.73 2.28 10.42
CA GLN A 61 13.49 2.51 9.67
C GLN A 61 12.64 1.25 9.66
N VAL A 62 11.34 1.42 9.96
CA VAL A 62 10.41 0.30 9.99
C VAL A 62 9.34 0.46 8.90
N CYS A 63 9.07 1.70 8.53
CA CYS A 63 8.07 1.99 7.51
C CYS A 63 8.67 1.88 6.11
N LEU A 64 7.87 1.37 5.17
CA LEU A 64 8.34 1.21 3.79
C LEU A 64 7.52 2.08 2.84
N SER A 65 8.21 2.92 2.08
CA SER A 65 7.55 3.81 1.13
C SER A 65 7.51 3.18 -0.26
N PHE A 66 6.46 3.51 -1.01
CA PHE A 66 6.30 2.98 -2.37
C PHE A 66 5.89 4.08 -3.34
N THR A 67 6.17 3.87 -4.61
CA THR A 67 5.83 4.85 -5.65
C THR A 67 4.32 5.07 -5.73
N THR A 68 3.58 3.97 -5.86
CA THR A 68 2.13 4.04 -5.95
C THR A 68 1.48 2.85 -5.24
N ARG A 69 0.15 2.86 -5.20
CA ARG A 69 -0.60 1.78 -4.55
C ARG A 69 -0.41 0.47 -5.29
N GLU A 70 -0.29 0.56 -6.62
CA GLU A 70 -0.11 -0.62 -7.45
C GLU A 70 1.01 -1.51 -6.90
N LEU A 71 2.15 -0.91 -6.60
CA LEU A 71 3.29 -1.64 -6.07
C LEU A 71 2.98 -2.19 -4.67
N ALA A 72 2.34 -1.37 -3.84
CA ALA A 72 1.99 -1.77 -2.49
C ALA A 72 1.18 -3.06 -2.50
N ILE A 73 0.15 -3.11 -3.33
CA ILE A 73 -0.70 -4.28 -3.43
C ILE A 73 -0.01 -5.40 -4.21
N ALA A 74 0.77 -5.00 -5.22
CA ALA A 74 1.49 -5.96 -6.04
C ALA A 74 2.55 -6.70 -5.23
N TYR A 75 3.03 -6.06 -4.17
CA TYR A 75 4.05 -6.64 -3.31
C TYR A 75 3.43 -7.61 -2.31
N ALA A 76 2.43 -7.13 -1.58
CA ALA A 76 1.75 -7.96 -0.58
C ALA A 76 1.18 -9.22 -1.22
N VAL A 77 0.50 -9.07 -2.34
CA VAL A 77 -0.09 -10.19 -3.04
C VAL A 77 0.97 -11.16 -3.53
N ALA A 78 2.15 -10.63 -3.85
CA ALA A 78 3.26 -11.45 -4.32
C ALA A 78 3.52 -12.62 -3.37
N HIS A 79 3.22 -12.41 -2.09
CA HIS A 79 3.43 -13.45 -1.08
C HIS A 79 2.11 -13.80 -0.39
N LYS A 80 1.01 -13.54 -1.07
CA LYS A 80 -0.32 -13.82 -0.52
C LYS A 80 -0.48 -13.19 0.86
N ILE A 81 -0.18 -11.90 0.95
CA ILE A 81 -0.29 -11.17 2.22
C ILE A 81 -1.53 -10.29 2.24
N ASP A 82 -2.22 -10.27 3.37
CA ASP A 82 -3.42 -9.47 3.51
C ASP A 82 -3.08 -7.98 3.59
N TYR A 83 -3.35 -7.27 2.49
CA TYR A 83 -3.06 -5.84 2.42
C TYR A 83 -4.33 -5.02 2.66
N THR A 84 -4.18 -3.91 3.39
CA THR A 84 -5.31 -3.04 3.70
C THR A 84 -5.04 -1.61 3.24
N VAL A 85 -5.91 -1.10 2.38
CA VAL A 85 -5.76 0.27 1.87
C VAL A 85 -6.41 1.28 2.81
N LEU A 86 -5.63 2.25 3.25
CA LEU A 86 -6.13 3.29 4.15
C LEU A 86 -6.24 4.63 3.44
N GLN A 87 -7.45 5.18 3.40
CA GLN A 87 -7.68 6.45 2.75
C GLN A 87 -8.43 7.41 3.67
N ASP A 88 -8.16 8.71 3.53
CA ASP A 88 -8.80 9.72 4.36
C ASP A 88 -9.84 10.50 3.55
N ASN A 89 -10.64 9.77 2.78
CA ASN A 89 -11.68 10.39 1.96
C ASN A 89 -12.58 9.33 1.34
N PRO A 90 -13.41 8.68 2.17
CA PRO A 90 -14.33 7.63 1.73
C PRO A 90 -15.47 8.20 0.88
N ARG A 91 -15.71 7.57 -0.26
CA ARG A 91 -16.77 8.02 -1.16
C ARG A 91 -17.77 6.89 -1.42
N THR A 92 -19.06 7.22 -1.31
CA THR A 92 -20.12 6.23 -1.52
C THR A 92 -20.45 6.10 -3.00
N ILE A 93 -20.69 4.86 -3.43
CA ILE A 93 -21.03 4.60 -4.83
C ILE A 93 -22.53 4.69 -5.06
N VAL A 94 -22.92 5.26 -6.19
CA VAL A 94 -24.33 5.41 -6.53
C VAL A 94 -24.68 4.63 -7.80
N PRO A 95 -24.82 3.30 -7.66
CA PRO A 95 -25.15 2.42 -8.78
C PRO A 95 -26.58 2.63 -9.27
N LYS A 96 -26.88 2.05 -10.44
CA LYS A 96 -28.22 2.16 -11.02
C LYS A 96 -28.79 0.79 -11.33
N SER A 97 -30.02 0.55 -10.90
CA SER A 97 -30.69 -0.73 -11.13
C SER A 97 -31.85 -0.56 -12.12
N TYR A 98 -32.42 -1.69 -12.52
CA TYR A 98 -33.54 -1.67 -13.46
C TYR A 98 -34.18 -3.06 -13.58
N ALA A 99 -35.44 -3.15 -13.18
CA ALA A 99 -36.17 -4.41 -13.23
C ALA A 99 -37.23 -4.37 -14.32
N ASP A 100 -38.01 -5.46 -14.41
CA ASP A 100 -39.07 -5.55 -15.41
C ASP A 100 -38.50 -5.44 -16.83
N ASN A 101 -37.25 -5.90 -16.99
CA ASN A 101 -36.59 -5.86 -18.28
C ASN A 101 -36.95 -7.07 -19.12
N PHE A 102 -37.23 -6.85 -20.40
CA PHE A 102 -37.58 -7.93 -21.31
C PHE A 102 -36.79 -7.84 -22.61
N THR A 103 -36.28 -8.98 -23.08
CA THR A 103 -35.51 -9.01 -24.31
C THR A 103 -36.35 -9.55 -25.46
N LYS A 104 -35.84 -9.38 -26.68
CA LYS A 104 -36.54 -9.86 -27.88
C LYS A 104 -35.62 -9.84 -29.09
N PRO A 105 -34.64 -10.75 -29.11
CA PRO A 105 -33.68 -10.85 -30.21
C PRO A 105 -34.32 -11.38 -31.49
N ARG A 106 -35.21 -12.35 -31.35
CA ARG A 106 -35.89 -12.93 -32.50
C ARG A 106 -34.89 -13.39 -33.55
N ASP A 107 -33.89 -14.15 -33.12
CA ASP A 107 -32.86 -14.64 -34.03
C ASP A 107 -33.39 -15.83 -34.84
N MET A 108 -33.17 -15.79 -36.15
CA MET A 108 -33.61 -16.85 -37.04
C MET A 108 -32.79 -18.11 -36.83
N MET A 5 -18.12 -11.19 7.09
CA MET A 5 -17.26 -10.60 6.07
C MET A 5 -15.83 -10.50 6.57
N GLN A 6 -15.43 -11.43 7.43
CA GLN A 6 -14.09 -11.44 7.98
C GLN A 6 -13.37 -12.74 7.63
N GLU A 7 -12.09 -12.62 7.29
CA GLU A 7 -11.28 -13.79 6.93
C GLU A 7 -10.13 -13.98 7.92
N GLN A 8 -10.14 -15.13 8.61
CA GLN A 8 -9.10 -15.43 9.58
C GLN A 8 -7.77 -15.70 8.89
N VAL A 9 -6.74 -14.96 9.29
CA VAL A 9 -5.42 -15.12 8.71
C VAL A 9 -4.34 -15.14 9.79
N SER A 10 -3.44 -16.12 9.71
CA SER A 10 -2.36 -16.26 10.68
C SER A 10 -1.09 -15.58 10.18
N ASN A 11 -0.92 -15.54 8.86
CA ASN A 11 0.25 -14.93 8.25
C ASN A 11 0.28 -13.43 8.52
N VAL A 12 1.39 -12.80 8.16
CA VAL A 12 1.54 -11.36 8.36
C VAL A 12 0.49 -10.58 7.57
N ARG A 13 0.53 -9.26 7.68
CA ARG A 13 -0.41 -8.40 6.96
C ARG A 13 0.27 -7.14 6.46
N ALA A 14 -0.22 -6.61 5.34
CA ALA A 14 0.35 -5.41 4.74
C ALA A 14 -0.53 -4.19 5.05
N ARG A 15 0.07 -3.16 5.62
CA ARG A 15 -0.64 -1.94 5.96
C ARG A 15 -0.32 -0.82 4.98
N ILE A 16 -1.23 -0.57 4.05
CA ILE A 16 -1.03 0.47 3.06
C ILE A 16 -1.75 1.76 3.46
N TYR A 17 -1.07 2.89 3.29
CA TYR A 17 -1.65 4.19 3.64
C TYR A 17 -1.69 5.10 2.43
N LYS A 18 -2.71 5.97 2.37
CA LYS A 18 -2.86 6.90 1.26
C LYS A 18 -1.79 7.98 1.32
N PRO A 19 -1.46 8.54 0.14
CA PRO A 19 -0.46 9.60 0.03
C PRO A 19 -0.92 10.92 0.64
N ALA A 20 -2.22 11.17 0.57
CA ALA A 20 -2.80 12.39 1.11
C ALA A 20 -2.90 12.32 2.63
N LYS A 21 -2.92 13.48 3.27
CA LYS A 21 -3.01 13.55 4.73
C LYS A 21 -4.08 14.55 5.15
N SER A 22 -4.14 15.68 4.46
CA SER A 22 -5.12 16.72 4.77
C SER A 22 -5.92 17.10 3.53
N THR A 23 -6.34 16.10 2.77
CA THR A 23 -7.11 16.32 1.55
C THR A 23 -6.44 17.37 0.66
N MET A 24 -5.12 17.28 0.53
CA MET A 24 -4.37 18.21 -0.30
C MET A 24 -4.35 17.76 -1.75
N GLN A 25 -3.56 16.73 -2.04
CA GLN A 25 -3.46 16.21 -3.39
C GLN A 25 -3.84 14.73 -3.44
N SER A 26 -3.69 14.12 -4.61
CA SER A 26 -4.02 12.71 -4.79
C SER A 26 -2.77 11.88 -5.09
N GLY A 27 -2.27 12.01 -6.31
CA GLY A 27 -1.07 11.27 -6.70
C GLY A 27 -0.68 11.53 -8.14
N HIS A 28 0.62 11.55 -8.40
CA HIS A 28 1.12 11.79 -9.75
C HIS A 28 2.51 11.19 -9.92
N SER A 29 3.11 11.42 -11.09
CA SER A 29 4.44 10.88 -11.38
C SER A 29 5.49 11.53 -10.48
N LYS A 30 5.74 10.91 -9.34
CA LYS A 30 6.72 11.43 -8.38
C LYS A 30 7.30 10.30 -7.53
N LEU A 31 8.15 10.66 -6.58
CA LEU A 31 8.76 9.68 -5.69
C LEU A 31 7.71 8.92 -4.90
N LYS A 32 8.15 8.16 -3.91
CA LYS A 32 7.25 7.39 -3.07
C LYS A 32 6.13 8.26 -2.52
N ALA A 33 4.90 7.97 -2.92
CA ALA A 33 3.74 8.73 -2.47
C ALA A 33 2.89 7.91 -1.51
N TRP A 34 2.77 6.62 -1.78
CA TRP A 34 1.99 5.73 -0.94
C TRP A 34 2.83 5.17 0.20
N LYS A 35 2.18 4.84 1.30
CA LYS A 35 2.86 4.30 2.47
C LYS A 35 2.55 2.81 2.64
N LEU A 36 3.53 2.07 3.16
CA LEU A 36 3.35 0.63 3.37
C LEU A 36 4.07 0.18 4.64
N GLU A 37 3.43 -0.70 5.39
CA GLU A 37 4.01 -1.22 6.64
C GLU A 37 3.51 -2.62 6.94
N PHE A 38 4.39 -3.61 6.78
CA PHE A 38 4.03 -5.00 7.04
C PHE A 38 4.26 -5.36 8.51
N GLU A 39 3.31 -6.09 9.08
CA GLU A 39 3.41 -6.50 10.47
C GLU A 39 4.41 -7.65 10.63
N PRO A 40 4.89 -7.84 11.87
CA PRO A 40 5.85 -8.90 12.19
C PRO A 40 5.24 -10.29 12.11
N SER A 41 5.99 -11.30 12.55
CA SER A 41 5.52 -12.67 12.52
C SER A 41 5.76 -13.36 13.86
N CYS A 42 5.17 -14.53 14.03
CA CYS A 42 5.32 -15.29 15.27
C CYS A 42 6.12 -16.56 15.04
N THR A 43 7.07 -16.50 14.11
CA THR A 43 7.90 -17.65 13.78
C THR A 43 9.29 -17.50 14.40
N GLN A 44 9.71 -16.27 14.65
CA GLN A 44 11.00 -16.00 15.23
C GLN A 44 12.12 -16.57 14.36
N TYR A 45 11.93 -16.52 13.05
CA TYR A 45 12.92 -17.04 12.11
C TYR A 45 14.14 -16.13 12.05
N THR A 46 15.31 -16.69 12.37
CA THR A 46 16.55 -15.93 12.35
C THR A 46 17.17 -15.91 10.96
N GLU A 47 18.32 -15.26 10.83
CA GLU A 47 19.00 -15.16 9.55
C GLU A 47 20.50 -14.99 9.74
N PRO A 48 21.17 -16.07 10.18
CA PRO A 48 22.63 -16.06 10.42
C PRO A 48 23.42 -15.95 9.12
N LEU A 49 24.33 -14.97 9.07
CA LEU A 49 25.16 -14.77 7.89
C LEU A 49 26.64 -14.74 8.26
N MET A 50 27.50 -14.75 7.25
CA MET A 50 28.94 -14.72 7.48
C MET A 50 29.61 -13.69 6.57
N ASN A 51 29.14 -12.45 6.66
CA ASN A 51 29.70 -11.37 5.84
C ASN A 51 30.11 -10.19 6.71
N TRP A 52 29.20 -9.75 7.58
CA TRP A 52 29.47 -8.62 8.46
C TRP A 52 28.32 -8.42 9.44
N THR A 53 28.65 -8.26 10.71
CA THR A 53 27.64 -8.06 11.75
C THR A 53 27.51 -6.58 12.10
N GLY A 54 26.37 -6.21 12.69
CA GLY A 54 26.14 -4.83 13.06
C GLY A 54 24.69 -4.43 12.97
N SER A 55 23.95 -5.11 12.09
CA SER A 55 22.53 -4.82 11.90
C SER A 55 21.67 -5.69 12.82
N HIS A 56 21.98 -5.67 14.10
CA HIS A 56 21.24 -6.45 15.08
C HIS A 56 20.23 -5.57 15.83
N ASP A 57 20.54 -4.29 15.94
CA ASP A 57 19.67 -3.35 16.63
C ASP A 57 18.31 -3.27 15.94
N THR A 58 18.31 -3.45 14.63
CA THR A 58 17.08 -3.40 13.85
C THR A 58 16.41 -4.76 13.79
N LYS A 59 15.12 -4.81 14.11
CA LYS A 59 14.36 -6.05 14.08
C LYS A 59 13.23 -5.98 13.07
N GLN A 60 13.54 -5.49 11.87
CA GLN A 60 12.56 -5.37 10.81
C GLN A 60 11.40 -4.47 11.24
N GLN A 61 11.72 -3.39 11.93
CA GLN A 61 10.72 -2.44 12.40
C GLN A 61 10.81 -1.12 11.64
N VAL A 62 11.08 -1.20 10.35
CA VAL A 62 11.20 -0.01 9.52
C VAL A 62 9.97 0.18 8.64
N CYS A 63 9.69 1.42 8.28
CA CYS A 63 8.53 1.74 7.44
C CYS A 63 8.89 1.65 5.97
N LEU A 64 7.89 1.40 5.13
CA LEU A 64 8.11 1.29 3.69
C LEU A 64 7.31 2.36 2.94
N SER A 65 7.76 2.68 1.73
CA SER A 65 7.09 3.69 0.92
C SER A 65 7.12 3.30 -0.56
N PHE A 66 5.96 3.36 -1.20
CA PHE A 66 5.86 3.02 -2.62
C PHE A 66 5.42 4.22 -3.44
N THR A 67 5.67 4.15 -4.75
CA THR A 67 5.31 5.24 -5.65
C THR A 67 3.82 5.20 -5.99
N THR A 68 3.37 4.08 -6.52
CA THR A 68 1.97 3.91 -6.89
C THR A 68 1.32 2.79 -6.08
N ARG A 69 0.01 2.90 -5.89
CA ARG A 69 -0.74 1.89 -5.14
C ARG A 69 -0.45 0.49 -5.67
N GLU A 70 -0.54 0.34 -6.99
CA GLU A 70 -0.29 -0.96 -7.63
C GLU A 70 1.04 -1.53 -7.16
N LEU A 71 2.00 -0.66 -6.84
CA LEU A 71 3.31 -1.10 -6.39
C LEU A 71 3.23 -1.72 -5.00
N ALA A 72 2.44 -1.10 -4.12
CA ALA A 72 2.27 -1.59 -2.76
C ALA A 72 1.60 -2.96 -2.76
N ILE A 73 0.37 -3.02 -3.25
CA ILE A 73 -0.38 -4.27 -3.31
C ILE A 73 0.42 -5.36 -4.01
N ALA A 74 1.20 -4.96 -5.01
CA ALA A 74 2.01 -5.91 -5.77
C ALA A 74 2.98 -6.65 -4.84
N TYR A 75 3.30 -6.04 -3.72
CA TYR A 75 4.22 -6.65 -2.75
C TYR A 75 3.50 -7.70 -1.91
N ALA A 76 2.48 -7.26 -1.19
CA ALA A 76 1.70 -8.17 -0.34
C ALA A 76 1.19 -9.36 -1.14
N VAL A 77 0.54 -9.09 -2.26
CA VAL A 77 -0.01 -10.14 -3.11
C VAL A 77 1.08 -11.11 -3.53
N ALA A 78 2.30 -10.60 -3.69
CA ALA A 78 3.43 -11.43 -4.10
C ALA A 78 3.56 -12.65 -3.19
N HIS A 79 3.15 -12.50 -1.94
CA HIS A 79 3.22 -13.60 -0.98
C HIS A 79 1.85 -13.90 -0.39
N LYS A 80 0.80 -13.55 -1.13
CA LYS A 80 -0.57 -13.78 -0.69
C LYS A 80 -0.79 -13.22 0.71
N ILE A 81 -0.46 -11.94 0.88
CA ILE A 81 -0.62 -11.28 2.18
C ILE A 81 -1.81 -10.32 2.16
N ASP A 82 -2.52 -10.25 3.28
CA ASP A 82 -3.68 -9.37 3.40
C ASP A 82 -3.25 -7.90 3.44
N TYR A 83 -3.52 -7.17 2.36
CA TYR A 83 -3.15 -5.77 2.27
C TYR A 83 -4.38 -4.88 2.46
N THR A 84 -4.22 -3.82 3.26
CA THR A 84 -5.32 -2.89 3.53
C THR A 84 -4.90 -1.46 3.22
N VAL A 85 -5.64 -0.81 2.32
CA VAL A 85 -5.34 0.57 1.93
C VAL A 85 -6.19 1.54 2.73
N LEU A 86 -5.54 2.50 3.36
CA LEU A 86 -6.24 3.51 4.15
C LEU A 86 -6.35 4.83 3.39
N GLN A 87 -7.58 5.23 3.09
CA GLN A 87 -7.82 6.47 2.36
C GLN A 87 -8.53 7.49 3.25
N ASP A 88 -8.53 8.75 2.81
CA ASP A 88 -9.17 9.82 3.57
C ASP A 88 -10.61 9.44 3.93
N ASN A 89 -11.11 10.02 5.01
CA ASN A 89 -12.47 9.74 5.46
C ASN A 89 -13.49 10.12 4.38
N PRO A 90 -14.70 9.55 4.50
CA PRO A 90 -15.78 9.80 3.53
C PRO A 90 -16.32 11.23 3.63
N ARG A 91 -17.23 11.58 2.73
CA ARG A 91 -17.82 12.90 2.72
C ARG A 91 -19.23 12.88 3.31
N THR A 92 -19.82 14.06 3.48
CA THR A 92 -21.15 14.19 4.04
C THR A 92 -21.98 15.21 3.28
N ILE A 93 -23.26 14.89 3.08
CA ILE A 93 -24.16 15.79 2.37
C ILE A 93 -23.57 16.20 1.02
N VAL A 94 -22.89 15.27 0.36
CA VAL A 94 -22.28 15.53 -0.94
C VAL A 94 -23.29 16.13 -1.90
N PRO A 95 -22.79 16.85 -2.91
CA PRO A 95 -23.63 17.50 -3.92
C PRO A 95 -24.28 16.48 -4.85
N LYS A 96 -25.60 16.35 -4.74
CA LYS A 96 -26.35 15.41 -5.58
C LYS A 96 -27.77 15.91 -5.82
N SER A 97 -28.26 15.75 -7.05
CA SER A 97 -29.60 16.18 -7.40
C SER A 97 -29.94 15.79 -8.84
N TYR A 98 -31.20 15.45 -9.07
CA TYR A 98 -31.65 15.05 -10.40
C TYR A 98 -33.18 14.95 -10.45
N ALA A 99 -33.79 15.67 -11.38
CA ALA A 99 -35.23 15.66 -11.54
C ALA A 99 -35.63 14.95 -12.82
N ASP A 100 -36.13 13.72 -12.67
CA ASP A 100 -36.56 12.93 -13.82
C ASP A 100 -38.08 12.82 -13.87
N ASN A 101 -38.69 13.49 -14.84
CA ASN A 101 -40.14 13.46 -14.99
C ASN A 101 -40.54 13.55 -16.46
N PHE A 102 -41.32 12.57 -16.91
CA PHE A 102 -41.77 12.53 -18.29
C PHE A 102 -43.13 11.86 -18.41
N THR A 103 -44.00 12.43 -19.24
CA THR A 103 -45.34 11.89 -19.44
C THR A 103 -46.09 12.64 -20.53
N LYS A 104 -46.71 11.90 -21.43
CA LYS A 104 -47.47 12.50 -22.53
C LYS A 104 -48.66 11.64 -22.91
N PRO A 105 -49.67 12.26 -23.54
CA PRO A 105 -50.89 11.57 -23.97
C PRO A 105 -50.63 10.60 -25.12
N ARG A 106 -51.70 10.05 -25.67
CA ARG A 106 -51.59 9.11 -26.78
C ARG A 106 -52.60 9.43 -27.87
N ASP A 107 -52.92 10.72 -28.02
CA ASP A 107 -53.88 11.16 -29.02
C ASP A 107 -53.34 12.37 -29.78
N MET A 108 -53.13 12.21 -31.08
CA MET A 108 -52.62 13.29 -31.91
C MET A 108 -53.61 14.45 -31.97
N MET A 5 -12.59 -23.81 16.30
CA MET A 5 -12.59 -22.51 15.66
C MET A 5 -11.20 -21.89 15.65
N GLN A 6 -10.18 -22.75 15.60
CA GLN A 6 -8.79 -22.29 15.59
C GLN A 6 -8.34 -21.97 14.16
N GLU A 7 -7.71 -20.81 14.00
CA GLU A 7 -7.22 -20.39 12.70
C GLU A 7 -5.74 -20.71 12.53
N GLN A 8 -5.36 -21.14 11.33
CA GLN A 8 -3.98 -21.50 11.05
C GLN A 8 -3.38 -20.55 10.01
N VAL A 9 -2.97 -19.37 10.46
CA VAL A 9 -2.38 -18.37 9.57
C VAL A 9 -0.94 -18.06 9.97
N SER A 10 0.00 -18.43 9.12
CA SER A 10 1.42 -18.19 9.38
C SER A 10 1.98 -17.14 8.42
N ASN A 11 1.43 -15.93 8.50
CA ASN A 11 1.88 -14.83 7.66
C ASN A 11 1.75 -13.50 8.38
N VAL A 12 2.11 -12.42 7.68
CA VAL A 12 2.03 -11.08 8.25
C VAL A 12 0.96 -10.25 7.56
N ARG A 13 0.76 -9.03 8.06
CA ARG A 13 -0.25 -8.14 7.49
C ARG A 13 0.40 -6.86 6.98
N ALA A 14 -0.07 -6.37 5.84
CA ALA A 14 0.46 -5.14 5.25
C ALA A 14 -0.52 -3.98 5.40
N ARG A 15 -0.03 -2.88 5.95
CA ARG A 15 -0.88 -1.70 6.16
C ARG A 15 -0.53 -0.61 5.14
N ILE A 16 -1.38 -0.46 4.13
CA ILE A 16 -1.17 0.55 3.11
C ILE A 16 -1.92 1.83 3.42
N TYR A 17 -1.20 2.95 3.44
CA TYR A 17 -1.80 4.25 3.74
C TYR A 17 -1.63 5.21 2.56
N LYS A 18 -2.67 5.99 2.30
CA LYS A 18 -2.64 6.96 1.21
C LYS A 18 -2.56 8.38 1.73
N PRO A 19 -1.32 8.87 1.93
CA PRO A 19 -1.08 10.22 2.42
C PRO A 19 -1.45 11.30 1.42
N ALA A 20 -1.61 12.53 1.89
CA ALA A 20 -1.95 13.64 1.02
C ALA A 20 -0.77 14.06 0.15
N LYS A 21 -1.07 14.63 -1.01
CA LYS A 21 -0.04 15.08 -1.94
C LYS A 21 0.38 16.52 -1.64
N SER A 22 -0.54 17.28 -1.04
CA SER A 22 -0.27 18.67 -0.71
C SER A 22 0.95 18.79 0.20
N THR A 23 1.38 20.02 0.45
CA THR A 23 2.54 20.27 1.31
C THR A 23 3.80 19.68 0.70
N MET A 24 3.97 19.88 -0.60
CA MET A 24 5.15 19.37 -1.30
C MET A 24 5.62 20.35 -2.37
N GLN A 25 6.92 20.34 -2.65
CA GLN A 25 7.48 21.23 -3.66
C GLN A 25 7.13 20.76 -5.06
N SER A 26 6.97 21.71 -5.98
CA SER A 26 6.63 21.40 -7.36
C SER A 26 7.86 21.50 -8.26
N GLY A 27 7.83 20.78 -9.38
CA GLY A 27 8.93 20.80 -10.31
C GLY A 27 9.71 19.50 -10.33
N HIS A 28 10.20 19.09 -9.17
CA HIS A 28 10.97 17.86 -9.05
C HIS A 28 10.44 16.99 -7.91
N SER A 29 9.19 16.55 -8.05
CA SER A 29 8.56 15.71 -7.03
C SER A 29 8.60 14.24 -7.42
N LYS A 30 9.79 13.75 -7.76
CA LYS A 30 9.96 12.37 -8.16
C LYS A 30 10.29 11.49 -6.95
N LEU A 31 9.36 11.41 -6.01
CA LEU A 31 9.56 10.60 -4.81
C LEU A 31 8.34 9.73 -4.54
N LYS A 32 8.44 8.88 -3.52
CA LYS A 32 7.35 7.98 -3.16
C LYS A 32 6.05 8.77 -2.96
N ALA A 33 4.94 8.04 -2.93
CA ALA A 33 3.63 8.66 -2.75
C ALA A 33 2.76 7.85 -1.80
N TRP A 34 2.78 6.53 -1.97
CA TRP A 34 1.99 5.64 -1.13
C TRP A 34 2.85 5.06 0.00
N LYS A 35 2.20 4.74 1.12
CA LYS A 35 2.91 4.17 2.27
C LYS A 35 2.49 2.72 2.50
N LEU A 36 3.42 1.92 3.02
CA LEU A 36 3.15 0.52 3.29
C LEU A 36 3.98 0.03 4.46
N GLU A 37 3.32 -0.60 5.43
CA GLU A 37 4.00 -1.13 6.61
C GLU A 37 3.56 -2.57 6.90
N PHE A 38 4.49 -3.49 6.79
CA PHE A 38 4.21 -4.90 7.03
C PHE A 38 4.66 -5.31 8.43
N GLU A 39 3.86 -6.15 9.08
CA GLU A 39 4.17 -6.61 10.42
C GLU A 39 5.52 -7.32 10.46
N PRO A 40 6.11 -7.42 11.66
CA PRO A 40 7.41 -8.07 11.86
C PRO A 40 7.34 -9.58 11.65
N SER A 41 8.49 -10.25 11.77
CA SER A 41 8.56 -11.68 11.59
C SER A 41 9.69 -12.28 12.43
N CYS A 42 9.33 -13.15 13.37
CA CYS A 42 10.31 -13.80 14.23
C CYS A 42 11.27 -14.66 13.42
N THR A 43 10.73 -15.32 12.39
CA THR A 43 11.53 -16.19 11.55
C THR A 43 11.99 -15.46 10.28
N GLN A 44 12.44 -14.23 10.45
CA GLN A 44 12.90 -13.42 9.33
C GLN A 44 14.03 -14.13 8.58
N TYR A 45 13.78 -14.46 7.31
CA TYR A 45 14.77 -15.14 6.49
C TYR A 45 15.44 -14.16 5.53
N THR A 46 16.74 -14.35 5.33
CA THR A 46 17.51 -13.48 4.44
C THR A 46 17.00 -13.59 3.00
N GLU A 47 16.82 -12.45 2.35
CA GLU A 47 16.34 -12.42 0.98
C GLU A 47 17.46 -11.98 0.03
N PRO A 48 17.29 -12.30 -1.27
CA PRO A 48 18.26 -11.95 -2.30
C PRO A 48 18.31 -10.45 -2.58
N LEU A 49 19.51 -9.94 -2.85
CA LEU A 49 19.69 -8.52 -3.12
C LEU A 49 18.80 -8.07 -4.28
N MET A 50 18.37 -6.81 -4.24
CA MET A 50 17.52 -6.25 -5.29
C MET A 50 17.36 -4.75 -5.11
N ASN A 51 17.51 -4.01 -6.20
CA ASN A 51 17.37 -2.56 -6.17
C ASN A 51 18.29 -1.95 -5.11
N TRP A 52 19.46 -2.54 -4.95
CA TRP A 52 20.43 -2.06 -3.96
C TRP A 52 21.16 -0.83 -4.48
N THR A 53 21.40 -0.79 -5.79
CA THR A 53 22.09 0.34 -6.40
C THR A 53 21.11 1.45 -6.78
N GLY A 54 21.11 2.52 -5.99
CA GLY A 54 20.21 3.63 -6.25
C GLY A 54 20.16 4.62 -5.11
N SER A 55 19.15 5.47 -5.11
CA SER A 55 18.99 6.47 -4.06
C SER A 55 17.91 6.06 -3.07
N HIS A 56 18.32 5.82 -1.83
CA HIS A 56 17.39 5.41 -0.79
C HIS A 56 17.49 6.35 0.42
N ASP A 57 16.36 6.62 1.05
CA ASP A 57 16.31 7.50 2.20
C ASP A 57 15.54 6.86 3.35
N THR A 58 16.22 5.99 4.10
CA THR A 58 15.60 5.30 5.22
C THR A 58 16.63 4.52 6.03
N LYS A 59 16.61 4.71 7.34
CA LYS A 59 17.54 4.03 8.24
C LYS A 59 16.84 2.94 9.05
N GLN A 60 15.97 2.19 8.38
CA GLN A 60 15.23 1.12 9.04
C GLN A 60 14.72 0.10 8.01
N GLN A 61 14.17 -1.01 8.51
CA GLN A 61 13.66 -2.06 7.64
C GLN A 61 12.25 -2.47 8.06
N VAL A 62 11.53 -1.53 8.66
CA VAL A 62 10.17 -1.80 9.11
C VAL A 62 9.15 -1.09 8.24
N CYS A 63 9.34 0.22 8.06
CA CYS A 63 8.43 1.01 7.24
C CYS A 63 8.82 0.95 5.77
N LEU A 64 7.82 0.91 4.89
CA LEU A 64 8.06 0.85 3.46
C LEU A 64 7.30 1.95 2.72
N SER A 65 7.90 2.46 1.65
CA SER A 65 7.28 3.52 0.87
C SER A 65 7.21 3.13 -0.61
N PHE A 66 6.01 3.22 -1.18
CA PHE A 66 5.81 2.88 -2.58
C PHE A 66 5.50 4.13 -3.41
N THR A 67 5.72 4.04 -4.72
CA THR A 67 5.47 5.15 -5.61
C THR A 67 4.00 5.20 -6.03
N THR A 68 3.48 4.05 -6.45
CA THR A 68 2.08 3.96 -6.88
C THR A 68 1.32 2.93 -6.05
N ARG A 69 -0.01 3.03 -6.07
CA ARG A 69 -0.85 2.11 -5.32
C ARG A 69 -0.54 0.66 -5.70
N GLU A 70 -0.63 0.36 -6.99
CA GLU A 70 -0.36 -0.99 -7.47
C GLU A 70 0.99 -1.48 -6.98
N LEU A 71 1.95 -0.58 -6.90
CA LEU A 71 3.29 -0.92 -6.44
C LEU A 71 3.25 -1.53 -5.04
N ALA A 72 2.44 -0.95 -4.18
CA ALA A 72 2.30 -1.44 -2.80
C ALA A 72 1.68 -2.84 -2.79
N ILE A 73 0.44 -2.94 -3.23
CA ILE A 73 -0.26 -4.21 -3.27
C ILE A 73 0.57 -5.28 -3.99
N ALA A 74 1.30 -4.86 -5.02
CA ALA A 74 2.13 -5.77 -5.78
C ALA A 74 3.10 -6.51 -4.88
N TYR A 75 3.46 -5.90 -3.76
CA TYR A 75 4.38 -6.50 -2.81
C TYR A 75 3.67 -7.54 -1.95
N ALA A 76 2.58 -7.14 -1.31
CA ALA A 76 1.81 -8.03 -0.46
C ALA A 76 1.33 -9.25 -1.24
N VAL A 77 0.64 -9.01 -2.34
CA VAL A 77 0.12 -10.09 -3.18
C VAL A 77 1.22 -11.07 -3.54
N ALA A 78 2.44 -10.56 -3.70
CA ALA A 78 3.59 -11.40 -4.04
C ALA A 78 3.70 -12.59 -3.10
N HIS A 79 3.26 -12.40 -1.87
CA HIS A 79 3.31 -13.46 -0.86
C HIS A 79 1.93 -13.68 -0.23
N LYS A 80 0.89 -13.33 -0.97
CA LYS A 80 -0.47 -13.50 -0.49
C LYS A 80 -0.65 -12.87 0.88
N ILE A 81 -0.15 -11.65 1.04
CA ILE A 81 -0.26 -10.94 2.30
C ILE A 81 -1.51 -10.05 2.34
N ASP A 82 -2.16 -10.01 3.49
CA ASP A 82 -3.36 -9.20 3.66
C ASP A 82 -3.03 -7.72 3.67
N TYR A 83 -3.25 -7.05 2.55
CA TYR A 83 -2.97 -5.63 2.42
C TYR A 83 -4.24 -4.80 2.59
N THR A 84 -4.18 -3.79 3.45
CA THR A 84 -5.32 -2.93 3.70
C THR A 84 -5.05 -1.51 3.22
N VAL A 85 -5.94 -1.00 2.35
CA VAL A 85 -5.80 0.34 1.82
C VAL A 85 -6.53 1.36 2.69
N LEU A 86 -5.78 2.35 3.17
CA LEU A 86 -6.35 3.38 4.02
C LEU A 86 -6.41 4.72 3.29
N GLN A 87 -7.62 5.20 3.03
CA GLN A 87 -7.82 6.47 2.33
C GLN A 87 -8.33 7.54 3.29
N ASP A 88 -8.17 8.80 2.89
CA ASP A 88 -8.61 9.92 3.70
C ASP A 88 -9.50 10.86 2.89
N ASN A 89 -10.79 10.87 3.22
CA ASN A 89 -11.74 11.72 2.52
C ASN A 89 -11.72 11.46 1.02
N PRO A 90 -12.27 10.30 0.62
CA PRO A 90 -12.33 9.89 -0.79
C PRO A 90 -13.30 10.75 -1.59
N ARG A 91 -13.06 10.84 -2.91
CA ARG A 91 -13.92 11.62 -3.79
C ARG A 91 -15.29 10.97 -3.92
N THR A 92 -16.20 11.67 -4.61
CA THR A 92 -17.55 11.16 -4.82
C THR A 92 -17.88 11.05 -6.30
N ILE A 93 -16.85 10.86 -7.12
CA ILE A 93 -17.03 10.74 -8.56
C ILE A 93 -18.00 9.60 -8.90
N VAL A 94 -18.58 9.66 -10.09
CA VAL A 94 -19.52 8.65 -10.54
C VAL A 94 -19.38 8.39 -12.04
N PRO A 95 -19.80 7.19 -12.47
CA PRO A 95 -19.74 6.80 -13.88
C PRO A 95 -20.73 7.57 -14.75
N LYS A 96 -20.34 7.82 -15.99
CA LYS A 96 -21.21 8.55 -16.92
C LYS A 96 -21.17 7.92 -18.30
N SER A 97 -22.34 7.52 -18.80
CA SER A 97 -22.44 6.90 -20.12
C SER A 97 -23.89 6.89 -20.61
N TYR A 98 -24.06 6.95 -21.92
CA TYR A 98 -25.39 6.96 -22.52
C TYR A 98 -25.34 6.46 -23.96
N ALA A 99 -26.03 5.35 -24.21
CA ALA A 99 -26.07 4.77 -25.55
C ALA A 99 -27.30 5.23 -26.31
N ASP A 100 -27.45 4.75 -27.54
CA ASP A 100 -28.60 5.11 -28.38
C ASP A 100 -29.07 3.91 -29.20
N ASN A 101 -30.37 3.66 -29.19
CA ASN A 101 -30.95 2.55 -29.94
C ASN A 101 -32.35 2.89 -30.43
N PHE A 102 -32.76 2.27 -31.53
CA PHE A 102 -34.07 2.50 -32.11
C PHE A 102 -34.57 1.27 -32.85
N THR A 103 -35.80 0.86 -32.56
CA THR A 103 -36.40 -0.30 -33.20
C THR A 103 -37.92 -0.18 -33.26
N LYS A 104 -38.51 -0.77 -34.30
CA LYS A 104 -39.96 -0.72 -34.48
C LYS A 104 -40.48 -2.07 -34.99
N PRO A 105 -40.50 -3.07 -34.10
CA PRO A 105 -40.98 -4.41 -34.44
C PRO A 105 -42.49 -4.45 -34.67
N ARG A 106 -42.88 -4.78 -35.90
CA ARG A 106 -44.30 -4.86 -36.24
C ARG A 106 -44.82 -6.28 -36.10
N ASP A 107 -45.27 -6.62 -34.90
CA ASP A 107 -45.79 -7.96 -34.63
C ASP A 107 -47.29 -7.90 -34.31
N MET A 108 -48.00 -8.97 -34.63
CA MET A 108 -49.44 -9.05 -34.38
C MET A 108 -49.74 -8.83 -32.90
N MET A 5 -4.10 -32.44 17.76
CA MET A 5 -4.55 -31.28 17.00
C MET A 5 -4.20 -29.99 17.73
N GLN A 6 -2.92 -29.73 17.91
CA GLN A 6 -2.46 -28.52 18.60
C GLN A 6 -1.61 -27.66 17.67
N GLU A 7 -2.22 -27.23 16.57
CA GLU A 7 -1.52 -26.38 15.59
C GLU A 7 -2.43 -25.27 15.09
N GLN A 8 -1.83 -24.11 14.81
CA GLN A 8 -2.58 -22.96 14.32
C GLN A 8 -2.01 -22.45 13.00
N VAL A 9 -2.82 -21.70 12.26
CA VAL A 9 -2.39 -21.15 10.98
C VAL A 9 -2.71 -19.67 10.89
N SER A 10 -1.79 -18.90 10.31
CA SER A 10 -1.97 -17.46 10.16
C SER A 10 -0.90 -16.87 9.25
N ASN A 11 -1.20 -15.71 8.67
CA ASN A 11 -0.26 -15.04 7.78
C ASN A 11 -0.17 -13.56 8.11
N VAL A 12 0.98 -12.96 7.79
CA VAL A 12 1.21 -11.55 8.06
C VAL A 12 0.16 -10.68 7.38
N ARG A 13 0.25 -9.37 7.59
CA ARG A 13 -0.70 -8.43 7.00
C ARG A 13 0.01 -7.17 6.54
N ALA A 14 -0.42 -6.63 5.41
CA ALA A 14 0.18 -5.41 4.85
C ALA A 14 -0.72 -4.21 5.11
N ARG A 15 -0.14 -3.13 5.61
CA ARG A 15 -0.88 -1.91 5.89
C ARG A 15 -0.51 -0.81 4.91
N ILE A 16 -1.39 -0.57 3.94
CA ILE A 16 -1.15 0.46 2.94
C ILE A 16 -1.85 1.77 3.31
N TYR A 17 -1.14 2.88 3.16
CA TYR A 17 -1.70 4.18 3.48
C TYR A 17 -1.50 5.16 2.32
N LYS A 18 -2.55 5.92 2.00
CA LYS A 18 -2.50 6.90 0.93
C LYS A 18 -1.99 8.24 1.43
N PRO A 19 -1.37 9.02 0.53
CA PRO A 19 -0.83 10.35 0.86
C PRO A 19 -1.94 11.36 1.13
N ALA A 20 -2.07 11.75 2.39
CA ALA A 20 -3.08 12.73 2.78
C ALA A 20 -2.85 14.07 2.11
N LYS A 21 -3.92 14.82 1.87
CA LYS A 21 -3.83 16.12 1.23
C LYS A 21 -3.30 17.17 2.20
N SER A 22 -2.91 18.33 1.67
CA SER A 22 -2.40 19.41 2.50
C SER A 22 -1.24 18.92 3.38
N THR A 23 -0.52 17.92 2.89
CA THR A 23 0.60 17.36 3.62
C THR A 23 1.91 18.07 3.26
N MET A 24 2.00 18.53 2.02
CA MET A 24 3.19 19.23 1.56
C MET A 24 2.83 20.30 0.53
N GLN A 25 3.67 21.33 0.42
CA GLN A 25 3.43 22.41 -0.52
C GLN A 25 3.77 21.98 -1.94
N SER A 26 4.85 21.23 -2.09
CA SER A 26 5.29 20.76 -3.41
C SER A 26 5.83 19.34 -3.31
N GLY A 27 6.01 18.71 -4.47
CA GLY A 27 6.53 17.35 -4.50
C GLY A 27 8.03 17.30 -4.74
N HIS A 28 8.51 18.20 -5.59
CA HIS A 28 9.94 18.25 -5.91
C HIS A 28 10.41 16.96 -6.55
N SER A 29 9.67 16.50 -7.57
CA SER A 29 10.00 15.28 -8.27
C SER A 29 10.19 14.13 -7.28
N LYS A 30 9.37 14.11 -6.24
CA LYS A 30 9.44 13.06 -5.22
C LYS A 30 9.38 11.67 -5.86
N LEU A 31 9.98 10.69 -5.20
CA LEU A 31 9.99 9.33 -5.70
C LEU A 31 8.97 8.46 -4.96
N LYS A 32 8.67 8.84 -3.72
CA LYS A 32 7.71 8.10 -2.91
C LYS A 32 6.43 8.91 -2.72
N ALA A 33 5.29 8.25 -2.87
CA ALA A 33 4.00 8.91 -2.72
C ALA A 33 3.11 8.14 -1.76
N TRP A 34 3.08 6.82 -1.91
CA TRP A 34 2.26 5.95 -1.06
C TRP A 34 3.10 5.33 0.04
N LYS A 35 2.44 4.88 1.10
CA LYS A 35 3.13 4.27 2.23
C LYS A 35 2.65 2.83 2.43
N LEU A 36 3.53 1.99 2.96
CA LEU A 36 3.20 0.58 3.21
C LEU A 36 3.99 0.04 4.40
N GLU A 37 3.29 -0.61 5.32
CA GLU A 37 3.92 -1.19 6.50
C GLU A 37 3.44 -2.62 6.74
N PHE A 38 4.32 -3.59 6.52
CA PHE A 38 3.99 -4.98 6.71
C PHE A 38 4.29 -5.43 8.14
N GLU A 39 3.42 -6.27 8.70
CA GLU A 39 3.59 -6.76 10.06
C GLU A 39 4.86 -7.61 10.17
N PRO A 40 5.62 -7.38 11.25
CA PRO A 40 6.87 -8.11 11.50
C PRO A 40 6.62 -9.58 11.86
N SER A 41 7.39 -10.47 11.23
CA SER A 41 7.25 -11.90 11.48
C SER A 41 8.59 -12.51 11.91
N CYS A 42 9.61 -12.29 11.10
CA CYS A 42 10.94 -12.82 11.41
C CYS A 42 12.03 -11.93 10.81
N THR A 43 13.28 -12.30 11.05
CA THR A 43 14.42 -11.53 10.53
C THR A 43 15.11 -12.28 9.40
N GLN A 44 15.11 -11.66 8.22
CA GLN A 44 15.74 -12.27 7.04
C GLN A 44 16.68 -11.28 6.37
N TYR A 45 17.84 -11.78 5.93
CA TYR A 45 18.82 -10.94 5.26
C TYR A 45 18.26 -10.32 4.00
N THR A 46 18.07 -9.00 4.03
CA THR A 46 17.53 -8.28 2.88
C THR A 46 18.48 -7.18 2.42
N GLU A 47 18.61 -7.03 1.11
CA GLU A 47 19.49 -6.01 0.55
C GLU A 47 19.03 -4.61 0.94
N PRO A 48 19.95 -3.63 0.84
CA PRO A 48 19.65 -2.24 1.17
C PRO A 48 18.70 -1.58 0.18
N LEU A 49 18.75 -2.06 -1.06
CA LEU A 49 17.88 -1.52 -2.12
C LEU A 49 17.99 0.00 -2.17
N MET A 50 19.15 0.49 -2.58
CA MET A 50 19.38 1.93 -2.69
C MET A 50 20.57 2.23 -3.59
N ASN A 51 20.68 3.47 -4.04
CA ASN A 51 21.77 3.89 -4.92
C ASN A 51 23.12 3.61 -4.27
N TRP A 52 24.19 3.78 -5.03
CA TRP A 52 25.54 3.56 -4.53
C TRP A 52 25.79 4.36 -3.26
N THR A 53 26.22 3.67 -2.21
CA THR A 53 26.51 4.33 -0.93
C THR A 53 28.00 4.40 -0.66
N GLY A 54 28.36 4.95 0.48
CA GLY A 54 29.77 5.07 0.84
C GLY A 54 30.35 3.76 1.34
N SER A 55 30.61 3.69 2.64
CA SER A 55 31.18 2.49 3.24
C SER A 55 30.22 1.90 4.28
N HIS A 56 30.07 2.61 5.40
CA HIS A 56 29.18 2.15 6.47
C HIS A 56 28.23 3.26 6.90
N ASP A 57 27.42 3.74 5.96
CA ASP A 57 26.46 4.79 6.24
C ASP A 57 25.02 4.29 6.12
N THR A 58 24.84 3.01 6.42
CA THR A 58 23.51 2.39 6.35
C THR A 58 22.71 2.65 7.61
N LYS A 59 21.43 2.35 7.56
CA LYS A 59 20.55 2.56 8.71
C LYS A 59 19.29 1.70 8.60
N GLN A 60 18.93 1.05 9.70
CA GLN A 60 17.75 0.18 9.72
C GLN A 60 16.50 0.96 9.33
N GLN A 61 15.64 0.32 8.56
CA GLN A 61 14.40 0.95 8.11
C GLN A 61 13.21 0.43 8.90
N VAL A 62 12.09 1.16 8.83
CA VAL A 62 10.88 0.77 9.55
C VAL A 62 9.71 0.60 8.58
N CYS A 63 9.27 1.70 7.99
CA CYS A 63 8.16 1.67 7.05
C CYS A 63 8.66 1.67 5.61
N LEU A 64 7.87 1.09 4.71
CA LEU A 64 8.24 1.01 3.31
C LEU A 64 7.48 2.07 2.49
N SER A 65 8.22 2.79 1.65
CA SER A 65 7.63 3.82 0.81
C SER A 65 7.53 3.36 -0.64
N PHE A 66 6.37 3.57 -1.25
CA PHE A 66 6.14 3.17 -2.63
C PHE A 66 5.76 4.37 -3.49
N THR A 67 6.01 4.27 -4.79
CA THR A 67 5.69 5.35 -5.72
C THR A 67 4.20 5.38 -6.04
N THR A 68 3.65 4.23 -6.40
CA THR A 68 2.24 4.12 -6.74
C THR A 68 1.51 3.19 -5.78
N ARG A 69 0.19 3.13 -5.90
CA ARG A 69 -0.62 2.29 -5.03
C ARG A 69 -0.42 0.80 -5.40
N GLU A 70 -0.54 0.50 -6.69
CA GLU A 70 -0.37 -0.87 -7.16
C GLU A 70 0.94 -1.47 -6.66
N LEU A 71 1.93 -0.61 -6.45
CA LEU A 71 3.24 -1.06 -5.98
C LEU A 71 3.11 -1.73 -4.61
N ALA A 72 2.33 -1.14 -3.73
CA ALA A 72 2.12 -1.68 -2.39
C ALA A 72 1.44 -3.04 -2.46
N ILE A 73 0.34 -3.11 -3.20
CA ILE A 73 -0.40 -4.36 -3.34
C ILE A 73 0.43 -5.42 -4.05
N ALA A 74 1.28 -4.98 -4.97
CA ALA A 74 2.14 -5.88 -5.72
C ALA A 74 3.13 -6.59 -4.80
N TYR A 75 3.42 -5.97 -3.68
CA TYR A 75 4.36 -6.54 -2.71
C TYR A 75 3.67 -7.58 -1.83
N ALA A 76 2.52 -7.21 -1.29
CA ALA A 76 1.76 -8.12 -0.44
C ALA A 76 1.28 -9.34 -1.22
N VAL A 77 0.58 -9.09 -2.32
CA VAL A 77 0.06 -10.17 -3.15
C VAL A 77 1.17 -11.15 -3.53
N ALA A 78 2.37 -10.64 -3.69
CA ALA A 78 3.52 -11.47 -4.05
C ALA A 78 3.64 -12.66 -3.11
N HIS A 79 3.20 -12.49 -1.86
CA HIS A 79 3.26 -13.55 -0.87
C HIS A 79 1.87 -13.85 -0.31
N LYS A 80 0.84 -13.54 -1.10
CA LYS A 80 -0.53 -13.78 -0.69
C LYS A 80 -0.81 -13.18 0.69
N ILE A 81 -0.33 -11.95 0.89
CA ILE A 81 -0.52 -11.26 2.17
C ILE A 81 -1.74 -10.35 2.11
N ASP A 82 -2.49 -10.32 3.21
CA ASP A 82 -3.67 -9.48 3.30
C ASP A 82 -3.30 -8.00 3.40
N TYR A 83 -3.53 -7.27 2.32
CA TYR A 83 -3.21 -5.85 2.28
C TYR A 83 -4.46 -5.01 2.49
N THR A 84 -4.34 -3.96 3.30
CA THR A 84 -5.46 -3.07 3.58
C THR A 84 -5.17 -1.65 3.10
N VAL A 85 -6.19 -1.02 2.51
CA VAL A 85 -6.04 0.35 2.01
C VAL A 85 -6.58 1.36 3.01
N LEU A 86 -5.71 2.26 3.45
CA LEU A 86 -6.08 3.29 4.42
C LEU A 86 -6.14 4.66 3.75
N GLN A 87 -7.33 5.24 3.70
CA GLN A 87 -7.51 6.56 3.10
C GLN A 87 -8.29 7.48 4.03
N ASP A 88 -8.06 8.78 3.89
CA ASP A 88 -8.72 9.78 4.72
C ASP A 88 -10.24 9.64 4.63
N ASN A 89 -10.90 9.63 5.77
CA ASN A 89 -12.36 9.50 5.82
C ASN A 89 -12.81 8.24 5.08
N PRO A 90 -12.52 7.07 5.66
CA PRO A 90 -12.89 5.78 5.07
C PRO A 90 -14.39 5.53 5.11
N ARG A 91 -14.91 4.92 4.06
CA ARG A 91 -16.33 4.62 3.97
C ARG A 91 -16.75 3.60 5.03
N THR A 92 -18.00 3.67 5.46
CA THR A 92 -18.52 2.75 6.46
C THR A 92 -19.96 2.36 6.16
N ILE A 93 -20.32 1.11 6.48
CA ILE A 93 -21.66 0.62 6.25
C ILE A 93 -21.98 0.56 4.75
N VAL A 94 -22.83 -0.39 4.37
CA VAL A 94 -23.21 -0.56 2.98
C VAL A 94 -24.70 -0.82 2.83
N PRO A 95 -25.26 -0.51 1.66
CA PRO A 95 -26.69 -0.71 1.37
C PRO A 95 -27.05 -2.18 1.27
N LYS A 96 -28.34 -2.48 1.39
CA LYS A 96 -28.83 -3.85 1.30
C LYS A 96 -30.17 -3.91 0.57
N SER A 97 -30.20 -4.66 -0.53
CA SER A 97 -31.42 -4.79 -1.32
C SER A 97 -31.29 -5.94 -2.32
N TYR A 98 -32.18 -6.92 -2.20
CA TYR A 98 -32.17 -8.08 -3.09
C TYR A 98 -33.46 -8.88 -2.95
N ALA A 99 -34.14 -9.09 -4.07
CA ALA A 99 -35.38 -9.85 -4.08
C ALA A 99 -35.11 -11.36 -4.08
N ASP A 100 -36.13 -12.14 -3.75
CA ASP A 100 -36.00 -13.60 -3.73
C ASP A 100 -37.36 -14.27 -3.82
N ASN A 101 -37.65 -14.85 -4.98
CA ASN A 101 -38.92 -15.53 -5.19
C ASN A 101 -38.71 -16.96 -5.66
N PHE A 102 -39.80 -17.68 -5.86
CA PHE A 102 -39.73 -19.07 -6.30
C PHE A 102 -40.96 -19.44 -7.14
N THR A 103 -40.71 -19.95 -8.35
CA THR A 103 -41.80 -20.34 -9.24
C THR A 103 -41.62 -21.77 -9.72
N LYS A 104 -42.10 -22.72 -8.93
CA LYS A 104 -42.00 -24.14 -9.27
C LYS A 104 -43.35 -24.83 -9.13
N PRO A 105 -44.27 -24.53 -10.05
CA PRO A 105 -45.62 -25.12 -10.05
C PRO A 105 -45.61 -26.60 -10.41
N ARG A 106 -46.77 -27.24 -10.31
CA ARG A 106 -46.89 -28.66 -10.62
C ARG A 106 -48.02 -28.90 -11.61
N ASP A 107 -47.95 -30.02 -12.31
CA ASP A 107 -48.97 -30.37 -13.30
C ASP A 107 -49.08 -31.89 -13.46
N MET A 108 -50.12 -32.33 -14.15
CA MET A 108 -50.34 -33.76 -14.38
C MET A 108 -49.13 -34.38 -15.07
N MET A 5 -11.36 -12.45 15.14
CA MET A 5 -9.91 -12.56 14.94
C MET A 5 -9.37 -13.80 15.63
N GLN A 6 -9.74 -14.97 15.09
CA GLN A 6 -9.29 -16.24 15.66
C GLN A 6 -8.87 -17.21 14.55
N GLU A 7 -7.59 -17.56 14.51
CA GLU A 7 -7.08 -18.47 13.50
C GLU A 7 -5.70 -18.98 13.89
N GLN A 8 -5.45 -20.26 13.60
CA GLN A 8 -4.17 -20.87 13.92
C GLN A 8 -3.23 -20.88 12.71
N VAL A 9 -2.42 -19.83 12.58
CA VAL A 9 -1.49 -19.72 11.46
C VAL A 9 -0.54 -18.54 11.66
N SER A 10 0.68 -18.70 11.17
CA SER A 10 1.69 -17.65 11.29
C SER A 10 1.85 -16.90 9.98
N ASN A 11 1.35 -15.67 9.94
CA ASN A 11 1.44 -14.83 8.75
C ASN A 11 1.47 -13.35 9.11
N VAL A 12 1.92 -12.52 8.17
CA VAL A 12 1.98 -11.09 8.38
C VAL A 12 0.91 -10.36 7.60
N ARG A 13 0.91 -9.03 7.68
CA ARG A 13 -0.07 -8.22 6.98
C ARG A 13 0.57 -6.92 6.48
N ALA A 14 0.07 -6.42 5.34
CA ALA A 14 0.59 -5.19 4.76
C ALA A 14 -0.34 -4.01 5.06
N ARG A 15 0.18 -3.01 5.75
CA ARG A 15 -0.60 -1.83 6.10
C ARG A 15 -0.36 -0.71 5.10
N ILE A 16 -1.32 -0.52 4.20
CA ILE A 16 -1.23 0.53 3.19
C ILE A 16 -2.11 1.72 3.54
N TYR A 17 -1.55 2.92 3.44
CA TYR A 17 -2.28 4.14 3.73
C TYR A 17 -1.75 5.32 2.92
N LYS A 18 -2.63 6.25 2.60
CA LYS A 18 -2.26 7.43 1.83
C LYS A 18 -2.29 8.69 2.69
N PRO A 19 -1.14 9.00 3.33
CA PRO A 19 -1.01 10.17 4.20
C PRO A 19 -1.04 11.48 3.42
N ALA A 20 -1.47 12.55 4.08
CA ALA A 20 -1.55 13.85 3.44
C ALA A 20 -0.28 14.66 3.69
N LYS A 21 0.27 15.24 2.62
CA LYS A 21 1.49 16.03 2.72
C LYS A 21 1.37 17.31 1.89
N SER A 22 2.36 18.18 2.01
CA SER A 22 2.37 19.44 1.28
C SER A 22 2.85 19.24 -0.15
N THR A 23 2.18 19.91 -1.09
CA THR A 23 2.53 19.81 -2.50
C THR A 23 3.01 21.15 -3.05
N MET A 24 2.33 22.22 -2.65
CA MET A 24 2.69 23.55 -3.10
C MET A 24 2.55 23.68 -4.62
N GLN A 25 1.55 23.00 -5.17
CA GLN A 25 1.31 23.02 -6.60
C GLN A 25 2.57 22.62 -7.38
N SER A 26 3.18 21.52 -6.97
CA SER A 26 4.39 21.03 -7.61
C SER A 26 4.07 20.42 -8.97
N GLY A 27 4.93 20.69 -9.95
CA GLY A 27 4.73 20.17 -11.29
C GLY A 27 4.70 18.65 -11.32
N HIS A 28 5.87 18.05 -11.52
CA HIS A 28 5.98 16.59 -11.57
C HIS A 28 5.89 15.99 -10.17
N SER A 29 5.22 14.85 -10.07
CA SER A 29 5.07 14.18 -8.78
C SER A 29 5.66 12.77 -8.82
N LYS A 30 6.99 12.70 -8.87
CA LYS A 30 7.67 11.41 -8.92
C LYS A 30 8.24 11.04 -7.56
N LEU A 31 7.43 11.19 -6.52
CA LEU A 31 7.86 10.88 -5.16
C LEU A 31 6.88 9.91 -4.49
N LYS A 32 7.29 9.37 -3.35
CA LYS A 32 6.45 8.42 -2.61
C LYS A 32 5.08 9.02 -2.33
N ALA A 33 4.04 8.36 -2.83
CA ALA A 33 2.68 8.81 -2.62
C ALA A 33 1.92 7.91 -1.65
N TRP A 34 2.18 6.61 -1.75
CA TRP A 34 1.53 5.63 -0.88
C TRP A 34 2.52 5.06 0.13
N LYS A 35 2.06 4.87 1.36
CA LYS A 35 2.90 4.31 2.41
C LYS A 35 2.52 2.88 2.72
N LEU A 36 3.52 2.01 2.83
CA LEU A 36 3.29 0.60 3.12
C LEU A 36 4.09 0.15 4.34
N GLU A 37 3.39 -0.39 5.33
CA GLU A 37 4.03 -0.86 6.55
C GLU A 37 3.60 -2.28 6.89
N PHE A 38 4.48 -3.24 6.62
CA PHE A 38 4.19 -4.65 6.90
C PHE A 38 4.55 -5.01 8.34
N GLU A 39 3.71 -5.83 8.95
CA GLU A 39 3.93 -6.25 10.33
C GLU A 39 5.29 -6.94 10.48
N PRO A 40 5.79 -6.99 11.72
CA PRO A 40 7.08 -7.63 12.01
C PRO A 40 7.04 -9.14 11.85
N SER A 41 7.98 -9.67 11.06
CA SER A 41 8.05 -11.10 10.82
C SER A 41 9.19 -11.74 11.61
N CYS A 42 10.20 -10.93 11.92
CA CYS A 42 11.36 -11.41 12.67
C CYS A 42 12.11 -12.49 11.89
N THR A 43 12.14 -12.34 10.58
CA THR A 43 12.83 -13.31 9.72
C THR A 43 14.17 -12.77 9.24
N GLN A 44 15.13 -13.67 9.05
CA GLN A 44 16.46 -13.28 8.59
C GLN A 44 16.44 -12.95 7.11
N TYR A 45 16.17 -11.68 6.80
CA TYR A 45 16.13 -11.23 5.41
C TYR A 45 17.48 -10.67 4.97
N THR A 46 18.39 -11.56 4.60
CA THR A 46 19.71 -11.16 4.16
C THR A 46 19.80 -11.08 2.64
N GLU A 47 19.40 -9.93 2.10
CA GLU A 47 19.42 -9.73 0.65
C GLU A 47 19.03 -8.30 0.30
N PRO A 48 19.92 -7.34 0.59
CA PRO A 48 19.68 -5.92 0.32
C PRO A 48 19.69 -5.61 -1.18
N LEU A 49 18.55 -5.18 -1.69
CA LEU A 49 18.42 -4.85 -3.11
C LEU A 49 18.67 -3.36 -3.34
N MET A 50 18.64 -2.95 -4.61
CA MET A 50 18.86 -1.56 -4.96
C MET A 50 17.96 -1.14 -6.13
N ASN A 51 17.85 0.16 -6.36
CA ASN A 51 17.02 0.68 -7.44
C ASN A 51 17.21 2.18 -7.58
N TRP A 52 16.49 2.78 -8.53
CA TRP A 52 16.58 4.22 -8.77
C TRP A 52 16.04 5.00 -7.59
N THR A 53 14.78 4.75 -7.24
CA THR A 53 14.15 5.44 -6.12
C THR A 53 14.54 4.81 -4.79
N GLY A 54 15.76 5.12 -4.33
CA GLY A 54 16.22 4.57 -3.08
C GLY A 54 17.74 4.47 -3.01
N SER A 55 18.41 5.60 -3.29
CA SER A 55 19.86 5.63 -3.28
C SER A 55 20.40 5.59 -1.84
N HIS A 56 19.60 6.10 -0.91
CA HIS A 56 19.99 6.11 0.50
C HIS A 56 20.36 4.72 0.98
N ASP A 57 21.01 4.65 2.14
CA ASP A 57 21.42 3.36 2.71
C ASP A 57 20.22 2.43 2.84
N THR A 58 20.45 1.15 2.55
CA THR A 58 19.40 0.14 2.63
C THR A 58 19.44 -0.59 3.97
N LYS A 59 19.67 0.17 5.04
CA LYS A 59 19.74 -0.41 6.38
C LYS A 59 18.47 -1.19 6.69
N GLN A 60 18.46 -1.87 7.84
CA GLN A 60 17.30 -2.65 8.25
C GLN A 60 16.14 -1.75 8.66
N GLN A 61 15.26 -1.48 7.72
CA GLN A 61 14.10 -0.62 7.97
C GLN A 61 12.82 -1.45 8.05
N VAL A 62 11.79 -0.87 8.66
CA VAL A 62 10.51 -1.56 8.81
C VAL A 62 9.42 -0.86 8.00
N CYS A 63 9.57 0.45 7.82
CA CYS A 63 8.60 1.24 7.08
C CYS A 63 8.98 1.29 5.59
N LEU A 64 8.00 1.00 4.73
CA LEU A 64 8.23 1.01 3.29
C LEU A 64 7.47 2.16 2.63
N SER A 65 8.05 2.72 1.57
CA SER A 65 7.42 3.82 0.85
C SER A 65 7.32 3.50 -0.64
N PHE A 66 6.09 3.52 -1.16
CA PHE A 66 5.86 3.24 -2.57
C PHE A 66 5.27 4.45 -3.28
N THR A 67 5.68 4.65 -4.53
CA THR A 67 5.19 5.78 -5.32
C THR A 67 3.71 5.63 -5.65
N THR A 68 3.36 4.45 -6.18
CA THR A 68 1.98 4.17 -6.56
C THR A 68 1.39 3.06 -5.68
N ARG A 69 0.06 2.96 -5.67
CA ARG A 69 -0.62 1.95 -4.88
C ARG A 69 -0.32 0.55 -5.42
N GLU A 70 -0.44 0.38 -6.73
CA GLU A 70 -0.18 -0.90 -7.38
C GLU A 70 1.18 -1.45 -6.96
N LEU A 71 2.11 -0.57 -6.67
CA LEU A 71 3.46 -0.96 -6.25
C LEU A 71 3.42 -1.60 -4.87
N ALA A 72 2.60 -1.05 -3.98
CA ALA A 72 2.48 -1.56 -2.62
C ALA A 72 1.81 -2.94 -2.61
N ILE A 73 0.58 -2.99 -3.09
CA ILE A 73 -0.17 -4.25 -3.14
C ILE A 73 0.63 -5.32 -3.88
N ALA A 74 1.39 -4.91 -4.88
CA ALA A 74 2.20 -5.84 -5.66
C ALA A 74 3.17 -6.61 -4.76
N TYR A 75 3.49 -6.02 -3.62
CA TYR A 75 4.42 -6.64 -2.67
C TYR A 75 3.70 -7.67 -1.81
N ALA A 76 2.53 -7.29 -1.31
CA ALA A 76 1.74 -8.18 -0.46
C ALA A 76 1.21 -9.37 -1.26
N VAL A 77 0.51 -9.09 -2.35
CA VAL A 77 -0.05 -10.14 -3.20
C VAL A 77 1.01 -11.15 -3.59
N ALA A 78 2.26 -10.69 -3.68
CA ALA A 78 3.38 -11.55 -4.05
C ALA A 78 3.45 -12.77 -3.14
N HIS A 79 2.98 -12.60 -1.90
CA HIS A 79 2.98 -13.69 -0.93
C HIS A 79 1.60 -13.91 -0.34
N LYS A 80 0.57 -13.51 -1.09
CA LYS A 80 -0.81 -13.66 -0.65
C LYS A 80 -1.00 -13.06 0.74
N ILE A 81 -0.45 -11.86 0.95
CA ILE A 81 -0.57 -11.19 2.23
C ILE A 81 -1.76 -10.26 2.25
N ASP A 82 -2.44 -10.20 3.40
CA ASP A 82 -3.61 -9.34 3.56
C ASP A 82 -3.21 -7.87 3.60
N TYR A 83 -3.41 -7.18 2.48
CA TYR A 83 -3.06 -5.77 2.39
C TYR A 83 -4.30 -4.89 2.55
N THR A 84 -4.17 -3.86 3.37
CA THR A 84 -5.28 -2.94 3.62
C THR A 84 -4.94 -1.53 3.15
N VAL A 85 -5.76 -1.00 2.25
CA VAL A 85 -5.55 0.34 1.70
C VAL A 85 -6.39 1.36 2.45
N LEU A 86 -5.74 2.39 2.99
CA LEU A 86 -6.43 3.43 3.73
C LEU A 86 -6.43 4.74 2.94
N GLN A 87 -7.63 5.18 2.55
CA GLN A 87 -7.78 6.42 1.79
C GLN A 87 -8.26 7.55 2.68
N ASP A 88 -8.01 8.78 2.25
CA ASP A 88 -8.42 9.95 3.02
C ASP A 88 -9.93 10.06 3.08
N ASN A 89 -10.59 9.69 1.98
CA ASN A 89 -12.04 9.74 1.92
C ASN A 89 -12.56 8.92 0.73
N PRO A 90 -13.71 8.25 0.93
CA PRO A 90 -14.34 7.42 -0.10
C PRO A 90 -14.91 8.26 -1.25
N ARG A 91 -14.29 8.15 -2.41
CA ARG A 91 -14.73 8.89 -3.58
C ARG A 91 -16.23 8.68 -3.83
N THR A 92 -16.61 7.43 -4.05
CA THR A 92 -18.01 7.09 -4.31
C THR A 92 -18.38 5.78 -3.63
N ILE A 93 -19.56 5.76 -3.01
CA ILE A 93 -20.04 4.57 -2.33
C ILE A 93 -21.47 4.24 -2.73
N VAL A 94 -21.77 2.94 -2.85
CA VAL A 94 -23.10 2.50 -3.22
C VAL A 94 -23.57 3.18 -4.50
N PRO A 95 -23.00 2.78 -5.64
CA PRO A 95 -23.36 3.34 -6.95
C PRO A 95 -24.75 2.96 -7.39
N LYS A 96 -25.35 3.78 -8.26
CA LYS A 96 -26.69 3.51 -8.77
C LYS A 96 -26.76 2.15 -9.45
N SER A 97 -26.09 2.03 -10.60
CA SER A 97 -26.07 0.79 -11.35
C SER A 97 -25.09 0.86 -12.51
N TYR A 98 -24.92 -0.26 -13.21
CA TYR A 98 -24.02 -0.31 -14.35
C TYR A 98 -24.13 -1.65 -15.08
N ALA A 99 -24.40 -1.59 -16.38
CA ALA A 99 -24.54 -2.78 -17.19
C ALA A 99 -23.20 -3.20 -17.79
N ASP A 100 -23.07 -4.48 -18.12
CA ASP A 100 -21.85 -5.01 -18.71
C ASP A 100 -22.16 -6.00 -19.83
N ASN A 101 -21.85 -5.60 -21.06
CA ASN A 101 -22.10 -6.45 -22.22
C ASN A 101 -21.21 -6.06 -23.39
N PHE A 102 -20.95 -7.01 -24.28
CA PHE A 102 -20.11 -6.76 -25.46
C PHE A 102 -20.82 -7.19 -26.73
N THR A 103 -21.04 -6.24 -27.63
CA THR A 103 -21.71 -6.51 -28.89
C THR A 103 -21.15 -5.65 -30.01
N LYS A 104 -20.69 -6.30 -31.08
CA LYS A 104 -20.12 -5.60 -32.23
C LYS A 104 -21.06 -4.50 -32.71
N PRO A 105 -20.49 -3.50 -33.41
CA PRO A 105 -21.26 -2.37 -33.94
C PRO A 105 -22.18 -2.78 -35.09
N ARG A 106 -21.76 -3.81 -35.82
CA ARG A 106 -22.55 -4.30 -36.95
C ARG A 106 -22.73 -3.20 -38.00
N ASP A 107 -21.77 -2.29 -38.07
CA ASP A 107 -21.81 -1.20 -39.03
C ASP A 107 -20.78 -1.39 -40.13
N MET A 108 -21.25 -1.52 -41.37
CA MET A 108 -20.37 -1.71 -42.51
C MET A 108 -20.24 -0.43 -43.33
N MET A 5 -15.15 -25.33 13.98
CA MET A 5 -14.10 -25.31 12.97
C MET A 5 -12.72 -25.46 13.60
N GLN A 6 -11.95 -26.43 13.11
CA GLN A 6 -10.62 -26.67 13.64
C GLN A 6 -9.55 -26.40 12.57
N GLU A 7 -9.87 -25.50 11.65
CA GLU A 7 -8.94 -25.15 10.57
C GLU A 7 -8.43 -23.73 10.75
N GLN A 8 -7.12 -23.59 10.94
CA GLN A 8 -6.50 -22.28 11.12
C GLN A 8 -5.22 -22.17 10.30
N VAL A 9 -4.59 -21.01 10.36
CA VAL A 9 -3.36 -20.77 9.62
C VAL A 9 -2.67 -19.48 10.08
N SER A 10 -1.36 -19.52 10.20
CA SER A 10 -0.58 -18.37 10.63
C SER A 10 -0.05 -17.59 9.43
N ASN A 11 -0.25 -16.27 9.45
CA ASN A 11 0.22 -15.43 8.36
C ASN A 11 0.42 -13.99 8.84
N VAL A 12 0.92 -13.14 7.96
CA VAL A 12 1.15 -11.73 8.29
C VAL A 12 0.18 -10.82 7.55
N ARG A 13 0.32 -9.52 7.79
CA ARG A 13 -0.56 -8.54 7.13
C ARG A 13 0.21 -7.27 6.80
N ALA A 14 -0.26 -6.53 5.80
CA ALA A 14 0.38 -5.30 5.39
C ALA A 14 -0.54 -4.10 5.59
N ARG A 15 0.05 -2.93 5.81
CA ARG A 15 -0.74 -1.71 6.02
C ARG A 15 -0.41 -0.67 4.95
N ILE A 16 -1.31 -0.53 3.98
CA ILE A 16 -1.13 0.43 2.90
C ILE A 16 -1.98 1.67 3.12
N TYR A 17 -1.31 2.81 3.23
CA TYR A 17 -2.00 4.08 3.45
C TYR A 17 -1.64 5.09 2.36
N LYS A 18 -2.61 5.91 1.98
CA LYS A 18 -2.41 6.93 0.95
C LYS A 18 -2.40 8.33 1.56
N PRO A 19 -1.21 8.79 1.97
CA PRO A 19 -1.04 10.12 2.57
C PRO A 19 -1.24 11.25 1.56
N ALA A 20 -2.40 11.88 1.61
CA ALA A 20 -2.71 12.98 0.70
C ALA A 20 -2.75 14.31 1.44
N LYS A 21 -1.79 15.18 1.13
CA LYS A 21 -1.71 16.48 1.77
C LYS A 21 -0.70 17.37 1.07
N SER A 22 -0.50 18.58 1.59
CA SER A 22 0.44 19.53 1.01
C SER A 22 1.88 19.03 1.16
N THR A 23 2.82 19.77 0.61
CA THR A 23 4.23 19.40 0.68
C THR A 23 4.74 19.45 2.12
N MET A 24 4.91 18.28 2.72
CA MET A 24 5.39 18.19 4.09
C MET A 24 6.70 18.96 4.26
N GLN A 25 7.14 19.11 5.50
CA GLN A 25 8.37 19.82 5.80
C GLN A 25 9.59 18.96 5.50
N SER A 26 9.45 17.65 5.71
CA SER A 26 10.54 16.72 5.46
C SER A 26 10.15 15.68 4.42
N GLY A 27 10.97 15.54 3.38
CA GLY A 27 10.67 14.59 2.33
C GLY A 27 10.08 15.24 1.10
N HIS A 28 9.10 16.11 1.31
CA HIS A 28 8.44 16.81 0.21
C HIS A 28 7.96 15.82 -0.84
N SER A 29 7.50 14.65 -0.39
CA SER A 29 7.02 13.61 -1.30
C SER A 29 8.08 13.26 -2.34
N LYS A 30 9.32 13.14 -1.88
CA LYS A 30 10.43 12.80 -2.77
C LYS A 30 10.31 11.36 -3.27
N LEU A 31 9.76 11.19 -4.46
CA LEU A 31 9.59 9.87 -5.05
C LEU A 31 8.87 8.93 -4.09
N LYS A 32 7.91 9.48 -3.35
CA LYS A 32 7.14 8.70 -2.40
C LYS A 32 5.79 9.34 -2.13
N ALA A 33 4.71 8.69 -2.58
CA ALA A 33 3.36 9.20 -2.38
C ALA A 33 2.54 8.26 -1.52
N TRP A 34 2.87 6.97 -1.59
CA TRP A 34 2.15 5.96 -0.82
C TRP A 34 3.03 5.41 0.31
N LYS A 35 2.39 4.89 1.34
CA LYS A 35 3.11 4.34 2.49
C LYS A 35 2.69 2.88 2.73
N LEU A 36 3.69 2.01 2.88
CA LEU A 36 3.43 0.60 3.12
C LEU A 36 4.12 0.12 4.39
N GLU A 37 3.33 -0.41 5.32
CA GLU A 37 3.87 -0.90 6.60
C GLU A 37 3.54 -2.37 6.79
N PHE A 38 4.53 -3.23 6.54
CA PHE A 38 4.35 -4.67 6.69
C PHE A 38 4.50 -5.08 8.15
N GLU A 39 3.75 -6.12 8.55
CA GLU A 39 3.80 -6.62 9.91
C GLU A 39 5.13 -7.33 10.18
N PRO A 40 5.49 -7.46 11.47
CA PRO A 40 6.72 -8.12 11.89
C PRO A 40 6.69 -9.62 11.65
N SER A 41 7.84 -10.18 11.27
CA SER A 41 7.94 -11.62 11.00
C SER A 41 9.06 -12.25 11.82
N CYS A 42 10.30 -11.96 11.43
CA CYS A 42 11.45 -12.50 12.13
C CYS A 42 12.59 -11.48 12.18
N THR A 43 13.55 -11.70 13.06
CA THR A 43 14.69 -10.80 13.20
C THR A 43 15.45 -10.68 11.90
N GLN A 44 15.89 -9.45 11.58
CA GLN A 44 16.64 -9.20 10.36
C GLN A 44 18.00 -8.59 10.67
N TYR A 45 19.04 -9.11 10.02
CA TYR A 45 20.39 -8.63 10.23
C TYR A 45 20.64 -7.34 9.43
N THR A 46 20.05 -6.24 9.90
CA THR A 46 20.20 -4.96 9.23
C THR A 46 21.66 -4.51 9.23
N GLU A 47 22.11 -3.94 8.11
CA GLU A 47 23.47 -3.47 7.98
C GLU A 47 23.59 -2.42 6.89
N PRO A 48 22.99 -1.24 7.13
CA PRO A 48 23.02 -0.13 6.17
C PRO A 48 24.40 0.48 6.03
N LEU A 49 24.66 1.09 4.88
CA LEU A 49 25.94 1.73 4.62
C LEU A 49 26.26 2.78 5.68
N MET A 50 25.34 3.71 5.87
CA MET A 50 25.53 4.77 6.87
C MET A 50 25.54 4.20 8.27
N ASN A 51 26.61 4.48 9.01
CA ASN A 51 26.75 3.99 10.38
C ASN A 51 25.84 4.76 11.33
N TRP A 52 24.90 4.07 11.93
CA TRP A 52 23.96 4.68 12.87
C TRP A 52 24.43 4.51 14.31
N THR A 53 23.74 5.15 15.25
CA THR A 53 24.09 5.07 16.65
C THR A 53 23.40 3.88 17.32
N GLY A 54 24.16 3.15 18.14
CA GLY A 54 23.60 1.99 18.83
C GLY A 54 22.42 2.36 19.69
N SER A 55 21.38 1.52 19.65
CA SER A 55 20.18 1.75 20.43
C SER A 55 19.73 0.47 21.13
N HIS A 56 19.38 0.59 22.42
CA HIS A 56 18.93 -0.56 23.20
C HIS A 56 17.42 -0.71 23.11
N ASP A 57 16.69 0.37 23.40
CA ASP A 57 15.24 0.35 23.36
C ASP A 57 14.73 0.65 21.95
N THR A 58 14.11 -0.34 21.32
CA THR A 58 13.58 -0.18 19.97
C THR A 58 12.74 -1.38 19.57
N LYS A 59 11.86 -1.18 18.59
CA LYS A 59 10.99 -2.25 18.11
C LYS A 59 11.62 -2.98 16.93
N GLN A 60 10.90 -3.94 16.38
CA GLN A 60 11.39 -4.71 15.24
C GLN A 60 10.47 -4.56 14.04
N GLN A 61 9.74 -3.45 13.98
CA GLN A 61 8.82 -3.18 12.89
C GLN A 61 9.46 -2.25 11.86
N VAL A 62 9.35 -2.62 10.59
CA VAL A 62 9.91 -1.81 9.51
C VAL A 62 8.85 -1.49 8.46
N CYS A 63 8.96 -0.31 7.86
CA CYS A 63 8.02 0.12 6.84
C CYS A 63 8.73 0.93 5.75
N LEU A 64 8.14 0.93 4.55
CA LEU A 64 8.71 1.66 3.43
C LEU A 64 7.64 2.45 2.69
N SER A 65 8.07 3.34 1.80
CA SER A 65 7.15 4.15 1.02
C SER A 65 7.19 3.77 -0.46
N PHE A 66 6.04 3.86 -1.12
CA PHE A 66 5.95 3.53 -2.54
C PHE A 66 5.55 4.74 -3.36
N THR A 67 5.56 4.59 -4.68
CA THR A 67 5.19 5.67 -5.58
C THR A 67 3.75 5.52 -6.06
N THR A 68 3.34 4.29 -6.32
CA THR A 68 1.98 4.01 -6.78
C THR A 68 1.40 2.80 -6.06
N ARG A 69 0.07 2.79 -5.94
CA ARG A 69 -0.62 1.70 -5.27
C ARG A 69 -0.28 0.35 -5.91
N GLU A 70 -0.20 0.35 -7.24
CA GLU A 70 0.12 -0.87 -7.98
C GLU A 70 1.39 -1.51 -7.42
N LEU A 71 2.29 -0.69 -6.90
CA LEU A 71 3.55 -1.18 -6.34
C LEU A 71 3.34 -1.71 -4.93
N ALA A 72 2.43 -1.08 -4.19
CA ALA A 72 2.14 -1.49 -2.83
C ALA A 72 1.44 -2.86 -2.80
N ILE A 73 0.29 -2.93 -3.45
CA ILE A 73 -0.47 -4.18 -3.51
C ILE A 73 0.35 -5.30 -4.13
N ALA A 74 1.18 -4.94 -5.10
CA ALA A 74 2.02 -5.92 -5.78
C ALA A 74 2.91 -6.67 -4.79
N TYR A 75 3.29 -5.98 -3.72
CA TYR A 75 4.14 -6.58 -2.70
C TYR A 75 3.38 -7.64 -1.91
N ALA A 76 2.26 -7.25 -1.31
CA ALA A 76 1.45 -8.16 -0.52
C ALA A 76 1.06 -9.38 -1.35
N VAL A 77 0.47 -9.14 -2.52
CA VAL A 77 0.04 -10.22 -3.40
C VAL A 77 1.19 -11.19 -3.68
N ALA A 78 2.41 -10.66 -3.69
CA ALA A 78 3.60 -11.47 -3.95
C ALA A 78 3.65 -12.66 -2.98
N HIS A 79 3.20 -12.45 -1.76
CA HIS A 79 3.20 -13.50 -0.75
C HIS A 79 1.79 -13.74 -0.21
N LYS A 80 0.80 -13.26 -0.95
CA LYS A 80 -0.60 -13.43 -0.55
C LYS A 80 -0.81 -12.93 0.88
N ILE A 81 -0.30 -11.74 1.17
CA ILE A 81 -0.44 -11.16 2.50
C ILE A 81 -1.66 -10.26 2.57
N ASP A 82 -2.34 -10.29 3.71
CA ASP A 82 -3.54 -9.47 3.91
C ASP A 82 -3.17 -8.00 4.05
N TYR A 83 -3.28 -7.25 2.97
CA TYR A 83 -2.95 -5.83 2.96
C TYR A 83 -4.22 -4.98 3.03
N THR A 84 -4.17 -3.92 3.82
CA THR A 84 -5.32 -3.02 3.96
C THR A 84 -5.04 -1.67 3.32
N VAL A 85 -6.04 -1.13 2.63
CA VAL A 85 -5.90 0.16 1.97
C VAL A 85 -6.64 1.25 2.74
N LEU A 86 -5.89 2.20 3.27
CA LEU A 86 -6.46 3.30 4.04
C LEU A 86 -6.37 4.61 3.26
N GLN A 87 -7.52 5.18 2.93
CA GLN A 87 -7.55 6.45 2.20
C GLN A 87 -8.44 7.47 2.90
N ASP A 88 -8.19 8.74 2.63
CA ASP A 88 -8.97 9.82 3.24
C ASP A 88 -9.46 10.80 2.17
N ASN A 89 -10.78 10.92 2.03
CA ASN A 89 -11.37 11.83 1.05
C ASN A 89 -10.92 11.46 -0.36
N PRO A 90 -11.44 10.33 -0.87
CA PRO A 90 -11.11 9.84 -2.21
C PRO A 90 -11.70 10.72 -3.31
N ARG A 91 -10.88 11.58 -3.90
CA ARG A 91 -11.33 12.47 -4.95
C ARG A 91 -11.26 11.78 -6.32
N THR A 92 -12.20 10.87 -6.57
CA THR A 92 -12.24 10.15 -7.82
C THR A 92 -13.34 10.68 -8.74
N ILE A 93 -13.06 11.83 -9.35
CA ILE A 93 -14.02 12.46 -10.26
C ILE A 93 -13.75 12.07 -11.71
N VAL A 94 -14.76 12.19 -12.55
CA VAL A 94 -14.62 11.85 -13.97
C VAL A 94 -13.45 12.59 -14.60
N PRO A 95 -12.91 12.02 -15.69
CA PRO A 95 -11.77 12.61 -16.40
C PRO A 95 -12.14 13.90 -17.13
N LYS A 96 -11.39 14.95 -16.86
CA LYS A 96 -11.65 16.25 -17.49
C LYS A 96 -10.37 16.81 -18.11
N SER A 97 -10.47 17.24 -19.36
CA SER A 97 -9.32 17.80 -20.07
C SER A 97 -9.30 19.32 -19.97
N TYR A 98 -10.26 19.96 -20.64
CA TYR A 98 -10.35 21.41 -20.64
C TYR A 98 -11.67 21.87 -21.28
N ALA A 99 -12.39 22.72 -20.55
CA ALA A 99 -13.66 23.23 -21.05
C ALA A 99 -13.45 24.17 -22.23
N ASP A 100 -14.25 23.98 -23.27
CA ASP A 100 -14.16 24.82 -24.47
C ASP A 100 -15.29 24.51 -25.44
N ASN A 101 -15.56 25.44 -26.34
CA ASN A 101 -16.62 25.26 -27.33
C ASN A 101 -16.05 25.19 -28.74
N PHE A 102 -16.59 24.28 -29.54
CA PHE A 102 -16.12 24.09 -30.91
C PHE A 102 -17.11 24.71 -31.90
N THR A 103 -16.61 25.09 -33.07
CA THR A 103 -17.44 25.69 -34.10
C THR A 103 -16.92 25.37 -35.49
N LYS A 104 -17.81 24.93 -36.37
CA LYS A 104 -17.44 24.59 -37.73
C LYS A 104 -18.37 25.27 -38.74
N PRO A 105 -18.26 26.60 -38.86
CA PRO A 105 -19.09 27.38 -39.78
C PRO A 105 -18.73 27.13 -41.23
N ARG A 106 -19.71 27.33 -42.13
CA ARG A 106 -19.49 27.12 -43.55
C ARG A 106 -19.01 28.41 -44.22
N ASP A 107 -18.24 28.25 -45.29
CA ASP A 107 -17.71 29.39 -46.03
C ASP A 107 -18.10 29.32 -47.49
N MET A 108 -17.94 30.44 -48.20
CA MET A 108 -18.27 30.50 -49.62
C MET A 108 -17.03 30.25 -50.48
N MET A 5 -11.49 -5.78 15.54
CA MET A 5 -10.37 -6.52 16.10
C MET A 5 -9.90 -7.62 15.14
N GLN A 6 -8.58 -7.74 15.00
CA GLN A 6 -8.00 -8.75 14.11
C GLN A 6 -6.53 -8.97 14.44
N GLU A 7 -6.15 -10.24 14.59
CA GLU A 7 -4.78 -10.61 14.90
C GLU A 7 -4.55 -12.10 14.73
N GLN A 8 -3.59 -12.46 13.89
CA GLN A 8 -3.27 -13.85 13.64
C GLN A 8 -1.79 -14.14 13.90
N VAL A 9 -1.40 -15.40 13.76
CA VAL A 9 -0.02 -15.80 13.98
C VAL A 9 0.48 -16.71 12.86
N SER A 10 -0.13 -16.57 11.68
CA SER A 10 0.25 -17.37 10.52
C SER A 10 1.06 -16.54 9.53
N ASN A 11 0.41 -15.57 8.89
CA ASN A 11 1.08 -14.71 7.92
C ASN A 11 0.99 -13.25 8.34
N VAL A 12 2.00 -12.48 7.96
CA VAL A 12 2.03 -11.05 8.30
C VAL A 12 0.98 -10.28 7.53
N ARG A 13 0.81 -9.01 7.87
CA ARG A 13 -0.16 -8.16 7.21
C ARG A 13 0.48 -6.88 6.66
N ALA A 14 -0.03 -6.40 5.54
CA ALA A 14 0.51 -5.19 4.92
C ALA A 14 -0.43 -4.02 5.13
N ARG A 15 0.08 -2.97 5.78
CA ARG A 15 -0.71 -1.78 6.05
C ARG A 15 -0.39 -0.67 5.04
N ILE A 16 -1.28 -0.49 4.08
CA ILE A 16 -1.10 0.53 3.06
C ILE A 16 -1.84 1.82 3.42
N TYR A 17 -1.19 2.95 3.16
CA TYR A 17 -1.79 4.25 3.46
C TYR A 17 -1.44 5.27 2.38
N LYS A 18 -2.36 6.19 2.13
CA LYS A 18 -2.16 7.23 1.12
C LYS A 18 -1.96 8.59 1.78
N PRO A 19 -0.69 8.92 2.07
CA PRO A 19 -0.34 10.20 2.71
C PRO A 19 -0.53 11.38 1.76
N ALA A 20 -0.58 12.58 2.33
CA ALA A 20 -0.75 13.79 1.54
C ALA A 20 0.59 14.37 1.13
N LYS A 21 0.56 15.30 0.17
CA LYS A 21 1.78 15.94 -0.31
C LYS A 21 2.34 16.90 0.74
N SER A 22 3.50 17.49 0.42
CA SER A 22 4.14 18.42 1.34
C SER A 22 4.92 19.49 0.56
N THR A 23 5.21 20.60 1.22
CA THR A 23 5.95 21.69 0.60
C THR A 23 7.40 21.72 1.06
N MET A 24 8.32 21.90 0.13
CA MET A 24 9.74 21.95 0.44
C MET A 24 10.15 20.71 1.26
N GLN A 25 9.84 19.54 0.73
CA GLN A 25 10.19 18.29 1.40
C GLN A 25 11.23 17.50 0.60
N SER A 26 12.50 17.83 0.83
CA SER A 26 13.59 17.16 0.13
C SER A 26 14.46 16.37 1.11
N GLY A 27 15.03 15.27 0.62
CA GLY A 27 15.88 14.44 1.47
C GLY A 27 16.80 13.55 0.66
N HIS A 28 16.31 12.37 0.29
CA HIS A 28 17.09 11.43 -0.49
C HIS A 28 16.46 11.18 -1.85
N SER A 29 15.13 11.18 -1.89
CA SER A 29 14.40 10.95 -3.14
C SER A 29 13.03 11.60 -3.09
N LYS A 30 12.65 12.23 -4.20
CA LYS A 30 11.36 12.90 -4.29
C LYS A 30 10.36 12.05 -5.07
N LEU A 31 10.38 10.75 -4.83
CA LEU A 31 9.47 9.84 -5.51
C LEU A 31 8.71 8.97 -4.51
N LYS A 32 7.83 9.61 -3.76
CA LYS A 32 7.02 8.90 -2.76
C LYS A 32 5.60 9.44 -2.72
N ALA A 33 4.62 8.56 -2.86
CA ALA A 33 3.22 8.94 -2.83
C ALA A 33 2.42 8.05 -1.90
N TRP A 34 2.72 6.75 -1.92
CA TRP A 34 2.02 5.80 -1.07
C TRP A 34 2.96 5.25 0.01
N LYS A 35 2.37 4.73 1.08
CA LYS A 35 3.15 4.17 2.18
C LYS A 35 2.69 2.75 2.49
N LEU A 36 3.61 1.95 3.03
CA LEU A 36 3.31 0.56 3.38
C LEU A 36 4.04 0.15 4.65
N GLU A 37 3.33 -0.51 5.55
CA GLU A 37 3.91 -0.97 6.81
C GLU A 37 3.53 -2.41 7.10
N PHE A 38 4.48 -3.32 6.89
CA PHE A 38 4.24 -4.74 7.13
C PHE A 38 4.50 -5.10 8.58
N GLU A 39 3.63 -5.93 9.15
CA GLU A 39 3.78 -6.35 10.54
C GLU A 39 5.06 -7.16 10.74
N PRO A 40 5.51 -7.25 11.99
CA PRO A 40 6.73 -7.98 12.35
C PRO A 40 6.56 -9.49 12.20
N SER A 41 7.60 -10.16 11.69
CA SER A 41 7.55 -11.60 11.50
C SER A 41 8.49 -12.31 12.47
N CYS A 42 9.79 -12.19 12.22
CA CYS A 42 10.79 -12.82 13.08
C CYS A 42 12.18 -12.21 12.84
N THR A 43 13.08 -12.44 13.78
CA THR A 43 14.44 -11.91 13.68
C THR A 43 15.20 -12.57 12.53
N GLN A 44 15.79 -11.74 11.67
CA GLN A 44 16.54 -12.25 10.53
C GLN A 44 17.88 -12.84 10.98
N TYR A 45 18.33 -13.86 10.27
CA TYR A 45 19.59 -14.53 10.61
C TYR A 45 20.77 -13.79 9.97
N THR A 46 21.96 -13.97 10.54
CA THR A 46 23.15 -13.33 10.03
C THR A 46 23.43 -13.73 8.59
N GLU A 47 24.42 -13.09 7.98
CA GLU A 47 24.79 -13.39 6.60
C GLU A 47 26.30 -13.44 6.43
N PRO A 48 26.75 -14.08 5.35
CA PRO A 48 28.18 -14.22 5.05
C PRO A 48 28.82 -12.90 4.65
N LEU A 49 27.98 -11.93 4.27
CA LEU A 49 28.47 -10.62 3.87
C LEU A 49 28.04 -9.55 4.87
N MET A 50 27.90 -9.95 6.13
CA MET A 50 27.50 -9.03 7.19
C MET A 50 28.49 -7.88 7.30
N ASN A 51 28.01 -6.72 7.75
CA ASN A 51 28.85 -5.54 7.92
C ASN A 51 29.49 -5.52 9.30
N TRP A 52 30.82 -5.59 9.34
CA TRP A 52 31.55 -5.56 10.60
C TRP A 52 31.78 -4.14 11.07
N THR A 53 31.97 -3.97 12.38
CA THR A 53 32.19 -2.65 12.96
C THR A 53 30.97 -1.75 12.78
N GLY A 54 29.79 -2.31 13.04
CA GLY A 54 28.57 -1.54 12.90
C GLY A 54 27.69 -1.62 14.13
N SER A 55 26.38 -1.50 13.93
CA SER A 55 25.43 -1.56 15.04
C SER A 55 25.15 -3.00 15.43
N HIS A 56 24.44 -3.18 16.55
CA HIS A 56 24.09 -4.50 17.03
C HIS A 56 22.73 -4.95 16.50
N ASP A 57 22.54 -6.26 16.39
CA ASP A 57 21.29 -6.81 15.90
C ASP A 57 20.17 -6.63 16.92
N THR A 58 18.96 -6.36 16.42
CA THR A 58 17.81 -6.15 17.29
C THR A 58 16.52 -6.09 16.49
N LYS A 59 15.39 -6.21 17.17
CA LYS A 59 14.08 -6.17 16.52
C LYS A 59 13.49 -4.77 16.60
N GLN A 60 13.22 -4.18 15.43
CA GLN A 60 12.64 -2.85 15.38
C GLN A 60 11.70 -2.71 14.19
N GLN A 61 10.46 -2.31 14.45
CA GLN A 61 9.47 -2.14 13.40
C GLN A 61 10.00 -1.22 12.30
N VAL A 62 9.91 -1.69 11.05
CA VAL A 62 10.37 -0.92 9.91
C VAL A 62 9.27 -0.76 8.87
N CYS A 63 9.12 0.45 8.34
CA CYS A 63 8.11 0.72 7.32
C CYS A 63 8.76 1.23 6.03
N LEU A 64 8.07 1.02 4.92
CA LEU A 64 8.57 1.46 3.61
C LEU A 64 7.53 2.30 2.89
N SER A 65 7.95 2.92 1.78
CA SER A 65 7.06 3.76 0.99
C SER A 65 7.06 3.32 -0.46
N PHE A 66 5.88 3.35 -1.08
CA PHE A 66 5.75 2.96 -2.48
C PHE A 66 5.44 4.18 -3.36
N THR A 67 5.73 4.05 -4.65
CA THR A 67 5.48 5.14 -5.60
C THR A 67 4.04 5.14 -6.07
N THR A 68 3.53 3.96 -6.41
CA THR A 68 2.16 3.82 -6.88
C THR A 68 1.38 2.84 -6.03
N ARG A 69 0.06 3.00 -5.99
CA ARG A 69 -0.80 2.13 -5.21
C ARG A 69 -0.56 0.67 -5.57
N GLU A 70 -0.65 0.36 -6.86
CA GLU A 70 -0.44 -1.01 -7.33
C GLU A 70 0.90 -1.55 -6.83
N LEU A 71 1.86 -0.66 -6.62
CA LEU A 71 3.18 -1.05 -6.14
C LEU A 71 3.09 -1.66 -4.73
N ALA A 72 2.16 -1.14 -3.93
CA ALA A 72 1.98 -1.63 -2.58
C ALA A 72 1.30 -3.00 -2.57
N ILE A 73 0.20 -3.11 -3.30
CA ILE A 73 -0.54 -4.37 -3.38
C ILE A 73 0.26 -5.44 -4.10
N ALA A 74 1.08 -5.00 -5.07
CA ALA A 74 1.91 -5.93 -5.83
C ALA A 74 2.94 -6.61 -4.93
N TYR A 75 3.29 -5.94 -3.84
CA TYR A 75 4.28 -6.47 -2.90
C TYR A 75 3.65 -7.52 -1.99
N ALA A 76 2.52 -7.16 -1.37
CA ALA A 76 1.82 -8.06 -0.47
C ALA A 76 1.32 -9.30 -1.22
N VAL A 77 0.54 -9.07 -2.28
CA VAL A 77 0.00 -10.16 -3.07
C VAL A 77 1.10 -11.13 -3.51
N ALA A 78 2.29 -10.59 -3.71
CA ALA A 78 3.43 -11.39 -4.13
C ALA A 78 3.63 -12.60 -3.22
N HIS A 79 3.25 -12.43 -1.95
CA HIS A 79 3.37 -13.52 -0.98
C HIS A 79 2.03 -13.82 -0.32
N LYS A 80 0.95 -13.51 -1.03
CA LYS A 80 -0.39 -13.74 -0.52
C LYS A 80 -0.56 -13.14 0.88
N ILE A 81 -0.29 -11.85 1.00
CA ILE A 81 -0.40 -11.15 2.26
C ILE A 81 -1.63 -10.24 2.28
N ASP A 82 -2.28 -10.16 3.43
CA ASP A 82 -3.46 -9.32 3.58
C ASP A 82 -3.09 -7.85 3.59
N TYR A 83 -3.35 -7.17 2.46
CA TYR A 83 -3.03 -5.76 2.33
C TYR A 83 -4.28 -4.90 2.52
N THR A 84 -4.13 -3.82 3.29
CA THR A 84 -5.25 -2.92 3.56
C THR A 84 -4.93 -1.51 3.09
N VAL A 85 -5.76 -0.98 2.20
CA VAL A 85 -5.57 0.37 1.66
C VAL A 85 -6.27 1.40 2.55
N LEU A 86 -5.50 2.36 3.04
CA LEU A 86 -6.05 3.41 3.90
C LEU A 86 -6.05 4.75 3.18
N GLN A 87 -7.25 5.20 2.80
CA GLN A 87 -7.39 6.48 2.09
C GLN A 87 -8.07 7.51 2.99
N ASP A 88 -7.95 8.78 2.61
CA ASP A 88 -8.56 9.87 3.37
C ASP A 88 -10.03 9.61 3.59
N ASN A 89 -10.76 9.38 2.50
CA ASN A 89 -12.20 9.13 2.58
C ASN A 89 -12.57 7.88 1.78
N PRO A 90 -13.75 7.32 2.08
CA PRO A 90 -14.26 6.13 1.40
C PRO A 90 -14.64 6.40 -0.05
N ARG A 91 -15.03 5.34 -0.76
CA ARG A 91 -15.42 5.47 -2.16
C ARG A 91 -16.63 4.59 -2.47
N THR A 92 -17.51 5.08 -3.34
CA THR A 92 -18.71 4.35 -3.72
C THR A 92 -18.51 3.61 -5.03
N ILE A 93 -19.22 2.50 -5.19
CA ILE A 93 -19.12 1.70 -6.40
C ILE A 93 -20.42 1.76 -7.21
N VAL A 94 -20.36 1.28 -8.45
CA VAL A 94 -21.53 1.27 -9.32
C VAL A 94 -21.67 -0.06 -10.05
N PRO A 95 -22.08 -1.09 -9.30
CA PRO A 95 -22.27 -2.45 -9.86
C PRO A 95 -23.46 -2.53 -10.80
N LYS A 96 -23.35 -3.37 -11.82
CA LYS A 96 -24.42 -3.55 -12.78
C LYS A 96 -24.88 -4.99 -12.83
N SER A 97 -25.98 -5.24 -13.55
CA SER A 97 -26.53 -6.59 -13.67
C SER A 97 -27.58 -6.65 -14.78
N TYR A 98 -27.57 -7.75 -15.52
CA TYR A 98 -28.51 -7.93 -16.62
C TYR A 98 -28.62 -9.41 -17.00
N ALA A 99 -29.81 -9.98 -16.78
CA ALA A 99 -30.04 -11.38 -17.10
C ALA A 99 -29.73 -11.67 -18.56
N ASP A 100 -29.01 -12.76 -18.80
CA ASP A 100 -28.63 -13.16 -20.16
C ASP A 100 -29.81 -13.82 -20.86
N ASN A 101 -29.86 -13.67 -22.18
CA ASN A 101 -30.94 -14.26 -22.98
C ASN A 101 -30.82 -15.78 -22.99
N PHE A 102 -31.88 -16.45 -22.54
CA PHE A 102 -31.91 -17.90 -22.50
C PHE A 102 -33.09 -18.45 -23.29
N THR A 103 -32.99 -19.71 -23.69
CA THR A 103 -34.05 -20.35 -24.47
C THR A 103 -34.07 -21.86 -24.23
N LYS A 104 -35.16 -22.50 -24.62
CA LYS A 104 -35.29 -23.94 -24.46
C LYS A 104 -34.85 -24.68 -25.71
N PRO A 105 -34.11 -25.79 -25.52
CA PRO A 105 -33.61 -26.60 -26.62
C PRO A 105 -34.71 -27.36 -27.35
N ARG A 106 -34.34 -28.21 -28.28
CA ARG A 106 -35.30 -28.99 -29.05
C ARG A 106 -35.19 -30.47 -28.71
N ASP A 107 -36.29 -31.06 -28.27
CA ASP A 107 -36.32 -32.48 -27.91
C ASP A 107 -37.27 -33.25 -28.82
N MET A 108 -37.30 -34.56 -28.65
CA MET A 108 -38.16 -35.42 -29.46
C MET A 108 -39.63 -35.26 -29.05
N MET A 5 -16.53 -17.57 12.60
CA MET A 5 -16.51 -18.82 11.84
C MET A 5 -15.29 -18.89 10.94
N GLN A 6 -15.00 -17.79 10.24
CA GLN A 6 -13.85 -17.73 9.35
C GLN A 6 -12.55 -17.96 10.11
N GLU A 7 -11.49 -18.32 9.38
CA GLU A 7 -10.20 -18.56 10.00
C GLU A 7 -9.09 -17.82 9.25
N GLN A 8 -8.21 -17.17 10.00
CA GLN A 8 -7.11 -16.43 9.41
C GLN A 8 -5.86 -17.30 9.27
N VAL A 9 -5.59 -17.75 8.05
CA VAL A 9 -4.43 -18.60 7.79
C VAL A 9 -3.33 -17.82 7.09
N SER A 10 -3.06 -16.61 7.59
CA SER A 10 -2.03 -15.76 7.02
C SER A 10 -0.89 -15.52 8.01
N ASN A 11 0.29 -15.25 7.50
CA ASN A 11 1.46 -15.01 8.35
C ASN A 11 1.50 -13.56 8.79
N VAL A 12 1.79 -12.66 7.86
CA VAL A 12 1.87 -11.23 8.16
C VAL A 12 0.81 -10.45 7.38
N ARG A 13 0.77 -9.14 7.61
CA ARG A 13 -0.19 -8.28 6.93
C ARG A 13 0.47 -6.99 6.47
N ALA A 14 0.01 -6.46 5.34
CA ALA A 14 0.55 -5.23 4.78
C ALA A 14 -0.37 -4.04 5.08
N ARG A 15 0.21 -2.98 5.63
CA ARG A 15 -0.56 -1.79 5.96
C ARG A 15 -0.29 -0.67 4.95
N ILE A 16 -1.21 -0.46 4.03
CA ILE A 16 -1.08 0.58 3.02
C ILE A 16 -1.99 1.77 3.32
N TYR A 17 -1.39 2.93 3.55
CA TYR A 17 -2.14 4.14 3.85
C TYR A 17 -1.56 5.34 3.11
N LYS A 18 -2.41 6.30 2.78
CA LYS A 18 -1.99 7.50 2.08
C LYS A 18 -2.17 8.74 2.95
N PRO A 19 -1.11 9.08 3.71
CA PRO A 19 -1.12 10.24 4.61
C PRO A 19 -1.12 11.56 3.84
N ALA A 20 -1.95 12.49 4.28
CA ALA A 20 -2.03 13.80 3.63
C ALA A 20 -0.80 14.64 3.93
N LYS A 21 -0.34 15.39 2.93
CA LYS A 21 0.84 16.23 3.08
C LYS A 21 0.68 17.53 2.28
N SER A 22 1.12 18.64 2.87
CA SER A 22 1.02 19.94 2.21
C SER A 22 2.41 20.49 1.92
N THR A 23 3.37 19.60 1.68
CA THR A 23 4.73 20.01 1.38
C THR A 23 5.10 19.69 -0.07
N MET A 24 4.57 20.49 -1.00
CA MET A 24 4.84 20.30 -2.41
C MET A 24 6.30 20.60 -2.73
N GLN A 25 7.11 19.55 -2.82
CA GLN A 25 8.52 19.70 -3.13
C GLN A 25 8.72 20.29 -4.52
N SER A 26 9.89 20.89 -4.75
CA SER A 26 10.20 21.49 -6.04
C SER A 26 11.14 20.59 -6.84
N GLY A 27 11.50 21.05 -8.03
CA GLY A 27 12.38 20.28 -8.88
C GLY A 27 11.67 19.11 -9.55
N HIS A 28 11.51 18.02 -8.81
CA HIS A 28 10.84 16.83 -9.34
C HIS A 28 9.35 16.87 -9.05
N SER A 29 8.57 16.23 -9.91
CA SER A 29 7.11 16.20 -9.75
C SER A 29 6.63 14.78 -9.47
N LYS A 30 7.35 14.08 -8.61
CA LYS A 30 7.00 12.71 -8.24
C LYS A 30 7.80 12.24 -7.04
N LEU A 31 7.14 11.55 -6.11
CA LEU A 31 7.80 11.04 -4.92
C LEU A 31 6.89 10.05 -4.18
N LYS A 32 7.42 9.46 -3.11
CA LYS A 32 6.66 8.50 -2.32
C LYS A 32 5.30 9.07 -1.92
N ALA A 33 4.24 8.42 -2.36
CA ALA A 33 2.89 8.86 -2.05
C ALA A 33 2.23 7.92 -1.04
N TRP A 34 2.26 6.62 -1.35
CA TRP A 34 1.66 5.62 -0.48
C TRP A 34 2.66 5.14 0.57
N LYS A 35 2.15 4.70 1.72
CA LYS A 35 3.00 4.22 2.80
C LYS A 35 2.67 2.76 3.14
N LEU A 36 3.64 1.88 2.95
CA LEU A 36 3.45 0.47 3.24
C LEU A 36 4.14 0.09 4.55
N GLU A 37 3.41 -0.62 5.40
CA GLU A 37 3.95 -1.04 6.69
C GLU A 37 3.52 -2.47 7.01
N PHE A 38 4.44 -3.41 6.85
CA PHE A 38 4.17 -4.83 7.12
C PHE A 38 4.36 -5.13 8.60
N GLU A 39 3.44 -5.94 9.15
CA GLU A 39 3.51 -6.32 10.56
C GLU A 39 4.63 -7.31 10.80
N PRO A 40 5.08 -7.42 12.07
CA PRO A 40 6.15 -8.34 12.46
C PRO A 40 5.72 -9.80 12.37
N SER A 41 6.70 -10.68 12.12
CA SER A 41 6.42 -12.11 12.00
C SER A 41 6.80 -12.83 13.28
N CYS A 42 6.64 -14.15 13.28
CA CYS A 42 6.97 -14.96 14.44
C CYS A 42 8.39 -15.54 14.33
N THR A 43 8.64 -16.23 13.23
CA THR A 43 9.95 -16.84 13.00
C THR A 43 11.04 -15.78 12.89
N GLN A 44 12.28 -16.18 13.11
CA GLN A 44 13.41 -15.26 13.04
C GLN A 44 13.90 -15.11 11.61
N TYR A 45 14.47 -13.95 11.30
CA TYR A 45 14.99 -13.68 9.97
C TYR A 45 16.43 -14.15 9.83
N THR A 46 16.90 -14.25 8.59
CA THR A 46 18.27 -14.69 8.32
C THR A 46 19.28 -13.80 9.02
N GLU A 47 20.42 -14.38 9.38
CA GLU A 47 21.47 -13.63 10.06
C GLU A 47 22.06 -12.56 9.14
N PRO A 48 22.72 -11.56 9.73
CA PRO A 48 23.34 -10.46 8.99
C PRO A 48 24.55 -10.91 8.18
N LEU A 49 24.79 -10.24 7.06
CA LEU A 49 25.92 -10.57 6.20
C LEU A 49 26.80 -9.35 5.94
N MET A 50 28.01 -9.58 5.48
CA MET A 50 28.94 -8.49 5.20
C MET A 50 28.51 -7.72 3.95
N ASN A 51 29.22 -6.64 3.66
CA ASN A 51 28.91 -5.81 2.50
C ASN A 51 30.08 -4.92 2.13
N TRP A 52 30.08 -4.41 0.91
CA TRP A 52 31.16 -3.54 0.43
C TRP A 52 30.60 -2.19 0.01
N THR A 53 29.47 -1.80 0.58
CA THR A 53 28.85 -0.53 0.26
C THR A 53 29.72 0.64 0.72
N GLY A 54 29.28 1.85 0.39
CA GLY A 54 30.02 3.04 0.78
C GLY A 54 30.13 3.20 2.28
N SER A 55 29.28 4.04 2.85
CA SER A 55 29.29 4.29 4.28
C SER A 55 27.86 4.27 4.84
N HIS A 56 27.23 3.11 4.78
CA HIS A 56 25.87 2.95 5.28
C HIS A 56 25.87 2.63 6.78
N ASP A 57 25.36 3.57 7.57
CA ASP A 57 25.29 3.39 9.01
C ASP A 57 24.40 2.21 9.38
N THR A 58 24.74 1.53 10.48
CA THR A 58 23.97 0.39 10.93
C THR A 58 22.56 0.80 11.33
N LYS A 59 21.60 0.56 10.43
CA LYS A 59 20.21 0.91 10.69
C LYS A 59 19.28 0.17 9.72
N GLN A 60 18.36 -0.61 10.28
CA GLN A 60 17.41 -1.36 9.47
C GLN A 60 16.09 -0.60 9.33
N GLN A 61 15.60 -0.50 8.10
CA GLN A 61 14.35 0.21 7.83
C GLN A 61 13.17 -0.74 7.95
N VAL A 62 12.16 -0.33 8.73
CA VAL A 62 10.97 -1.14 8.93
C VAL A 62 9.80 -0.63 8.11
N CYS A 63 9.76 0.69 7.93
CA CYS A 63 8.69 1.33 7.15
C CYS A 63 9.02 1.31 5.67
N LEU A 64 7.98 1.20 4.84
CA LEU A 64 8.15 1.18 3.39
C LEU A 64 7.29 2.24 2.72
N SER A 65 7.68 2.65 1.52
CA SER A 65 6.94 3.65 0.77
C SER A 65 6.85 3.28 -0.71
N PHE A 66 5.69 3.55 -1.31
CA PHE A 66 5.48 3.24 -2.72
C PHE A 66 4.88 4.44 -3.45
N THR A 67 5.29 4.62 -4.70
CA THR A 67 4.79 5.73 -5.51
C THR A 67 3.34 5.51 -5.91
N THR A 68 3.04 4.31 -6.42
CA THR A 68 1.69 3.97 -6.84
C THR A 68 1.14 2.81 -6.03
N ARG A 69 -0.12 2.45 -6.29
CA ARG A 69 -0.77 1.35 -5.59
C ARG A 69 -0.28 0.01 -6.12
N GLU A 70 -0.28 -0.14 -7.43
CA GLU A 70 0.16 -1.38 -8.06
C GLU A 70 1.51 -1.83 -7.51
N LEU A 71 2.32 -0.85 -7.11
CA LEU A 71 3.65 -1.13 -6.56
C LEU A 71 3.55 -1.57 -5.11
N ALA A 72 2.65 -0.95 -4.36
CA ALA A 72 2.45 -1.28 -2.95
C ALA A 72 1.79 -2.64 -2.79
N ILE A 73 0.54 -2.74 -3.26
CA ILE A 73 -0.21 -3.98 -3.17
C ILE A 73 0.60 -5.16 -3.73
N ALA A 74 1.44 -4.87 -4.72
CA ALA A 74 2.27 -5.90 -5.33
C ALA A 74 3.03 -6.69 -4.27
N TYR A 75 3.65 -5.98 -3.34
CA TYR A 75 4.42 -6.61 -2.28
C TYR A 75 3.59 -7.68 -1.57
N ALA A 76 2.39 -7.30 -1.16
CA ALA A 76 1.49 -8.23 -0.46
C ALA A 76 1.09 -9.38 -1.38
N VAL A 77 0.54 -9.05 -2.54
CA VAL A 77 0.12 -10.07 -3.49
C VAL A 77 1.24 -11.07 -3.78
N ALA A 78 2.48 -10.59 -3.69
CA ALA A 78 3.65 -11.44 -3.93
C ALA A 78 3.58 -12.70 -3.08
N HIS A 79 3.07 -12.58 -1.87
CA HIS A 79 2.95 -13.71 -0.95
C HIS A 79 1.52 -13.86 -0.45
N LYS A 80 0.57 -13.38 -1.24
CA LYS A 80 -0.84 -13.46 -0.88
C LYS A 80 -1.08 -12.89 0.51
N ILE A 81 -0.49 -11.73 0.78
CA ILE A 81 -0.63 -11.07 2.08
C ILE A 81 -1.81 -10.11 2.07
N ASP A 82 -2.53 -10.06 3.19
CA ASP A 82 -3.69 -9.18 3.32
C ASP A 82 -3.24 -7.72 3.41
N TYR A 83 -3.47 -6.96 2.34
CA TYR A 83 -3.09 -5.56 2.31
C TYR A 83 -4.30 -4.67 2.54
N THR A 84 -4.18 -3.71 3.46
CA THR A 84 -5.26 -2.80 3.78
C THR A 84 -4.99 -1.41 3.20
N VAL A 85 -6.00 -0.82 2.57
CA VAL A 85 -5.87 0.50 1.98
C VAL A 85 -6.60 1.55 2.81
N LEU A 86 -5.84 2.43 3.45
CA LEU A 86 -6.41 3.48 4.28
C LEU A 86 -6.24 4.84 3.62
N GLN A 87 -7.36 5.49 3.30
CA GLN A 87 -7.34 6.80 2.67
C GLN A 87 -8.01 7.84 3.55
N ASP A 88 -7.42 9.03 3.63
CA ASP A 88 -7.97 10.11 4.44
C ASP A 88 -7.86 11.44 3.71
N ASN A 89 -8.97 12.16 3.62
CA ASN A 89 -9.00 13.46 2.95
C ASN A 89 -8.46 13.34 1.53
N PRO A 90 -9.27 12.74 0.64
CA PRO A 90 -8.90 12.55 -0.77
C PRO A 90 -8.87 13.86 -1.53
N ARG A 91 -7.79 14.08 -2.29
CA ARG A 91 -7.64 15.31 -3.08
C ARG A 91 -7.19 14.98 -4.49
N THR A 92 -7.80 15.64 -5.47
CA THR A 92 -7.47 15.42 -6.86
C THR A 92 -7.91 16.60 -7.73
N ILE A 93 -7.05 17.02 -8.64
CA ILE A 93 -7.35 18.14 -9.53
C ILE A 93 -6.69 17.96 -10.89
N VAL A 94 -7.10 18.77 -11.85
CA VAL A 94 -6.54 18.69 -13.20
C VAL A 94 -6.10 20.07 -13.69
N PRO A 95 -5.00 20.58 -13.11
CA PRO A 95 -4.45 21.89 -13.47
C PRO A 95 -3.84 21.90 -14.87
N LYS A 96 -3.98 23.03 -15.56
CA LYS A 96 -3.44 23.17 -16.91
C LYS A 96 -2.02 23.72 -16.87
N SER A 97 -1.04 22.81 -16.84
CA SER A 97 0.37 23.21 -16.81
C SER A 97 0.71 24.11 -17.99
N TYR A 98 1.19 25.31 -17.69
CA TYR A 98 1.55 26.26 -18.73
C TYR A 98 2.54 27.30 -18.19
N ALA A 99 3.77 27.25 -18.71
CA ALA A 99 4.80 28.19 -18.29
C ALA A 99 4.34 29.63 -18.44
N ASP A 100 4.99 30.53 -17.72
CA ASP A 100 4.65 31.95 -17.77
C ASP A 100 5.89 32.80 -18.06
N ASN A 101 5.85 33.54 -19.16
CA ASN A 101 6.97 34.40 -19.55
C ASN A 101 8.22 33.56 -19.79
N PHE A 102 8.03 32.34 -20.26
CA PHE A 102 9.15 31.44 -20.54
C PHE A 102 9.39 31.33 -22.05
N THR A 103 10.51 31.88 -22.50
CA THR A 103 10.87 31.84 -23.92
C THR A 103 12.32 31.43 -24.12
N LYS A 104 12.55 30.56 -25.09
CA LYS A 104 13.90 30.09 -25.38
C LYS A 104 14.12 29.98 -26.89
N PRO A 105 14.27 31.13 -27.55
CA PRO A 105 14.49 31.20 -29.00
C PRO A 105 15.87 30.68 -29.38
N ARG A 106 16.10 30.56 -30.69
CA ARG A 106 17.38 30.07 -31.20
C ARG A 106 18.23 31.23 -31.72
N ASP A 107 19.24 31.60 -30.94
CA ASP A 107 20.13 32.69 -31.33
C ASP A 107 21.57 32.39 -30.91
N MET A 108 22.52 32.80 -31.76
CA MET A 108 23.93 32.57 -31.48
C MET A 108 24.51 33.72 -30.65
N MET A 5 -12.10 -8.51 23.77
CA MET A 5 -12.07 -9.51 22.71
C MET A 5 -10.67 -9.61 22.10
N GLN A 6 -10.14 -10.82 22.01
CA GLN A 6 -8.81 -11.04 21.46
C GLN A 6 -8.87 -11.97 20.25
N GLU A 7 -7.80 -12.01 19.47
CA GLU A 7 -7.74 -12.86 18.29
C GLU A 7 -6.33 -13.39 18.07
N GLN A 8 -6.16 -14.20 17.03
CA GLN A 8 -4.86 -14.78 16.72
C GLN A 8 -4.43 -14.44 15.29
N VAL A 9 -3.13 -14.46 15.04
CA VAL A 9 -2.60 -14.16 13.72
C VAL A 9 -1.49 -15.12 13.33
N SER A 10 -1.46 -15.51 12.06
CA SER A 10 -0.46 -16.45 11.57
C SER A 10 0.49 -15.75 10.60
N ASN A 11 0.00 -15.49 9.39
CA ASN A 11 0.81 -14.82 8.37
C ASN A 11 0.93 -13.32 8.65
N VAL A 12 1.84 -12.67 7.94
CA VAL A 12 2.04 -11.24 8.11
C VAL A 12 0.89 -10.43 7.55
N ARG A 13 0.99 -9.11 7.63
CA ARG A 13 -0.05 -8.22 7.13
C ARG A 13 0.56 -6.97 6.52
N ALA A 14 -0.09 -6.46 5.47
CA ALA A 14 0.39 -5.25 4.80
C ALA A 14 -0.55 -4.07 5.06
N ARG A 15 0.03 -2.97 5.55
CA ARG A 15 -0.75 -1.78 5.85
C ARG A 15 -0.46 -0.68 4.84
N ILE A 16 -1.39 -0.49 3.90
CA ILE A 16 -1.23 0.54 2.87
C ILE A 16 -1.94 1.83 3.28
N TYR A 17 -1.32 2.95 2.95
CA TYR A 17 -1.88 4.26 3.29
C TYR A 17 -1.63 5.26 2.16
N LYS A 18 -2.69 5.94 1.74
CA LYS A 18 -2.60 6.93 0.67
C LYS A 18 -2.04 8.25 1.20
N PRO A 19 -1.39 9.01 0.31
CA PRO A 19 -0.80 10.31 0.67
C PRO A 19 -1.85 11.37 0.94
N ALA A 20 -1.46 12.40 1.70
CA ALA A 20 -2.38 13.48 2.04
C ALA A 20 -2.74 14.30 0.81
N LYS A 21 -3.82 15.07 0.93
CA LYS A 21 -4.28 15.91 -0.18
C LYS A 21 -3.45 17.18 -0.28
N SER A 22 -3.05 17.71 0.88
CA SER A 22 -2.26 18.93 0.92
C SER A 22 -0.82 18.63 1.34
N THR A 23 -0.01 18.19 0.37
CA THR A 23 1.38 17.87 0.63
C THR A 23 2.30 19.01 0.22
N MET A 24 1.84 20.25 0.40
CA MET A 24 2.61 21.42 0.05
C MET A 24 3.24 22.04 1.29
N GLN A 25 4.14 21.31 1.93
CA GLN A 25 4.81 21.79 3.12
C GLN A 25 6.25 22.20 2.81
N SER A 26 7.00 21.29 2.20
CA SER A 26 8.38 21.56 1.84
C SER A 26 8.58 21.59 0.33
N GLY A 27 8.52 20.41 -0.29
CA GLY A 27 8.68 20.33 -1.73
C GLY A 27 8.11 19.05 -2.30
N HIS A 28 8.41 18.78 -3.57
CA HIS A 28 7.92 17.58 -4.24
C HIS A 28 9.08 16.77 -4.82
N SER A 29 8.98 15.45 -4.69
CA SER A 29 10.03 14.56 -5.20
C SER A 29 9.42 13.35 -5.90
N LYS A 30 10.27 12.47 -6.39
CA LYS A 30 9.82 11.26 -7.08
C LYS A 30 10.47 10.01 -6.49
N LEU A 31 10.54 9.97 -5.16
CA LEU A 31 11.13 8.82 -4.47
C LEU A 31 10.05 7.90 -3.92
N LYS A 32 8.90 8.47 -3.60
CA LYS A 32 7.78 7.70 -3.06
C LYS A 32 6.54 8.57 -2.91
N ALA A 33 5.37 7.95 -2.97
CA ALA A 33 4.12 8.67 -2.82
C ALA A 33 3.20 7.98 -1.82
N TRP A 34 3.09 6.66 -1.94
CA TRP A 34 2.24 5.87 -1.04
C TRP A 34 3.07 5.28 0.10
N LYS A 35 2.39 4.96 1.20
CA LYS A 35 3.05 4.39 2.36
C LYS A 35 2.63 2.93 2.56
N LEU A 36 3.60 2.09 2.92
CA LEU A 36 3.33 0.67 3.14
C LEU A 36 4.02 0.18 4.40
N GLU A 37 3.26 -0.50 5.26
CA GLU A 37 3.81 -1.02 6.51
C GLU A 37 3.49 -2.51 6.65
N PHE A 38 4.50 -3.35 6.41
CA PHE A 38 4.33 -4.79 6.51
C PHE A 38 4.88 -5.31 7.84
N GLU A 39 4.09 -6.16 8.51
CA GLU A 39 4.51 -6.72 9.79
C GLU A 39 5.74 -7.61 9.61
N PRO A 40 6.46 -7.85 10.72
CA PRO A 40 7.66 -8.68 10.73
C PRO A 40 7.35 -10.16 10.49
N SER A 41 8.32 -10.88 9.94
CA SER A 41 8.14 -12.31 9.67
C SER A 41 9.30 -13.11 10.25
N CYS A 42 10.48 -12.96 9.67
CA CYS A 42 11.66 -13.67 10.14
C CYS A 42 12.93 -12.88 9.84
N THR A 43 14.04 -13.33 10.41
CA THR A 43 15.32 -12.66 10.21
C THR A 43 15.95 -13.05 8.88
N GLN A 44 16.25 -12.05 8.06
CA GLN A 44 16.85 -12.29 6.76
C GLN A 44 17.86 -11.19 6.40
N TYR A 45 18.66 -11.44 5.38
CA TYR A 45 19.67 -10.47 4.95
C TYR A 45 19.54 -10.20 3.45
N THR A 46 18.71 -9.21 3.10
CA THR A 46 18.51 -8.85 1.71
C THR A 46 19.24 -7.56 1.36
N GLU A 47 20.12 -7.12 2.26
CA GLU A 47 20.89 -5.90 2.05
C GLU A 47 21.81 -6.04 0.85
N PRO A 48 21.88 -4.98 0.02
CA PRO A 48 22.72 -4.95 -1.17
C PRO A 48 24.21 -4.91 -0.83
N LEU A 49 25.03 -5.50 -1.68
CA LEU A 49 26.47 -5.52 -1.47
C LEU A 49 27.19 -4.79 -2.59
N MET A 50 26.52 -3.81 -3.18
CA MET A 50 27.10 -3.03 -4.27
C MET A 50 27.23 -1.56 -3.87
N ASN A 51 27.38 -1.31 -2.57
CA ASN A 51 27.51 0.05 -2.06
C ASN A 51 28.98 0.43 -1.91
N TRP A 52 29.69 0.49 -3.03
CA TRP A 52 31.11 0.85 -3.02
C TRP A 52 31.33 2.16 -2.26
N THR A 53 30.60 3.19 -2.65
CA THR A 53 30.72 4.49 -2.02
C THR A 53 29.85 4.59 -0.77
N GLY A 54 30.47 4.38 0.39
CA GLY A 54 29.73 4.44 1.64
C GLY A 54 30.03 3.26 2.55
N SER A 55 30.08 3.53 3.85
CA SER A 55 30.38 2.48 4.83
C SER A 55 29.20 1.50 4.95
N HIS A 56 29.44 0.40 5.65
CA HIS A 56 28.41 -0.62 5.83
C HIS A 56 27.30 -0.11 6.76
N ASP A 57 26.06 -0.24 6.31
CA ASP A 57 24.91 0.21 7.09
C ASP A 57 24.43 -0.89 8.02
N THR A 58 24.03 -2.02 7.44
CA THR A 58 23.55 -3.15 8.23
C THR A 58 22.39 -2.74 9.12
N LYS A 59 21.47 -1.95 8.59
CA LYS A 59 20.32 -1.48 9.34
C LYS A 59 19.02 -1.73 8.57
N GLN A 60 18.03 -2.29 9.26
CA GLN A 60 16.74 -2.58 8.62
C GLN A 60 15.70 -1.55 9.05
N GLN A 61 14.50 -1.66 8.46
CA GLN A 61 13.41 -0.74 8.76
C GLN A 61 12.06 -1.44 8.63
N VAL A 62 11.03 -0.82 9.19
CA VAL A 62 9.68 -1.38 9.13
C VAL A 62 8.80 -0.59 8.17
N CYS A 63 9.06 0.72 8.08
CA CYS A 63 8.30 1.58 7.20
C CYS A 63 8.84 1.53 5.78
N LEU A 64 8.01 1.07 4.85
CA LEU A 64 8.41 0.97 3.44
C LEU A 64 7.54 1.85 2.56
N SER A 65 8.16 2.72 1.78
CA SER A 65 7.44 3.61 0.89
C SER A 65 7.39 3.05 -0.53
N PHE A 66 6.36 3.44 -1.28
CA PHE A 66 6.19 2.97 -2.64
C PHE A 66 5.76 4.11 -3.55
N THR A 67 6.01 3.96 -4.85
CA THR A 67 5.64 4.98 -5.83
C THR A 67 4.14 5.15 -5.90
N THR A 68 3.42 4.05 -6.12
CA THR A 68 1.96 4.10 -6.21
C THR A 68 1.33 2.93 -5.47
N ARG A 69 0.03 3.00 -5.25
CA ARG A 69 -0.70 1.94 -4.56
C ARG A 69 -0.44 0.58 -5.21
N GLU A 70 -0.43 0.57 -6.53
CA GLU A 70 -0.20 -0.67 -7.28
C GLU A 70 1.07 -1.36 -6.80
N LEU A 71 2.07 -0.57 -6.43
CA LEU A 71 3.33 -1.10 -5.95
C LEU A 71 3.16 -1.80 -4.61
N ALA A 72 2.31 -1.22 -3.75
CA ALA A 72 2.06 -1.78 -2.43
C ALA A 72 1.33 -3.13 -2.55
N ILE A 73 0.14 -3.10 -3.14
CA ILE A 73 -0.66 -4.31 -3.31
C ILE A 73 0.14 -5.39 -4.04
N ALA A 74 0.96 -4.97 -4.99
CA ALA A 74 1.78 -5.90 -5.76
C ALA A 74 2.85 -6.55 -4.88
N TYR A 75 3.21 -5.87 -3.80
CA TYR A 75 4.22 -6.38 -2.88
C TYR A 75 3.62 -7.42 -1.94
N ALA A 76 2.46 -7.10 -1.38
CA ALA A 76 1.79 -8.02 -0.45
C ALA A 76 1.30 -9.26 -1.19
N VAL A 77 0.50 -9.05 -2.24
CA VAL A 77 -0.04 -10.16 -3.01
C VAL A 77 1.07 -11.10 -3.46
N ALA A 78 2.25 -10.55 -3.71
CA ALA A 78 3.40 -11.34 -4.14
C ALA A 78 3.63 -12.53 -3.21
N HIS A 79 3.27 -12.35 -1.94
CA HIS A 79 3.45 -13.40 -0.94
C HIS A 79 2.12 -13.75 -0.29
N LYS A 80 1.02 -13.49 -1.01
CA LYS A 80 -0.32 -13.78 -0.49
C LYS A 80 -0.50 -13.17 0.90
N ILE A 81 -0.29 -11.87 1.01
CA ILE A 81 -0.44 -11.17 2.27
C ILE A 81 -1.67 -10.27 2.27
N ASP A 82 -2.35 -10.20 3.40
CA ASP A 82 -3.55 -9.37 3.52
C ASP A 82 -3.19 -7.89 3.54
N TYR A 83 -3.43 -7.21 2.43
CA TYR A 83 -3.13 -5.79 2.32
C TYR A 83 -4.38 -4.94 2.51
N THR A 84 -4.30 -3.93 3.37
CA THR A 84 -5.42 -3.05 3.64
C THR A 84 -5.14 -1.64 3.14
N VAL A 85 -6.03 -1.12 2.31
CA VAL A 85 -5.89 0.22 1.76
C VAL A 85 -6.51 1.26 2.69
N LEU A 86 -5.68 2.12 3.24
CA LEU A 86 -6.14 3.17 4.15
C LEU A 86 -6.25 4.50 3.42
N GLN A 87 -7.47 5.04 3.36
CA GLN A 87 -7.71 6.32 2.70
C GLN A 87 -8.42 7.29 3.64
N ASP A 88 -8.04 8.56 3.55
CA ASP A 88 -8.63 9.59 4.40
C ASP A 88 -9.68 10.39 3.62
N ASN A 89 -10.74 10.78 4.32
CA ASN A 89 -11.82 11.54 3.70
C ASN A 89 -12.45 10.77 2.54
N PRO A 90 -13.17 9.68 2.87
CA PRO A 90 -13.83 8.84 1.87
C PRO A 90 -15.01 9.55 1.20
N ARG A 91 -15.18 9.27 -0.09
CA ARG A 91 -16.27 9.88 -0.85
C ARG A 91 -17.08 8.82 -1.60
N THR A 92 -18.39 8.80 -1.35
CA THR A 92 -19.27 7.83 -1.99
C THR A 92 -19.54 8.22 -3.44
N ILE A 93 -18.95 7.48 -4.37
CA ILE A 93 -19.14 7.75 -5.79
C ILE A 93 -20.08 6.73 -6.42
N VAL A 94 -20.47 6.98 -7.67
CA VAL A 94 -21.36 6.08 -8.39
C VAL A 94 -20.85 5.81 -9.80
N PRO A 95 -19.85 4.93 -9.91
CA PRO A 95 -19.24 4.56 -11.19
C PRO A 95 -20.18 3.73 -12.05
N LYS A 96 -20.80 4.39 -13.04
CA LYS A 96 -21.74 3.71 -13.93
C LYS A 96 -21.06 2.52 -14.62
N SER A 97 -21.81 1.45 -14.81
CA SER A 97 -21.29 0.25 -15.47
C SER A 97 -21.27 0.42 -16.98
N TYR A 98 -20.22 -0.12 -17.61
CA TYR A 98 -20.09 -0.03 -19.05
C TYR A 98 -19.01 -1.00 -19.56
N ALA A 99 -19.37 -1.80 -20.55
CA ALA A 99 -18.44 -2.77 -21.13
C ALA A 99 -17.79 -2.22 -22.39
N ASP A 100 -16.55 -2.62 -22.63
CA ASP A 100 -15.82 -2.16 -23.82
C ASP A 100 -14.77 -3.18 -24.23
N ASN A 101 -14.55 -3.30 -25.54
CA ASN A 101 -13.58 -4.24 -26.07
C ASN A 101 -12.16 -3.86 -25.67
N PHE A 102 -11.57 -4.63 -24.77
CA PHE A 102 -10.21 -4.36 -24.30
C PHE A 102 -9.19 -4.64 -25.40
N THR A 103 -8.36 -3.65 -25.70
CA THR A 103 -7.34 -3.78 -26.72
C THR A 103 -6.37 -4.91 -26.40
N LYS A 104 -6.24 -5.86 -27.33
CA LYS A 104 -5.36 -7.00 -27.15
C LYS A 104 -4.36 -7.10 -28.30
N PRO A 105 -3.42 -6.14 -28.35
CA PRO A 105 -2.39 -6.10 -29.40
C PRO A 105 -1.37 -7.24 -29.26
N ARG A 106 -0.54 -7.41 -30.28
CA ARG A 106 0.48 -8.46 -30.27
C ARG A 106 1.88 -7.85 -30.31
N ASP A 107 2.66 -8.13 -29.28
CA ASP A 107 4.03 -7.62 -29.19
C ASP A 107 4.84 -8.39 -28.15
N MET A 108 6.02 -8.83 -28.55
CA MET A 108 6.90 -9.58 -27.66
C MET A 108 6.25 -10.88 -27.23
N MET A 5 -13.04 -6.42 16.48
CA MET A 5 -12.96 -5.58 15.29
C MET A 5 -11.67 -5.83 14.53
N GLN A 6 -10.63 -6.24 15.24
CA GLN A 6 -9.34 -6.52 14.63
C GLN A 6 -9.33 -7.90 13.98
N GLU A 7 -8.76 -7.98 12.78
CA GLU A 7 -8.69 -9.24 12.05
C GLU A 7 -7.49 -10.07 12.52
N GLN A 8 -7.78 -11.28 12.97
CA GLN A 8 -6.73 -12.18 13.45
C GLN A 8 -6.12 -12.97 12.30
N VAL A 9 -4.81 -13.19 12.37
CA VAL A 9 -4.11 -13.94 11.32
C VAL A 9 -2.70 -14.32 11.77
N SER A 10 -2.25 -15.49 11.35
CA SER A 10 -0.92 -15.97 11.70
C SER A 10 0.17 -15.17 10.99
N ASN A 11 0.23 -15.33 9.67
CA ASN A 11 1.22 -14.62 8.87
C ASN A 11 1.12 -13.11 9.08
N VAL A 12 2.09 -12.37 8.55
CA VAL A 12 2.09 -10.91 8.67
C VAL A 12 1.06 -10.27 7.75
N ARG A 13 0.98 -8.95 7.78
CA ARG A 13 0.05 -8.22 6.94
C ARG A 13 0.65 -6.91 6.44
N ALA A 14 0.14 -6.42 5.33
CA ALA A 14 0.64 -5.18 4.74
C ALA A 14 -0.30 -4.01 5.03
N ARG A 15 0.22 -2.99 5.70
CA ARG A 15 -0.58 -1.82 6.05
C ARG A 15 -0.34 -0.68 5.05
N ILE A 16 -1.29 -0.50 4.14
CA ILE A 16 -1.19 0.56 3.14
C ILE A 16 -2.07 1.75 3.49
N TYR A 17 -1.53 2.95 3.30
CA TYR A 17 -2.27 4.16 3.60
C TYR A 17 -1.65 5.36 2.87
N LYS A 18 -2.50 6.29 2.45
CA LYS A 18 -2.05 7.49 1.75
C LYS A 18 -2.36 8.74 2.56
N PRO A 19 -1.39 9.67 2.61
CA PRO A 19 -1.54 10.93 3.34
C PRO A 19 -2.55 11.86 2.68
N ALA A 20 -2.89 12.94 3.38
CA ALA A 20 -3.84 13.92 2.87
C ALA A 20 -3.17 15.26 2.61
N LYS A 21 -3.85 16.13 1.87
CA LYS A 21 -3.31 17.44 1.54
C LYS A 21 -3.09 18.26 2.81
N SER A 22 -1.84 18.68 3.02
CA SER A 22 -1.49 19.47 4.19
C SER A 22 -1.91 20.92 4.02
N THR A 23 -1.73 21.72 5.07
CA THR A 23 -2.10 23.13 5.03
C THR A 23 -0.92 24.01 5.45
N MET A 24 0.29 23.53 5.20
CA MET A 24 1.49 24.28 5.54
C MET A 24 2.04 25.02 4.34
N GLN A 25 1.92 24.41 3.17
CA GLN A 25 2.41 25.00 1.93
C GLN A 25 3.89 25.33 2.04
N SER A 26 4.61 24.56 2.84
CA SER A 26 6.04 24.78 3.04
C SER A 26 6.84 24.18 1.88
N GLY A 27 6.76 22.85 1.75
CA GLY A 27 7.49 22.18 0.68
C GLY A 27 6.64 21.15 -0.03
N HIS A 28 7.20 20.53 -1.06
CA HIS A 28 6.48 19.52 -1.84
C HIS A 28 7.43 18.41 -2.29
N SER A 29 6.86 17.33 -2.80
CA SER A 29 7.65 16.19 -3.27
C SER A 29 6.78 15.17 -3.98
N LYS A 30 7.29 14.64 -5.08
CA LYS A 30 6.55 13.64 -5.86
C LYS A 30 7.31 12.32 -5.92
N LEU A 31 8.01 12.00 -4.84
CA LEU A 31 8.78 10.77 -4.77
C LEU A 31 7.99 9.66 -4.07
N LYS A 32 7.24 10.06 -3.05
CA LYS A 32 6.43 9.11 -2.29
C LYS A 32 4.98 9.58 -2.20
N ALA A 33 4.06 8.72 -2.65
CA ALA A 33 2.64 9.05 -2.62
C ALA A 33 1.88 8.12 -1.68
N TRP A 34 2.20 6.84 -1.74
CA TRP A 34 1.55 5.84 -0.89
C TRP A 34 2.52 5.28 0.13
N LYS A 35 2.02 4.96 1.32
CA LYS A 35 2.85 4.40 2.38
C LYS A 35 2.48 2.95 2.65
N LEU A 36 3.49 2.14 2.95
CA LEU A 36 3.27 0.73 3.23
C LEU A 36 4.07 0.28 4.45
N GLU A 37 3.39 -0.33 5.41
CA GLU A 37 4.04 -0.81 6.63
C GLU A 37 3.63 -2.24 6.94
N PHE A 38 4.57 -3.17 6.74
CA PHE A 38 4.30 -4.58 7.00
C PHE A 38 4.56 -4.92 8.46
N GLU A 39 3.68 -5.74 9.03
CA GLU A 39 3.81 -6.14 10.42
C GLU A 39 5.13 -6.88 10.66
N PRO A 40 5.56 -6.94 11.93
CA PRO A 40 6.80 -7.61 12.32
C PRO A 40 6.71 -9.13 12.17
N SER A 41 7.86 -9.78 12.14
CA SER A 41 7.91 -11.23 12.00
C SER A 41 9.24 -11.78 12.51
N CYS A 42 9.17 -12.64 13.53
CA CYS A 42 10.37 -13.23 14.10
C CYS A 42 10.95 -14.29 13.18
N THR A 43 12.15 -14.02 12.66
CA THR A 43 12.81 -14.95 11.76
C THR A 43 14.16 -15.39 12.32
N GLN A 44 14.70 -16.46 11.75
CA GLN A 44 16.00 -16.99 12.20
C GLN A 44 16.99 -17.04 11.04
N TYR A 45 16.85 -16.12 10.10
CA TYR A 45 17.74 -16.05 8.95
C TYR A 45 18.08 -14.61 8.59
N THR A 46 19.31 -14.39 8.15
CA THR A 46 19.75 -13.06 7.77
C THR A 46 19.70 -12.86 6.26
N GLU A 47 19.39 -11.63 5.84
CA GLU A 47 19.30 -11.31 4.42
C GLU A 47 19.56 -9.83 4.19
N PRO A 48 20.82 -9.41 4.35
CA PRO A 48 21.23 -8.02 4.16
C PRO A 48 21.20 -7.59 2.70
N LEU A 49 20.93 -6.32 2.46
CA LEU A 49 20.87 -5.79 1.10
C LEU A 49 21.85 -4.65 0.91
N MET A 50 22.88 -4.89 0.10
CA MET A 50 23.90 -3.88 -0.16
C MET A 50 23.30 -2.70 -0.93
N ASN A 51 22.56 -3.00 -1.98
CA ASN A 51 21.93 -1.97 -2.80
C ASN A 51 20.87 -1.21 -2.00
N TRP A 52 21.04 0.10 -1.89
CA TRP A 52 20.10 0.93 -1.16
C TRP A 52 20.37 2.41 -1.41
N THR A 53 19.29 3.18 -1.59
CA THR A 53 19.41 4.61 -1.84
C THR A 53 19.67 5.38 -0.55
N GLY A 54 20.82 6.05 -0.50
CA GLY A 54 21.18 6.81 0.68
C GLY A 54 22.21 6.11 1.54
N SER A 55 23.37 6.75 1.70
CA SER A 55 24.45 6.18 2.50
C SER A 55 24.13 6.27 4.00
N HIS A 56 23.33 7.26 4.36
CA HIS A 56 22.95 7.47 5.75
C HIS A 56 22.38 6.18 6.35
N ASP A 57 21.73 5.38 5.51
CA ASP A 57 21.15 4.12 5.96
C ASP A 57 21.72 2.95 5.18
N THR A 58 22.12 1.90 5.89
CA THR A 58 22.68 0.71 5.27
C THR A 58 21.95 -0.55 5.71
N LYS A 59 20.69 -0.39 6.10
CA LYS A 59 19.88 -1.51 6.55
C LYS A 59 18.46 -1.43 5.97
N GLN A 60 17.64 -2.43 6.29
CA GLN A 60 16.27 -2.47 5.80
C GLN A 60 15.29 -2.08 6.90
N GLN A 61 14.79 -0.84 6.85
CA GLN A 61 13.85 -0.36 7.85
C GLN A 61 12.52 -1.11 7.75
N VAL A 62 11.71 -1.00 8.80
CA VAL A 62 10.41 -1.66 8.84
C VAL A 62 9.38 -0.89 8.01
N CYS A 63 9.59 0.42 7.88
CA CYS A 63 8.68 1.27 7.12
C CYS A 63 9.02 1.23 5.64
N LEU A 64 8.00 1.07 4.81
CA LEU A 64 8.18 1.03 3.36
C LEU A 64 7.40 2.13 2.67
N SER A 65 7.95 2.65 1.57
CA SER A 65 7.29 3.71 0.82
C SER A 65 7.16 3.33 -0.65
N PHE A 66 5.98 3.58 -1.21
CA PHE A 66 5.72 3.26 -2.61
C PHE A 66 5.06 4.44 -3.31
N THR A 67 5.60 4.81 -4.46
CA THR A 67 5.07 5.92 -5.25
C THR A 67 3.62 5.68 -5.63
N THR A 68 3.34 4.49 -6.16
CA THR A 68 1.99 4.13 -6.58
C THR A 68 1.45 2.97 -5.74
N ARG A 69 0.14 2.96 -5.55
CA ARG A 69 -0.50 1.90 -4.77
C ARG A 69 -0.23 0.53 -5.37
N GLU A 70 -0.31 0.44 -6.69
CA GLU A 70 -0.07 -0.82 -7.40
C GLU A 70 1.27 -1.42 -6.98
N LEU A 71 2.22 -0.56 -6.61
CA LEU A 71 3.54 -1.01 -6.19
C LEU A 71 3.48 -1.67 -4.83
N ALA A 72 2.66 -1.12 -3.94
CA ALA A 72 2.50 -1.67 -2.60
C ALA A 72 1.80 -3.03 -2.64
N ILE A 73 0.56 -3.04 -3.12
CA ILE A 73 -0.21 -4.26 -3.20
C ILE A 73 0.56 -5.35 -3.95
N ALA A 74 1.35 -4.93 -4.94
CA ALA A 74 2.14 -5.87 -5.73
C ALA A 74 3.08 -6.68 -4.84
N TYR A 75 3.44 -6.11 -3.70
CA TYR A 75 4.34 -6.77 -2.76
C TYR A 75 3.59 -7.80 -1.93
N ALA A 76 2.54 -7.36 -1.25
CA ALA A 76 1.73 -8.23 -0.41
C ALA A 76 1.18 -9.42 -1.23
N VAL A 77 0.49 -9.09 -2.32
CA VAL A 77 -0.08 -10.13 -3.18
C VAL A 77 0.96 -11.15 -3.58
N ALA A 78 2.21 -10.70 -3.73
CA ALA A 78 3.30 -11.58 -4.11
C ALA A 78 3.40 -12.77 -3.15
N HIS A 79 2.94 -12.58 -1.93
CA HIS A 79 2.98 -13.64 -0.91
C HIS A 79 1.60 -13.86 -0.31
N LYS A 80 0.57 -13.54 -1.08
CA LYS A 80 -0.81 -13.70 -0.62
C LYS A 80 -1.02 -13.03 0.73
N ILE A 81 -0.29 -11.94 0.97
CA ILE A 81 -0.39 -11.21 2.22
C ILE A 81 -1.61 -10.29 2.22
N ASP A 82 -2.30 -10.23 3.34
CA ASP A 82 -3.49 -9.38 3.48
C ASP A 82 -3.09 -7.91 3.54
N TYR A 83 -3.34 -7.19 2.44
CA TYR A 83 -3.02 -5.78 2.37
C TYR A 83 -4.26 -4.92 2.58
N THR A 84 -4.10 -3.85 3.35
CA THR A 84 -5.21 -2.95 3.64
C THR A 84 -4.92 -1.55 3.12
N VAL A 85 -5.78 -1.05 2.24
CA VAL A 85 -5.61 0.29 1.67
C VAL A 85 -6.41 1.32 2.45
N LEU A 86 -5.71 2.28 3.03
CA LEU A 86 -6.35 3.33 3.82
C LEU A 86 -6.30 4.67 3.08
N GLN A 87 -7.45 5.15 2.63
CA GLN A 87 -7.54 6.40 1.91
C GLN A 87 -8.07 7.51 2.82
N ASP A 88 -7.68 8.75 2.54
CA ASP A 88 -8.12 9.89 3.32
C ASP A 88 -9.63 10.07 3.23
N ASN A 89 -10.19 9.79 2.06
CA ASN A 89 -11.62 9.90 1.83
C ASN A 89 -12.06 9.08 0.63
N PRO A 90 -12.02 7.75 0.78
CA PRO A 90 -12.40 6.83 -0.29
C PRO A 90 -13.91 6.84 -0.56
N ARG A 91 -14.30 6.31 -1.71
CA ARG A 91 -15.72 6.27 -2.07
C ARG A 91 -16.10 4.89 -2.61
N THR A 92 -16.54 4.02 -1.72
CA THR A 92 -16.93 2.66 -2.11
C THR A 92 -18.17 2.69 -3.00
N ILE A 93 -18.04 2.13 -4.20
CA ILE A 93 -19.14 2.08 -5.15
C ILE A 93 -20.24 1.14 -4.67
N VAL A 94 -21.39 1.20 -5.33
CA VAL A 94 -22.52 0.35 -4.97
C VAL A 94 -22.83 0.44 -3.49
N PRO A 95 -23.43 1.58 -3.08
CA PRO A 95 -23.81 1.82 -1.68
C PRO A 95 -24.95 0.93 -1.22
N LYS A 96 -24.61 -0.31 -0.85
CA LYS A 96 -25.60 -1.26 -0.38
C LYS A 96 -25.08 -2.07 0.81
N SER A 97 -25.87 -2.14 1.86
CA SER A 97 -25.49 -2.87 3.07
C SER A 97 -25.30 -4.36 2.77
N TYR A 98 -24.56 -5.04 3.61
CA TYR A 98 -24.30 -6.47 3.44
C TYR A 98 -23.68 -7.08 4.69
N ALA A 99 -24.45 -7.92 5.38
CA ALA A 99 -23.97 -8.57 6.59
C ALA A 99 -23.19 -9.83 6.27
N ASP A 100 -22.72 -10.52 7.30
CA ASP A 100 -21.96 -11.75 7.14
C ASP A 100 -22.32 -12.77 8.20
N ASN A 101 -21.95 -14.03 7.97
CA ASN A 101 -22.23 -15.10 8.92
C ASN A 101 -20.94 -15.70 9.47
N PHE A 102 -20.52 -15.19 10.63
CA PHE A 102 -19.30 -15.67 11.28
C PHE A 102 -19.62 -16.45 12.54
N THR A 103 -18.59 -17.00 13.17
CA THR A 103 -18.76 -17.78 14.39
C THR A 103 -17.89 -17.22 15.52
N LYS A 104 -18.48 -17.05 16.70
CA LYS A 104 -17.76 -16.52 17.85
C LYS A 104 -18.20 -17.23 19.12
N PRO A 105 -17.82 -18.51 19.26
CA PRO A 105 -18.17 -19.32 20.44
C PRO A 105 -17.43 -18.86 21.69
N ARG A 106 -16.18 -18.46 21.52
CA ARG A 106 -15.37 -18.00 22.64
C ARG A 106 -14.39 -16.91 22.20
N ASP A 107 -14.23 -15.90 23.05
CA ASP A 107 -13.33 -14.79 22.75
C ASP A 107 -11.89 -15.14 23.10
N MET A 108 -11.62 -15.27 24.39
CA MET A 108 -10.28 -15.61 24.87
C MET A 108 -9.96 -17.08 24.62
N MET A 5 -9.26 -11.45 16.23
CA MET A 5 -10.55 -12.00 16.63
C MET A 5 -11.31 -12.53 15.42
N GLN A 6 -11.29 -11.76 14.34
CA GLN A 6 -11.98 -12.15 13.11
C GLN A 6 -11.00 -12.29 11.95
N GLU A 7 -11.12 -13.39 11.21
CA GLU A 7 -10.24 -13.64 10.07
C GLU A 7 -8.78 -13.58 10.50
N GLN A 8 -8.41 -14.41 11.47
CA GLN A 8 -7.05 -14.46 11.96
C GLN A 8 -6.15 -15.24 11.01
N VAL A 9 -4.87 -14.89 10.99
CA VAL A 9 -3.91 -15.56 10.13
C VAL A 9 -2.54 -15.67 10.80
N SER A 10 -1.81 -16.73 10.47
CA SER A 10 -0.49 -16.95 11.05
C SER A 10 0.60 -16.37 10.16
N ASN A 11 0.38 -15.15 9.69
CA ASN A 11 1.34 -14.48 8.82
C ASN A 11 1.29 -12.97 9.01
N VAL A 12 2.26 -12.27 8.43
CA VAL A 12 2.32 -10.82 8.53
C VAL A 12 1.29 -10.16 7.62
N ARG A 13 0.94 -8.91 7.93
CA ARG A 13 -0.03 -8.16 7.15
C ARG A 13 0.58 -6.87 6.61
N ALA A 14 0.05 -6.40 5.49
CA ALA A 14 0.53 -5.16 4.88
C ALA A 14 -0.43 -4.01 5.13
N ARG A 15 0.10 -2.91 5.65
CA ARG A 15 -0.71 -1.73 5.94
C ARG A 15 -0.45 -0.62 4.92
N ILE A 16 -1.38 -0.45 3.99
CA ILE A 16 -1.25 0.57 2.97
C ILE A 16 -2.06 1.82 3.31
N TYR A 17 -1.44 2.98 3.15
CA TYR A 17 -2.11 4.24 3.45
C TYR A 17 -1.77 5.30 2.40
N LYS A 18 -2.78 6.09 2.02
CA LYS A 18 -2.60 7.14 1.03
C LYS A 18 -2.67 8.52 1.68
N PRO A 19 -1.50 9.02 2.12
CA PRO A 19 -1.41 10.33 2.77
C PRO A 19 -1.63 11.48 1.78
N ALA A 20 -1.41 11.21 0.50
CA ALA A 20 -1.59 12.22 -0.53
C ALA A 20 -3.05 12.30 -0.97
N LYS A 21 -3.60 13.52 -0.94
CA LYS A 21 -5.00 13.72 -1.32
C LYS A 21 -5.08 14.39 -2.69
N SER A 22 -4.30 15.44 -2.88
CA SER A 22 -4.29 16.17 -4.15
C SER A 22 -2.98 15.94 -4.90
N THR A 23 -2.91 16.44 -6.12
CA THR A 23 -1.72 16.29 -6.94
C THR A 23 -0.56 17.10 -6.39
N MET A 24 0.65 16.60 -6.57
CA MET A 24 1.85 17.29 -6.09
C MET A 24 2.54 18.04 -7.22
N GLN A 25 2.67 19.35 -7.06
CA GLN A 25 3.32 20.18 -8.07
C GLN A 25 4.70 20.64 -7.61
N SER A 26 4.73 21.30 -6.45
CA SER A 26 5.99 21.79 -5.89
C SER A 26 6.83 20.65 -5.35
N GLY A 27 8.14 20.88 -5.23
CA GLY A 27 9.03 19.86 -4.73
C GLY A 27 9.62 19.02 -5.84
N HIS A 28 10.95 18.95 -5.88
CA HIS A 28 11.64 18.17 -6.89
C HIS A 28 12.07 16.81 -6.35
N SER A 29 12.36 16.77 -5.06
CA SER A 29 12.78 15.54 -4.40
C SER A 29 11.61 14.86 -3.70
N LYS A 30 10.42 15.07 -4.22
CA LYS A 30 9.21 14.48 -3.64
C LYS A 30 8.57 13.48 -4.61
N LEU A 31 8.97 12.22 -4.49
CA LEU A 31 8.43 11.17 -5.35
C LEU A 31 7.46 10.28 -4.58
N LYS A 32 7.82 9.95 -3.35
CA LYS A 32 6.98 9.10 -2.51
C LYS A 32 5.55 9.65 -2.44
N ALA A 33 4.59 8.76 -2.32
CA ALA A 33 3.18 9.16 -2.22
C ALA A 33 2.39 8.17 -1.37
N TRP A 34 2.65 6.88 -1.55
CA TRP A 34 1.96 5.85 -0.81
C TRP A 34 2.83 5.30 0.31
N LYS A 35 2.21 4.88 1.41
CA LYS A 35 2.94 4.34 2.54
C LYS A 35 2.57 2.87 2.78
N LEU A 36 3.57 2.06 3.11
CA LEU A 36 3.34 0.64 3.36
C LEU A 36 4.09 0.19 4.63
N GLU A 37 3.36 -0.48 5.52
CA GLU A 37 3.96 -0.96 6.76
C GLU A 37 3.59 -2.42 7.00
N PHE A 38 4.57 -3.30 6.88
CA PHE A 38 4.34 -4.74 7.08
C PHE A 38 4.62 -5.12 8.53
N GLU A 39 3.74 -5.95 9.08
CA GLU A 39 3.88 -6.40 10.47
C GLU A 39 5.21 -7.12 10.67
N PRO A 40 5.90 -6.80 11.77
CA PRO A 40 7.19 -7.41 12.11
C PRO A 40 7.06 -8.89 12.49
N SER A 41 7.81 -9.73 11.79
CA SER A 41 7.77 -11.17 12.05
C SER A 41 8.95 -11.58 12.94
N CYS A 42 10.16 -11.44 12.42
CA CYS A 42 11.36 -11.80 13.16
C CYS A 42 12.43 -10.73 13.03
N THR A 43 13.17 -10.50 14.11
CA THR A 43 14.23 -9.50 14.11
C THR A 43 15.43 -9.96 13.30
N GLN A 44 16.22 -9.01 12.82
CA GLN A 44 17.40 -9.32 12.02
C GLN A 44 17.04 -10.16 10.80
N TYR A 45 15.91 -9.83 10.19
CA TYR A 45 15.45 -10.55 9.01
C TYR A 45 16.44 -10.43 7.87
N THR A 46 16.17 -11.13 6.77
CA THR A 46 17.05 -11.10 5.60
C THR A 46 16.68 -9.94 4.68
N GLU A 47 17.47 -8.88 4.74
CA GLU A 47 17.22 -7.71 3.89
C GLU A 47 17.07 -8.10 2.43
N PRO A 48 16.40 -7.25 1.65
CA PRO A 48 16.17 -7.49 0.23
C PRO A 48 17.45 -7.37 -0.60
N LEU A 49 17.34 -7.65 -1.89
CA LEU A 49 18.50 -7.58 -2.79
C LEU A 49 18.96 -6.14 -2.96
N MET A 50 20.28 -5.96 -3.09
CA MET A 50 20.85 -4.63 -3.27
C MET A 50 20.26 -3.94 -4.49
N ASN A 51 19.81 -2.70 -4.31
CA ASN A 51 19.22 -1.93 -5.41
C ASN A 51 19.83 -0.53 -5.47
N TRP A 52 20.34 -0.17 -6.64
CA TRP A 52 20.95 1.14 -6.84
C TRP A 52 20.14 1.97 -7.84
N THR A 53 19.43 1.29 -8.73
CA THR A 53 18.62 1.96 -9.74
C THR A 53 17.68 2.98 -9.09
N GLY A 54 17.25 2.69 -7.86
CA GLY A 54 16.36 3.59 -7.16
C GLY A 54 16.03 3.11 -5.76
N SER A 55 14.95 3.63 -5.19
CA SER A 55 14.54 3.26 -3.85
C SER A 55 15.68 3.44 -2.86
N HIS A 56 16.51 4.47 -3.10
CA HIS A 56 17.64 4.75 -2.23
C HIS A 56 17.20 5.56 -1.02
N ASP A 57 16.16 6.37 -1.19
CA ASP A 57 15.64 7.20 -0.11
C ASP A 57 15.35 6.34 1.12
N THR A 58 14.72 5.20 0.91
CA THR A 58 14.37 4.30 2.02
C THR A 58 15.48 3.28 2.24
N LYS A 59 16.00 3.23 3.46
CA LYS A 59 17.07 2.30 3.81
C LYS A 59 17.16 2.11 5.32
N GLN A 60 17.24 0.84 5.74
CA GLN A 60 17.33 0.53 7.17
C GLN A 60 16.13 1.09 7.92
N GLN A 61 14.98 1.13 7.25
CA GLN A 61 13.76 1.64 7.88
C GLN A 61 12.66 0.58 7.85
N VAL A 62 12.06 0.34 9.01
CA VAL A 62 10.99 -0.65 9.13
C VAL A 62 9.83 -0.32 8.19
N CYS A 63 9.59 0.98 7.99
CA CYS A 63 8.52 1.42 7.12
C CYS A 63 8.96 1.46 5.67
N LEU A 64 8.12 0.97 4.78
CA LEU A 64 8.43 0.94 3.35
C LEU A 64 7.46 1.81 2.56
N SER A 65 8.00 2.72 1.77
CA SER A 65 7.18 3.62 0.95
C SER A 65 7.02 3.07 -0.46
N PHE A 66 6.07 3.63 -1.19
CA PHE A 66 5.80 3.21 -2.56
C PHE A 66 5.31 4.37 -3.41
N THR A 67 5.77 4.42 -4.66
CA THR A 67 5.37 5.48 -5.58
C THR A 67 3.88 5.41 -5.90
N THR A 68 3.41 4.21 -6.21
CA THR A 68 2.00 4.00 -6.54
C THR A 68 1.44 2.78 -5.83
N ARG A 69 0.15 2.81 -5.53
CA ARG A 69 -0.50 1.69 -4.85
C ARG A 69 -0.24 0.38 -5.58
N GLU A 70 -0.22 0.45 -6.91
CA GLU A 70 0.02 -0.74 -7.73
C GLU A 70 1.31 -1.44 -7.30
N LEU A 71 2.27 -0.65 -6.84
CA LEU A 71 3.55 -1.19 -6.39
C LEU A 71 3.43 -1.83 -5.02
N ALA A 72 2.65 -1.21 -4.15
CA ALA A 72 2.44 -1.72 -2.80
C ALA A 72 1.71 -3.05 -2.82
N ILE A 73 0.46 -3.03 -3.28
CA ILE A 73 -0.35 -4.23 -3.35
C ILE A 73 0.38 -5.35 -4.08
N ALA A 74 1.17 -4.97 -5.09
CA ALA A 74 1.93 -5.93 -5.87
C ALA A 74 2.89 -6.72 -4.98
N TYR A 75 3.41 -6.06 -3.94
CA TYR A 75 4.33 -6.71 -3.01
C TYR A 75 3.60 -7.66 -2.08
N ALA A 76 2.57 -7.16 -1.43
CA ALA A 76 1.77 -7.97 -0.50
C ALA A 76 1.21 -9.19 -1.19
N VAL A 77 0.56 -8.99 -2.33
CA VAL A 77 -0.02 -10.09 -3.09
C VAL A 77 1.03 -11.12 -3.48
N ALA A 78 2.25 -10.64 -3.70
CA ALA A 78 3.35 -11.52 -4.08
C ALA A 78 3.47 -12.69 -3.11
N HIS A 79 3.09 -12.46 -1.85
CA HIS A 79 3.15 -13.50 -0.83
C HIS A 79 1.78 -13.76 -0.23
N LYS A 80 0.74 -13.48 -1.01
CA LYS A 80 -0.63 -13.68 -0.56
C LYS A 80 -0.87 -13.01 0.79
N ILE A 81 -0.19 -11.90 1.02
CA ILE A 81 -0.33 -11.16 2.28
C ILE A 81 -1.57 -10.26 2.25
N ASP A 82 -2.30 -10.24 3.35
CA ASP A 82 -3.49 -9.42 3.46
C ASP A 82 -3.13 -7.94 3.56
N TYR A 83 -3.38 -7.20 2.48
CA TYR A 83 -3.07 -5.78 2.45
C TYR A 83 -4.32 -4.95 2.67
N THR A 84 -4.19 -3.89 3.47
CA THR A 84 -5.32 -3.01 3.77
C THR A 84 -5.09 -1.61 3.21
N VAL A 85 -6.10 -1.08 2.54
CA VAL A 85 -6.00 0.26 1.95
C VAL A 85 -6.66 1.30 2.86
N LEU A 86 -5.87 2.27 3.31
CA LEU A 86 -6.38 3.32 4.17
C LEU A 86 -6.43 4.65 3.43
N GLN A 87 -7.62 5.25 3.39
CA GLN A 87 -7.80 6.53 2.72
C GLN A 87 -8.40 7.57 3.66
N ASP A 88 -7.84 8.78 3.63
CA ASP A 88 -8.31 9.86 4.49
C ASP A 88 -9.74 10.26 4.13
N ASN A 89 -10.62 10.26 5.13
CA ASN A 89 -12.03 10.62 4.91
C ASN A 89 -12.67 9.69 3.88
N PRO A 90 -12.92 8.44 4.28
CA PRO A 90 -13.54 7.44 3.40
C PRO A 90 -15.01 7.75 3.11
N ARG A 91 -15.47 7.32 1.95
CA ARG A 91 -16.86 7.54 1.56
C ARG A 91 -17.34 6.46 0.59
N THR A 92 -18.53 5.95 0.82
CA THR A 92 -19.10 4.91 -0.02
C THR A 92 -19.38 5.44 -1.44
N ILE A 93 -18.78 4.78 -2.43
CA ILE A 93 -18.96 5.19 -3.81
C ILE A 93 -20.29 4.69 -4.37
N VAL A 94 -20.94 5.53 -5.17
CA VAL A 94 -22.22 5.18 -5.76
C VAL A 94 -22.13 5.11 -7.28
N PRO A 95 -21.45 4.06 -7.77
CA PRO A 95 -21.27 3.84 -9.21
C PRO A 95 -22.57 3.45 -9.91
N LYS A 96 -23.25 4.45 -10.45
CA LYS A 96 -24.51 4.21 -11.15
C LYS A 96 -24.35 3.13 -12.22
N SER A 97 -24.99 1.98 -11.98
CA SER A 97 -24.91 0.87 -12.92
C SER A 97 -26.07 -0.11 -12.69
N TYR A 98 -26.29 -1.00 -13.66
CA TYR A 98 -27.36 -1.97 -13.57
C TYR A 98 -27.08 -3.16 -14.49
N ALA A 99 -26.89 -4.33 -13.88
CA ALA A 99 -26.62 -5.55 -14.64
C ALA A 99 -27.92 -6.26 -15.00
N ASP A 100 -27.79 -7.41 -15.67
CA ASP A 100 -28.95 -8.20 -16.07
C ASP A 100 -28.63 -9.69 -16.05
N ASN A 101 -29.63 -10.51 -16.33
CA ASN A 101 -29.45 -11.96 -16.35
C ASN A 101 -30.45 -12.61 -17.30
N PHE A 102 -29.96 -13.07 -18.44
CA PHE A 102 -30.80 -13.72 -19.44
C PHE A 102 -30.67 -15.23 -19.36
N THR A 103 -31.79 -15.91 -19.11
CA THR A 103 -31.80 -17.36 -19.00
C THR A 103 -31.72 -18.01 -20.39
N LYS A 104 -31.54 -19.32 -20.40
CA LYS A 104 -31.44 -20.07 -21.66
C LYS A 104 -31.58 -21.57 -21.41
N PRO A 105 -32.80 -22.00 -21.08
CA PRO A 105 -33.10 -23.42 -20.82
C PRO A 105 -33.03 -24.27 -22.08
N ARG A 106 -32.32 -25.38 -22.00
CA ARG A 106 -32.17 -26.29 -23.14
C ARG A 106 -32.62 -27.70 -22.78
N ASP A 107 -32.56 -28.60 -23.75
CA ASP A 107 -32.96 -29.99 -23.53
C ASP A 107 -31.80 -30.82 -22.99
N MET A 108 -32.13 -31.87 -22.25
CA MET A 108 -31.11 -32.75 -21.68
C MET A 108 -31.64 -34.18 -21.53
N MET A 5 -10.83 -26.69 18.38
CA MET A 5 -10.42 -27.11 17.04
C MET A 5 -10.20 -25.89 16.13
N GLN A 6 -9.09 -25.20 16.34
CA GLN A 6 -8.77 -24.02 15.54
C GLN A 6 -7.39 -24.14 14.91
N GLU A 7 -7.16 -23.39 13.83
CA GLU A 7 -5.89 -23.43 13.14
C GLU A 7 -5.25 -22.04 13.11
N GLN A 8 -3.94 -21.99 12.92
CA GLN A 8 -3.22 -20.73 12.87
C GLN A 8 -1.85 -20.91 12.22
N VAL A 9 -1.49 -19.97 11.35
CA VAL A 9 -0.20 -20.02 10.66
C VAL A 9 0.53 -18.69 10.75
N SER A 10 1.84 -18.75 10.92
CA SER A 10 2.66 -17.53 11.02
C SER A 10 2.64 -16.76 9.71
N ASN A 11 1.85 -15.69 9.67
CA ASN A 11 1.74 -14.86 8.48
C ASN A 11 1.81 -13.37 8.84
N VAL A 12 2.16 -12.55 7.87
CA VAL A 12 2.26 -11.11 8.08
C VAL A 12 1.15 -10.37 7.35
N ARG A 13 1.03 -9.08 7.61
CA ARG A 13 0.01 -8.26 6.97
C ARG A 13 0.61 -6.97 6.42
N ALA A 14 0.02 -6.46 5.34
CA ALA A 14 0.51 -5.23 4.72
C ALA A 14 -0.42 -4.06 5.02
N ARG A 15 0.15 -2.96 5.50
CA ARG A 15 -0.62 -1.77 5.83
C ARG A 15 -0.39 -0.66 4.82
N ILE A 16 -1.36 -0.46 3.93
CA ILE A 16 -1.25 0.57 2.91
C ILE A 16 -1.98 1.85 3.32
N TYR A 17 -1.25 2.95 3.38
CA TYR A 17 -1.83 4.24 3.77
C TYR A 17 -1.71 5.25 2.64
N LYS A 18 -2.77 6.02 2.43
CA LYS A 18 -2.80 7.03 1.37
C LYS A 18 -2.75 8.43 1.97
N PRO A 19 -1.53 8.95 2.17
CA PRO A 19 -1.32 10.29 2.74
C PRO A 19 -1.75 11.39 1.78
N ALA A 20 -2.09 12.55 2.34
CA ALA A 20 -2.52 13.69 1.52
C ALA A 20 -1.50 14.82 1.60
N LYS A 21 -1.48 15.66 0.57
CA LYS A 21 -0.56 16.79 0.52
C LYS A 21 -0.78 17.73 1.71
N SER A 22 0.30 18.33 2.19
CA SER A 22 0.23 19.24 3.32
C SER A 22 0.71 20.64 2.92
N THR A 23 0.21 21.65 3.61
CA THR A 23 0.59 23.04 3.34
C THR A 23 2.11 23.21 3.38
N MET A 24 2.74 22.61 4.39
CA MET A 24 4.18 22.69 4.54
C MET A 24 4.85 21.40 4.08
N GLN A 25 5.46 21.44 2.91
CA GLN A 25 6.14 20.27 2.36
C GLN A 25 7.55 20.14 2.93
N SER A 26 8.43 21.04 2.51
CA SER A 26 9.82 21.03 2.96
C SER A 26 10.48 19.69 2.67
N GLY A 27 10.10 19.08 1.54
CA GLY A 27 10.66 17.81 1.16
C GLY A 27 10.63 17.58 -0.34
N HIS A 28 9.45 17.73 -0.94
CA HIS A 28 9.30 17.55 -2.38
C HIS A 28 9.77 16.16 -2.80
N SER A 29 9.29 15.13 -2.11
CA SER A 29 9.67 13.76 -2.41
C SER A 29 8.54 13.04 -3.16
N LYS A 30 8.38 13.38 -4.43
CA LYS A 30 7.34 12.77 -5.25
C LYS A 30 7.63 11.29 -5.47
N LEU A 31 8.87 10.88 -5.24
CA LEU A 31 9.28 9.49 -5.41
C LEU A 31 8.34 8.56 -4.65
N LYS A 32 7.94 8.97 -3.45
CA LYS A 32 7.04 8.18 -2.62
C LYS A 32 5.73 8.91 -2.38
N ALA A 33 4.62 8.27 -2.77
CA ALA A 33 3.30 8.86 -2.61
C ALA A 33 2.44 8.00 -1.69
N TRP A 34 2.68 6.70 -1.69
CA TRP A 34 1.92 5.78 -0.86
C TRP A 34 2.80 5.19 0.23
N LYS A 35 2.18 4.84 1.35
CA LYS A 35 2.91 4.26 2.48
C LYS A 35 2.59 2.78 2.64
N LEU A 36 3.59 2.00 3.05
CA LEU A 36 3.41 0.56 3.23
C LEU A 36 4.14 0.09 4.49
N GLU A 37 3.41 -0.62 5.34
CA GLU A 37 3.98 -1.13 6.59
C GLU A 37 3.65 -2.61 6.77
N PHE A 38 4.64 -3.46 6.57
CA PHE A 38 4.45 -4.90 6.71
C PHE A 38 4.79 -5.36 8.14
N GLU A 39 3.95 -6.24 8.68
CA GLU A 39 4.17 -6.76 10.03
C GLU A 39 5.54 -7.43 10.15
N PRO A 40 6.24 -7.15 11.25
CA PRO A 40 7.57 -7.72 11.51
C PRO A 40 7.51 -9.22 11.81
N SER A 41 8.44 -9.97 11.22
CA SER A 41 8.48 -11.42 11.42
C SER A 41 9.75 -12.00 10.81
N CYS A 42 9.92 -13.30 10.97
CA CYS A 42 11.10 -13.99 10.44
C CYS A 42 11.11 -13.94 8.91
N THR A 43 12.23 -14.33 8.32
CA THR A 43 12.37 -14.33 6.87
C THR A 43 13.67 -15.01 6.44
N GLN A 44 13.76 -15.35 5.15
CA GLN A 44 14.94 -16.00 4.61
C GLN A 44 16.07 -15.01 4.40
N TYR A 45 17.20 -15.50 3.91
CA TYR A 45 18.35 -14.65 3.66
C TYR A 45 18.25 -13.94 2.31
N THR A 46 18.69 -12.69 2.26
CA THR A 46 18.65 -11.91 1.04
C THR A 46 20.04 -11.69 0.46
N GLU A 47 20.10 -11.36 -0.81
CA GLU A 47 21.38 -11.12 -1.48
C GLU A 47 21.45 -9.68 -2.03
N PRO A 48 22.67 -9.21 -2.28
CA PRO A 48 22.91 -7.87 -2.81
C PRO A 48 22.44 -7.71 -4.25
N LEU A 49 22.13 -6.48 -4.63
CA LEU A 49 21.67 -6.19 -5.99
C LEU A 49 22.70 -6.63 -7.02
N MET A 50 22.23 -6.92 -8.24
CA MET A 50 23.11 -7.34 -9.32
C MET A 50 22.97 -6.43 -10.53
N ASN A 51 23.95 -5.57 -10.74
CA ASN A 51 23.93 -4.65 -11.88
C ASN A 51 22.65 -3.82 -11.87
N TRP A 52 22.18 -3.46 -10.68
CA TRP A 52 20.97 -2.66 -10.54
C TRP A 52 19.77 -3.38 -11.18
N THR A 53 19.68 -4.69 -10.95
CA THR A 53 18.59 -5.49 -11.50
C THR A 53 18.15 -6.56 -10.52
N GLY A 54 16.84 -6.75 -10.41
CA GLY A 54 16.31 -7.74 -9.50
C GLY A 54 15.64 -7.12 -8.29
N SER A 55 16.44 -6.62 -7.35
CA SER A 55 15.92 -6.00 -6.14
C SER A 55 16.47 -4.59 -5.96
N HIS A 56 16.06 -3.94 -4.89
CA HIS A 56 16.51 -2.58 -4.61
C HIS A 56 17.88 -2.58 -3.95
N ASP A 57 18.39 -1.39 -3.63
CA ASP A 57 19.70 -1.27 -3.00
C ASP A 57 19.72 -1.97 -1.65
N THR A 58 20.92 -2.10 -1.08
CA THR A 58 21.08 -2.76 0.21
C THR A 58 20.69 -1.83 1.36
N LYS A 59 19.42 -1.85 1.73
CA LYS A 59 18.93 -1.01 2.81
C LYS A 59 17.77 -1.68 3.54
N GLN A 60 17.41 -1.16 4.71
CA GLN A 60 16.32 -1.71 5.50
C GLN A 60 15.79 -0.67 6.49
N GLN A 61 14.48 -0.46 6.47
CA GLN A 61 13.85 0.50 7.37
C GLN A 61 12.57 -0.08 7.97
N VAL A 62 12.12 0.53 9.06
CA VAL A 62 10.91 0.08 9.74
C VAL A 62 9.69 0.20 8.83
N CYS A 63 9.63 1.30 8.09
CA CYS A 63 8.51 1.54 7.17
C CYS A 63 8.98 1.54 5.72
N LEU A 64 8.12 1.08 4.82
CA LEU A 64 8.45 1.03 3.41
C LEU A 64 7.51 1.92 2.59
N SER A 65 8.10 2.83 1.81
CA SER A 65 7.30 3.74 0.99
C SER A 65 7.24 3.25 -0.45
N PHE A 66 6.27 3.76 -1.20
CA PHE A 66 6.09 3.38 -2.60
C PHE A 66 5.61 4.55 -3.44
N THR A 67 5.77 4.45 -4.76
CA THR A 67 5.35 5.50 -5.67
C THR A 67 3.85 5.46 -5.91
N THR A 68 3.32 4.27 -6.18
CA THR A 68 1.91 4.10 -6.43
C THR A 68 1.35 2.90 -5.66
N ARG A 69 0.03 2.87 -5.50
CA ARG A 69 -0.62 1.77 -4.79
C ARG A 69 -0.33 0.44 -5.46
N GLU A 70 -0.33 0.44 -6.79
CA GLU A 70 -0.08 -0.77 -7.56
C GLU A 70 1.20 -1.45 -7.09
N LEU A 71 2.16 -0.64 -6.64
CA LEU A 71 3.44 -1.16 -6.17
C LEU A 71 3.29 -1.80 -4.79
N ALA A 72 2.46 -1.20 -3.94
CA ALA A 72 2.22 -1.72 -2.61
C ALA A 72 1.49 -3.06 -2.66
N ILE A 73 0.27 -3.04 -3.16
CA ILE A 73 -0.53 -4.26 -3.27
C ILE A 73 0.24 -5.36 -3.97
N ALA A 74 1.06 -4.99 -4.94
CA ALA A 74 1.86 -5.95 -5.69
C ALA A 74 2.83 -6.68 -4.77
N TYR A 75 3.38 -5.97 -3.79
CA TYR A 75 4.33 -6.55 -2.85
C TYR A 75 3.64 -7.57 -1.95
N ALA A 76 2.52 -7.16 -1.35
CA ALA A 76 1.76 -8.04 -0.47
C ALA A 76 1.25 -9.26 -1.21
N VAL A 77 0.49 -9.02 -2.28
CA VAL A 77 -0.06 -10.12 -3.07
C VAL A 77 1.02 -11.09 -3.49
N ALA A 78 2.24 -10.58 -3.66
CA ALA A 78 3.37 -11.42 -4.05
C ALA A 78 3.49 -12.65 -3.15
N HIS A 79 3.07 -12.49 -1.90
CA HIS A 79 3.14 -13.58 -0.94
C HIS A 79 1.77 -13.85 -0.33
N LYS A 80 0.72 -13.52 -1.07
CA LYS A 80 -0.64 -13.73 -0.60
C LYS A 80 -0.84 -13.13 0.79
N ILE A 81 -0.36 -11.89 0.97
CA ILE A 81 -0.49 -11.22 2.25
C ILE A 81 -1.71 -10.29 2.25
N ASP A 82 -2.40 -10.25 3.39
CA ASP A 82 -3.58 -9.40 3.54
C ASP A 82 -3.19 -7.93 3.59
N TYR A 83 -3.42 -7.22 2.50
CA TYR A 83 -3.09 -5.80 2.41
C TYR A 83 -4.34 -4.95 2.62
N THR A 84 -4.20 -3.89 3.42
CA THR A 84 -5.30 -3.00 3.71
C THR A 84 -5.02 -1.59 3.17
N VAL A 85 -5.93 -1.10 2.33
CA VAL A 85 -5.79 0.23 1.74
C VAL A 85 -6.58 1.26 2.52
N LEU A 86 -5.88 2.25 3.07
CA LEU A 86 -6.52 3.31 3.84
C LEU A 86 -6.51 4.63 3.08
N GLN A 87 -7.69 5.12 2.72
CA GLN A 87 -7.81 6.37 1.98
C GLN A 87 -8.81 7.31 2.66
N ASP A 88 -8.47 8.60 2.70
CA ASP A 88 -9.34 9.59 3.32
C ASP A 88 -10.22 10.27 2.28
N ASN A 89 -11.40 10.72 2.70
CA ASN A 89 -12.33 11.39 1.80
C ASN A 89 -12.62 10.53 0.57
N PRO A 90 -13.34 9.42 0.79
CA PRO A 90 -13.70 8.50 -0.29
C PRO A 90 -14.72 9.10 -1.25
N ARG A 91 -14.24 9.56 -2.40
CA ARG A 91 -15.10 10.16 -3.40
C ARG A 91 -15.13 9.32 -4.68
N THR A 92 -16.23 9.41 -5.42
CA THR A 92 -16.37 8.65 -6.66
C THR A 92 -16.49 9.58 -7.86
N ILE A 93 -16.33 9.02 -9.06
CA ILE A 93 -16.42 9.80 -10.29
C ILE A 93 -17.70 9.46 -11.06
N VAL A 94 -18.33 10.49 -11.63
CA VAL A 94 -19.55 10.29 -12.39
C VAL A 94 -19.36 10.74 -13.84
N PRO A 95 -18.62 9.93 -14.61
CA PRO A 95 -18.35 10.21 -16.03
C PRO A 95 -19.59 10.05 -16.90
N LYS A 96 -19.79 11.00 -17.81
CA LYS A 96 -20.93 10.97 -18.72
C LYS A 96 -20.64 10.11 -19.94
N SER A 97 -21.01 8.84 -19.85
CA SER A 97 -20.79 7.91 -20.96
C SER A 97 -21.90 8.04 -22.00
N TYR A 98 -21.55 8.60 -23.16
CA TYR A 98 -22.51 8.79 -24.23
C TYR A 98 -21.80 8.84 -25.59
N ALA A 99 -22.08 7.87 -26.44
CA ALA A 99 -21.47 7.80 -27.77
C ALA A 99 -22.31 8.58 -28.78
N ASP A 100 -22.41 9.89 -28.57
CA ASP A 100 -23.18 10.75 -29.48
C ASP A 100 -22.37 11.06 -30.74
N ASN A 101 -22.38 10.14 -31.68
CA ASN A 101 -21.65 10.32 -32.94
C ASN A 101 -22.49 9.84 -34.13
N PHE A 102 -22.43 10.59 -35.22
CA PHE A 102 -23.17 10.24 -36.43
C PHE A 102 -22.35 10.54 -37.68
N THR A 103 -22.67 9.84 -38.76
CA THR A 103 -21.96 10.03 -40.03
C THR A 103 -22.94 10.27 -41.17
N LYS A 104 -22.40 10.57 -42.35
CA LYS A 104 -23.22 10.83 -43.53
C LYS A 104 -22.59 10.21 -44.77
N PRO A 105 -23.44 9.92 -45.78
CA PRO A 105 -22.99 9.32 -47.04
C PRO A 105 -22.17 10.30 -47.88
N ARG A 106 -21.15 9.78 -48.55
CA ARG A 106 -20.29 10.61 -49.39
C ARG A 106 -20.85 10.71 -50.81
N ASP A 107 -20.14 11.43 -51.67
CA ASP A 107 -20.56 11.60 -53.05
C ASP A 107 -19.47 11.14 -54.01
N MET A 108 -19.85 10.98 -55.29
CA MET A 108 -18.90 10.54 -56.31
C MET A 108 -17.77 11.54 -56.46
N MET A 5 -11.30 -9.35 23.38
CA MET A 5 -11.38 -10.08 22.13
C MET A 5 -10.08 -10.85 21.87
N GLN A 6 -9.92 -11.97 22.56
CA GLN A 6 -8.73 -12.81 22.41
C GLN A 6 -8.62 -13.35 21.00
N GLU A 7 -7.68 -12.81 20.23
CA GLU A 7 -7.48 -13.24 18.85
C GLU A 7 -6.05 -13.74 18.64
N GLN A 8 -5.85 -15.02 18.87
CA GLN A 8 -4.53 -15.62 18.71
C GLN A 8 -4.16 -15.74 17.24
N VAL A 9 -2.96 -15.27 16.90
CA VAL A 9 -2.48 -15.31 15.53
C VAL A 9 -0.97 -15.11 15.46
N SER A 10 -0.33 -15.79 14.51
CA SER A 10 1.11 -15.68 14.35
C SER A 10 1.48 -15.43 12.88
N ASN A 11 0.92 -14.36 12.32
CA ASN A 11 1.19 -14.00 10.94
C ASN A 11 1.36 -12.50 10.79
N VAL A 12 1.90 -12.09 9.65
CA VAL A 12 2.11 -10.66 9.37
C VAL A 12 1.08 -10.13 8.38
N ARG A 13 0.96 -8.81 8.31
CA ARG A 13 0.00 -8.18 7.42
C ARG A 13 0.60 -6.91 6.80
N ALA A 14 0.04 -6.50 5.67
CA ALA A 14 0.52 -5.30 4.98
C ALA A 14 -0.42 -4.11 5.23
N ARG A 15 0.16 -2.99 5.63
CA ARG A 15 -0.62 -1.78 5.90
C ARG A 15 -0.33 -0.71 4.87
N ILE A 16 -1.26 -0.51 3.95
CA ILE A 16 -1.10 0.49 2.91
C ILE A 16 -1.91 1.75 3.23
N TYR A 17 -1.29 2.91 3.06
CA TYR A 17 -1.94 4.18 3.32
C TYR A 17 -1.64 5.21 2.23
N LYS A 18 -2.68 5.88 1.75
CA LYS A 18 -2.53 6.88 0.71
C LYS A 18 -2.14 8.23 1.29
N PRO A 19 -1.44 9.05 0.49
CA PRO A 19 -1.00 10.37 0.92
C PRO A 19 -2.16 11.36 1.07
N ALA A 20 -1.83 12.62 1.34
CA ALA A 20 -2.84 13.65 1.50
C ALA A 20 -3.77 13.73 0.29
N LYS A 21 -5.07 13.75 0.54
CA LYS A 21 -6.05 13.83 -0.54
C LYS A 21 -6.16 15.24 -1.07
N SER A 22 -5.13 15.69 -1.77
CA SER A 22 -5.11 17.04 -2.34
C SER A 22 -4.03 17.15 -3.42
N THR A 23 -4.20 18.15 -4.30
CA THR A 23 -3.24 18.36 -5.37
C THR A 23 -2.43 19.64 -5.15
N MET A 24 -1.14 19.57 -5.45
CA MET A 24 -0.26 20.71 -5.27
C MET A 24 0.55 20.97 -6.55
N GLN A 25 1.30 19.96 -6.98
CA GLN A 25 2.11 20.09 -8.19
C GLN A 25 2.32 18.72 -8.85
N SER A 26 2.25 18.70 -10.18
CA SER A 26 2.42 17.47 -10.92
C SER A 26 3.89 17.25 -11.27
N GLY A 27 4.40 18.03 -12.21
CA GLY A 27 5.79 17.92 -12.62
C GLY A 27 6.15 16.50 -13.02
N HIS A 28 6.89 15.81 -12.17
CA HIS A 28 7.31 14.44 -12.44
C HIS A 28 6.67 13.47 -11.45
N SER A 29 6.77 12.18 -11.75
CA SER A 29 6.19 11.16 -10.89
C SER A 29 7.30 10.30 -10.27
N LYS A 30 8.35 10.95 -9.80
CA LYS A 30 9.48 10.25 -9.18
C LYS A 30 9.58 10.60 -7.70
N LEU A 31 8.47 10.45 -6.98
CA LEU A 31 8.44 10.74 -5.56
C LEU A 31 7.50 9.80 -4.82
N LYS A 32 7.89 9.37 -3.63
CA LYS A 32 7.08 8.47 -2.83
C LYS A 32 5.78 9.14 -2.40
N ALA A 33 4.66 8.53 -2.76
CA ALA A 33 3.35 9.07 -2.41
C ALA A 33 2.61 8.13 -1.45
N TRP A 34 2.68 6.84 -1.73
CA TRP A 34 2.01 5.85 -0.90
C TRP A 34 2.92 5.38 0.22
N LYS A 35 2.32 4.85 1.29
CA LYS A 35 3.09 4.36 2.44
C LYS A 35 2.72 2.93 2.77
N LEU A 36 3.71 2.05 2.76
CA LEU A 36 3.49 0.64 3.05
C LEU A 36 4.26 0.22 4.31
N GLU A 37 3.56 -0.47 5.21
CA GLU A 37 4.16 -0.92 6.46
C GLU A 37 3.68 -2.32 6.82
N PHE A 38 4.59 -3.28 6.80
CA PHE A 38 4.27 -4.66 7.13
C PHE A 38 4.54 -4.96 8.60
N GLU A 39 3.74 -5.86 9.17
CA GLU A 39 3.90 -6.23 10.57
C GLU A 39 5.30 -6.77 10.83
N PRO A 40 5.90 -6.33 11.96
CA PRO A 40 7.24 -6.75 12.35
C PRO A 40 7.29 -8.21 12.79
N SER A 41 8.43 -8.63 13.32
CA SER A 41 8.61 -10.00 13.78
C SER A 41 8.43 -10.98 12.62
N CYS A 42 9.14 -10.73 11.53
CA CYS A 42 9.06 -11.58 10.35
C CYS A 42 9.64 -12.96 10.64
N THR A 43 8.78 -13.92 10.95
CA THR A 43 9.20 -15.28 11.25
C THR A 43 9.20 -16.15 10.00
N GLN A 44 8.37 -15.79 9.03
CA GLN A 44 8.27 -16.54 7.78
C GLN A 44 9.40 -16.17 6.83
N TYR A 45 9.52 -14.87 6.56
CA TYR A 45 10.56 -14.38 5.65
C TYR A 45 11.65 -13.65 6.43
N THR A 46 12.74 -14.35 6.71
CA THR A 46 13.86 -13.77 7.45
C THR A 46 15.16 -13.89 6.66
N GLU A 47 15.11 -13.54 5.37
CA GLU A 47 16.28 -13.61 4.52
C GLU A 47 16.55 -12.26 3.86
N PRO A 48 17.79 -12.07 3.38
CA PRO A 48 18.21 -10.83 2.72
C PRO A 48 17.55 -10.66 1.35
N LEU A 49 17.51 -9.41 0.88
CA LEU A 49 16.91 -9.11 -0.41
C LEU A 49 17.98 -8.77 -1.44
N MET A 50 19.06 -8.15 -0.99
CA MET A 50 20.15 -7.77 -1.87
C MET A 50 21.49 -7.78 -1.12
N ASN A 51 22.55 -8.18 -1.81
CA ASN A 51 23.87 -8.23 -1.21
C ASN A 51 24.91 -7.56 -2.12
N TRP A 52 25.46 -6.45 -1.64
CA TRP A 52 26.46 -5.71 -2.39
C TRP A 52 27.83 -5.77 -1.71
N THR A 53 28.74 -6.54 -2.29
CA THR A 53 30.08 -6.68 -1.73
C THR A 53 30.03 -6.95 -0.23
N GLY A 54 29.37 -8.03 0.16
CA GLY A 54 29.26 -8.36 1.56
C GLY A 54 28.31 -9.53 1.81
N SER A 55 28.65 -10.37 2.78
CA SER A 55 27.82 -11.52 3.10
C SER A 55 26.74 -11.15 4.12
N HIS A 56 25.50 -11.53 3.82
CA HIS A 56 24.38 -11.23 4.70
C HIS A 56 24.32 -9.75 5.03
N ASP A 57 24.59 -8.92 4.02
CA ASP A 57 24.57 -7.47 4.20
C ASP A 57 23.43 -6.84 3.38
N THR A 58 22.35 -6.49 4.06
CA THR A 58 21.20 -5.88 3.40
C THR A 58 20.61 -4.76 4.25
N LYS A 59 19.67 -4.03 3.67
CA LYS A 59 19.02 -2.92 4.36
C LYS A 59 17.51 -3.10 4.39
N GLN A 60 16.95 -3.23 5.58
CA GLN A 60 15.51 -3.41 5.74
C GLN A 60 14.93 -2.36 6.69
N GLN A 61 13.64 -2.09 6.53
CA GLN A 61 12.96 -1.11 7.37
C GLN A 61 11.55 -1.57 7.72
N VAL A 62 11.18 -1.38 8.99
CA VAL A 62 9.86 -1.79 9.45
C VAL A 62 8.76 -1.14 8.59
N CYS A 63 9.02 0.07 8.13
CA CYS A 63 8.07 0.79 7.29
C CYS A 63 8.74 1.36 6.05
N LEU A 64 8.02 1.33 4.93
CA LEU A 64 8.56 1.84 3.67
C LEU A 64 7.50 2.64 2.93
N SER A 65 7.91 3.29 1.84
CA SER A 65 7.00 4.09 1.03
C SER A 65 7.07 3.68 -0.44
N PHE A 66 5.94 3.79 -1.13
CA PHE A 66 5.87 3.43 -2.55
C PHE A 66 5.38 4.61 -3.38
N THR A 67 5.55 4.50 -4.69
CA THR A 67 5.13 5.56 -5.61
C THR A 67 3.64 5.45 -5.93
N THR A 68 3.20 4.24 -6.25
CA THR A 68 1.80 4.00 -6.58
C THR A 68 1.26 2.77 -5.84
N ARG A 69 -0.05 2.70 -5.71
CA ARG A 69 -0.69 1.58 -5.03
C ARG A 69 -0.33 0.25 -5.71
N GLU A 70 -0.31 0.26 -7.04
CA GLU A 70 0.02 -0.93 -7.80
C GLU A 70 1.33 -1.55 -7.32
N LEU A 71 2.23 -0.69 -6.83
CA LEU A 71 3.52 -1.15 -6.34
C LEU A 71 3.39 -1.74 -4.94
N ALA A 72 2.56 -1.12 -4.11
CA ALA A 72 2.34 -1.59 -2.75
C ALA A 72 1.66 -2.96 -2.74
N ILE A 73 0.42 -3.00 -3.22
CA ILE A 73 -0.33 -4.25 -3.27
C ILE A 73 0.47 -5.35 -3.96
N ALA A 74 1.26 -4.97 -4.96
CA ALA A 74 2.08 -5.92 -5.69
C ALA A 74 2.93 -6.75 -4.75
N TYR A 75 3.50 -6.09 -3.74
CA TYR A 75 4.36 -6.77 -2.77
C TYR A 75 3.54 -7.78 -1.95
N ALA A 76 2.45 -7.31 -1.35
CA ALA A 76 1.60 -8.17 -0.54
C ALA A 76 1.10 -9.37 -1.34
N VAL A 77 0.48 -9.09 -2.48
CA VAL A 77 -0.04 -10.15 -3.34
C VAL A 77 1.04 -11.18 -3.66
N ALA A 78 2.29 -10.71 -3.75
CA ALA A 78 3.41 -11.59 -4.04
C ALA A 78 3.43 -12.79 -3.11
N HIS A 79 2.99 -12.59 -1.87
CA HIS A 79 2.95 -13.66 -0.88
C HIS A 79 1.55 -13.84 -0.33
N LYS A 80 0.55 -13.44 -1.11
CA LYS A 80 -0.85 -13.55 -0.69
C LYS A 80 -1.05 -12.93 0.69
N ILE A 81 -0.32 -11.85 0.96
CA ILE A 81 -0.43 -11.17 2.25
C ILE A 81 -1.65 -10.26 2.28
N ASP A 82 -2.34 -10.23 3.41
CA ASP A 82 -3.52 -9.40 3.57
C ASP A 82 -3.14 -7.92 3.67
N TYR A 83 -3.36 -7.19 2.59
CA TYR A 83 -3.03 -5.77 2.54
C TYR A 83 -4.28 -4.92 2.76
N THR A 84 -4.17 -3.92 3.63
CA THR A 84 -5.28 -3.03 3.93
C THR A 84 -5.05 -1.65 3.35
N VAL A 85 -6.07 -1.13 2.66
CA VAL A 85 -5.97 0.19 2.05
C VAL A 85 -6.56 1.27 2.96
N LEU A 86 -5.75 2.24 3.31
CA LEU A 86 -6.19 3.33 4.19
C LEU A 86 -6.33 4.63 3.41
N GLN A 87 -7.53 5.20 3.42
CA GLN A 87 -7.79 6.45 2.72
C GLN A 87 -7.93 7.61 3.69
N ASP A 88 -7.80 8.82 3.19
CA ASP A 88 -7.92 10.02 4.02
C ASP A 88 -9.32 10.14 4.60
N ASN A 89 -9.40 10.18 5.93
CA ASN A 89 -10.68 10.29 6.61
C ASN A 89 -10.70 11.50 7.54
N PRO A 90 -10.79 12.70 6.93
CA PRO A 90 -10.83 13.96 7.68
C PRO A 90 -12.13 14.14 8.45
N ARG A 91 -12.24 15.24 9.18
CA ARG A 91 -13.43 15.54 9.97
C ARG A 91 -14.50 16.20 9.10
N THR A 92 -15.68 15.57 9.05
CA THR A 92 -16.79 16.08 8.26
C THR A 92 -18.02 16.31 9.12
N ILE A 93 -18.45 17.57 9.23
CA ILE A 93 -19.61 17.91 10.02
C ILE A 93 -20.83 17.09 9.61
N VAL A 94 -21.62 16.67 10.60
CA VAL A 94 -22.80 15.87 10.34
C VAL A 94 -24.02 16.45 11.06
N PRO A 95 -24.59 17.52 10.49
CA PRO A 95 -25.76 18.19 11.05
C PRO A 95 -27.03 17.35 10.94
N LYS A 96 -27.93 17.50 11.91
CA LYS A 96 -29.18 16.75 11.92
C LYS A 96 -30.21 17.39 10.99
N SER A 97 -30.79 16.58 10.11
CA SER A 97 -31.78 17.07 9.15
C SER A 97 -32.45 15.90 8.43
N TYR A 98 -33.75 16.02 8.22
CA TYR A 98 -34.51 14.98 7.53
C TYR A 98 -35.95 15.43 7.27
N ALA A 99 -36.40 15.25 6.03
CA ALA A 99 -37.75 15.63 5.66
C ALA A 99 -38.78 14.68 6.25
N ASP A 100 -39.43 15.11 7.32
CA ASP A 100 -40.44 14.29 7.99
C ASP A 100 -41.68 14.15 7.11
N ASN A 101 -41.85 12.98 6.50
CA ASN A 101 -42.99 12.72 5.63
C ASN A 101 -43.73 11.46 6.07
N PHE A 102 -44.81 11.64 6.81
CA PHE A 102 -45.61 10.52 7.30
C PHE A 102 -46.99 10.52 6.66
N THR A 103 -47.51 9.32 6.38
CA THR A 103 -48.83 9.19 5.77
C THR A 103 -49.59 8.02 6.37
N LYS A 104 -50.85 8.25 6.71
CA LYS A 104 -51.70 7.21 7.30
C LYS A 104 -53.18 7.55 7.11
N PRO A 105 -54.03 6.52 7.17
CA PRO A 105 -55.48 6.67 7.02
C PRO A 105 -56.11 7.40 8.20
N ARG A 106 -57.43 7.60 8.12
CA ARG A 106 -58.15 8.28 9.19
C ARG A 106 -59.58 7.74 9.30
N ASP A 107 -60.12 7.78 10.51
CA ASP A 107 -61.48 7.30 10.75
C ASP A 107 -62.50 8.43 10.59
N MET A 108 -63.77 8.06 10.41
CA MET A 108 -64.83 9.04 10.25
C MET A 108 -65.55 9.30 11.56
N MET A 5 -12.96 -11.33 17.17
CA MET A 5 -11.95 -10.48 17.78
C MET A 5 -10.66 -11.23 18.01
N GLN A 6 -10.69 -12.22 18.89
CA GLN A 6 -9.52 -13.02 19.20
C GLN A 6 -9.39 -14.20 18.24
N GLU A 7 -8.58 -14.03 17.19
CA GLU A 7 -8.38 -15.07 16.21
C GLU A 7 -6.90 -15.25 15.90
N GLN A 8 -6.59 -16.19 15.02
CA GLN A 8 -5.21 -16.47 14.64
C GLN A 8 -4.98 -16.19 13.15
N VAL A 9 -3.96 -15.39 12.85
CA VAL A 9 -3.64 -15.05 11.48
C VAL A 9 -2.30 -15.63 11.05
N SER A 10 -2.35 -16.68 10.24
CA SER A 10 -1.14 -17.34 9.76
C SER A 10 -0.32 -16.40 8.88
N ASN A 11 -0.81 -16.16 7.67
CA ASN A 11 -0.12 -15.27 6.73
C ASN A 11 0.02 -13.86 7.30
N VAL A 12 1.18 -13.25 7.09
CA VAL A 12 1.44 -11.91 7.58
C VAL A 12 0.40 -10.93 7.05
N ARG A 13 0.56 -9.65 7.40
CA ARG A 13 -0.36 -8.61 6.96
C ARG A 13 0.39 -7.31 6.67
N ALA A 14 -0.11 -6.55 5.71
CA ALA A 14 0.51 -5.29 5.34
C ALA A 14 -0.43 -4.11 5.58
N ARG A 15 0.13 -2.92 5.75
CA ARG A 15 -0.67 -1.73 6.00
C ARG A 15 -0.41 -0.67 4.93
N ILE A 16 -1.34 -0.54 3.99
CA ILE A 16 -1.20 0.42 2.91
C ILE A 16 -1.99 1.70 3.23
N TYR A 17 -1.30 2.84 3.17
CA TYR A 17 -1.93 4.12 3.45
C TYR A 17 -1.74 5.09 2.28
N LYS A 18 -2.74 5.92 2.02
CA LYS A 18 -2.69 6.89 0.95
C LYS A 18 -2.73 8.31 1.49
N PRO A 19 -1.54 8.87 1.78
CA PRO A 19 -1.41 10.23 2.31
C PRO A 19 -1.77 11.29 1.28
N ALA A 20 -2.55 12.28 1.69
CA ALA A 20 -2.96 13.36 0.80
C ALA A 20 -1.82 14.34 0.57
N LYS A 21 -1.97 15.19 -0.45
CA LYS A 21 -0.95 16.18 -0.77
C LYS A 21 -1.49 17.59 -0.59
N SER A 22 -2.25 17.80 0.49
CA SER A 22 -2.83 19.11 0.78
C SER A 22 -1.96 19.87 1.77
N THR A 23 -0.65 19.70 1.66
CA THR A 23 0.29 20.38 2.54
C THR A 23 0.78 21.69 1.93
N MET A 24 0.95 22.70 2.78
CA MET A 24 1.41 24.01 2.32
C MET A 24 2.82 24.30 2.83
N GLN A 25 3.01 24.14 4.13
CA GLN A 25 4.31 24.39 4.74
C GLN A 25 5.30 23.29 4.38
N SER A 26 6.50 23.68 3.98
CA SER A 26 7.53 22.73 3.59
C SER A 26 7.07 21.87 2.43
N GLY A 27 6.24 22.43 1.56
CA GLY A 27 5.73 21.71 0.41
C GLY A 27 6.83 21.08 -0.41
N HIS A 28 6.63 19.83 -0.83
CA HIS A 28 7.63 19.13 -1.63
C HIS A 28 6.95 18.35 -2.75
N SER A 29 7.76 17.80 -3.66
CA SER A 29 7.25 17.03 -4.79
C SER A 29 8.29 16.04 -5.29
N LYS A 30 7.91 15.25 -6.28
CA LYS A 30 8.81 14.25 -6.86
C LYS A 30 9.29 13.29 -5.77
N LEU A 31 8.39 12.47 -5.26
CA LEU A 31 8.73 11.50 -4.23
C LEU A 31 7.60 10.50 -4.01
N LYS A 32 7.81 9.56 -3.10
CA LYS A 32 6.81 8.54 -2.80
C LYS A 32 5.46 9.18 -2.51
N ALA A 33 4.38 8.48 -2.86
CA ALA A 33 3.03 8.98 -2.63
C ALA A 33 2.25 8.03 -1.74
N TRP A 34 2.51 6.74 -1.88
CA TRP A 34 1.83 5.72 -1.08
C TRP A 34 2.71 5.22 0.06
N LYS A 35 2.09 4.68 1.09
CA LYS A 35 2.81 4.16 2.24
C LYS A 35 2.54 2.67 2.44
N LEU A 36 3.55 1.94 2.89
CA LEU A 36 3.41 0.51 3.13
C LEU A 36 4.09 0.11 4.43
N GLU A 37 3.34 -0.59 5.29
CA GLU A 37 3.87 -1.03 6.58
C GLU A 37 3.58 -2.52 6.80
N PHE A 38 4.59 -3.35 6.58
CA PHE A 38 4.46 -4.80 6.75
C PHE A 38 4.66 -5.20 8.21
N GLU A 39 3.92 -6.20 8.66
CA GLU A 39 4.02 -6.67 10.03
C GLU A 39 5.40 -7.26 10.30
N PRO A 40 5.81 -7.24 11.58
CA PRO A 40 7.11 -7.76 12.00
C PRO A 40 7.19 -9.28 11.89
N SER A 41 7.94 -9.77 10.91
CA SER A 41 8.09 -11.21 10.70
C SER A 41 9.31 -11.73 11.43
N CYS A 42 10.41 -10.98 11.36
CA CYS A 42 11.64 -11.37 12.03
C CYS A 42 12.29 -10.19 12.74
N THR A 43 13.41 -10.44 13.41
CA THR A 43 14.11 -9.39 14.14
C THR A 43 15.47 -9.11 13.50
N GLN A 44 16.25 -10.16 13.31
CA GLN A 44 17.58 -10.02 12.72
C GLN A 44 17.49 -9.55 11.26
N TYR A 45 18.55 -8.91 10.79
CA TYR A 45 18.58 -8.42 9.42
C TYR A 45 19.83 -8.92 8.69
N THR A 46 19.63 -9.46 7.48
CA THR A 46 20.73 -9.97 6.68
C THR A 46 21.61 -8.84 6.16
N GLU A 47 22.72 -9.20 5.52
CA GLU A 47 23.64 -8.21 4.97
C GLU A 47 22.90 -7.20 4.09
N PRO A 48 23.49 -6.01 3.93
CA PRO A 48 22.90 -4.94 3.10
C PRO A 48 22.92 -5.27 1.62
N LEU A 49 21.77 -5.69 1.08
CA LEU A 49 21.66 -6.04 -0.33
C LEU A 49 20.29 -5.68 -0.86
N MET A 50 20.25 -4.85 -1.90
CA MET A 50 18.99 -4.45 -2.51
C MET A 50 19.17 -4.16 -4.00
N ASN A 51 18.08 -4.23 -4.75
CA ASN A 51 18.13 -3.97 -6.19
C ASN A 51 18.30 -2.49 -6.47
N TRP A 52 17.40 -1.67 -5.93
CA TRP A 52 17.45 -0.23 -6.13
C TRP A 52 17.51 0.50 -4.79
N THR A 53 18.66 1.09 -4.49
CA THR A 53 18.84 1.81 -3.24
C THR A 53 18.63 3.32 -3.44
N GLY A 54 19.51 3.93 -4.24
CA GLY A 54 19.41 5.35 -4.50
C GLY A 54 19.83 6.18 -3.31
N SER A 55 19.38 7.44 -3.28
CA SER A 55 19.73 8.35 -2.19
C SER A 55 18.75 8.19 -1.02
N HIS A 56 19.13 7.35 -0.06
CA HIS A 56 18.29 7.10 1.11
C HIS A 56 18.49 8.21 2.15
N ASP A 57 17.42 8.51 2.87
CA ASP A 57 17.48 9.55 3.91
C ASP A 57 17.44 8.92 5.30
N THR A 58 16.48 8.03 5.52
CA THR A 58 16.34 7.36 6.81
C THR A 58 16.34 5.84 6.65
N LYS A 59 16.72 5.14 7.70
CA LYS A 59 16.77 3.68 7.68
C LYS A 59 15.36 3.10 7.56
N GLN A 60 15.13 2.34 6.50
CA GLN A 60 13.83 1.72 6.28
C GLN A 60 13.90 0.21 6.48
N GLN A 61 13.41 -0.26 7.62
CA GLN A 61 13.41 -1.68 7.93
C GLN A 61 12.01 -2.18 8.23
N VAL A 62 11.21 -1.33 8.87
CA VAL A 62 9.84 -1.70 9.22
C VAL A 62 8.83 -0.88 8.41
N CYS A 63 9.25 0.31 8.00
CA CYS A 63 8.39 1.19 7.22
C CYS A 63 8.93 1.37 5.81
N LEU A 64 8.10 1.05 4.81
CA LEU A 64 8.50 1.16 3.41
C LEU A 64 7.49 2.00 2.63
N SER A 65 8.00 2.97 1.87
CA SER A 65 7.15 3.84 1.08
C SER A 65 7.12 3.39 -0.38
N PHE A 66 6.09 3.81 -1.11
CA PHE A 66 5.94 3.46 -2.51
C PHE A 66 5.47 4.65 -3.33
N THR A 67 5.60 4.54 -4.65
CA THR A 67 5.18 5.61 -5.55
C THR A 67 3.70 5.50 -5.89
N THR A 68 3.29 4.30 -6.32
CA THR A 68 1.90 4.06 -6.68
C THR A 68 1.35 2.82 -5.99
N ARG A 69 0.03 2.72 -5.90
CA ARG A 69 -0.60 1.58 -5.26
C ARG A 69 -0.21 0.27 -5.95
N GLU A 70 -0.11 0.32 -7.28
CA GLU A 70 0.27 -0.86 -8.06
C GLU A 70 1.56 -1.47 -7.52
N LEU A 71 2.43 -0.63 -6.96
CA LEU A 71 3.69 -1.08 -6.41
C LEU A 71 3.51 -1.63 -5.00
N ALA A 72 2.63 -1.00 -4.23
CA ALA A 72 2.36 -1.43 -2.87
C ALA A 72 1.70 -2.80 -2.84
N ILE A 73 0.47 -2.86 -3.36
CA ILE A 73 -0.28 -4.11 -3.40
C ILE A 73 0.54 -5.22 -4.04
N ALA A 74 1.36 -4.86 -5.02
CA ALA A 74 2.20 -5.82 -5.71
C ALA A 74 3.09 -6.59 -4.73
N TYR A 75 3.47 -5.92 -3.65
CA TYR A 75 4.32 -6.53 -2.64
C TYR A 75 3.53 -7.55 -1.80
N ALA A 76 2.40 -7.12 -1.26
CA ALA A 76 1.56 -7.99 -0.45
C ALA A 76 1.07 -9.19 -1.27
N VAL A 77 0.44 -8.92 -2.40
CA VAL A 77 -0.07 -9.98 -3.26
C VAL A 77 1.04 -10.97 -3.62
N ALA A 78 2.28 -10.48 -3.64
CA ALA A 78 3.43 -11.33 -3.97
C ALA A 78 3.42 -12.60 -3.13
N HIS A 79 2.96 -12.49 -1.89
CA HIS A 79 2.92 -13.63 -0.99
C HIS A 79 1.51 -13.81 -0.40
N LYS A 80 0.51 -13.35 -1.15
CA LYS A 80 -0.88 -13.45 -0.70
C LYS A 80 -1.04 -12.87 0.70
N ILE A 81 -0.37 -11.76 0.96
CA ILE A 81 -0.44 -11.11 2.26
C ILE A 81 -1.67 -10.20 2.36
N ASP A 82 -2.36 -10.26 3.50
CA ASP A 82 -3.54 -9.46 3.72
C ASP A 82 -3.17 -8.00 3.96
N TYR A 83 -3.25 -7.18 2.91
CA TYR A 83 -2.92 -5.76 3.01
C TYR A 83 -4.19 -4.92 3.14
N THR A 84 -4.13 -3.92 4.01
CA THR A 84 -5.26 -3.03 4.23
C THR A 84 -5.05 -1.68 3.54
N VAL A 85 -6.06 -1.24 2.81
CA VAL A 85 -5.99 0.03 2.09
C VAL A 85 -6.67 1.15 2.89
N LEU A 86 -5.88 2.13 3.30
CA LEU A 86 -6.41 3.26 4.07
C LEU A 86 -6.42 4.53 3.24
N GLN A 87 -7.61 5.01 2.90
CA GLN A 87 -7.75 6.22 2.10
C GLN A 87 -8.73 7.19 2.77
N ASP A 88 -8.71 8.44 2.31
CA ASP A 88 -9.59 9.47 2.85
C ASP A 88 -10.76 9.72 1.93
N ASN A 89 -11.96 9.79 2.50
CA ASN A 89 -13.17 10.02 1.71
C ASN A 89 -13.40 8.91 0.70
N PRO A 90 -13.76 7.71 1.21
CA PRO A 90 -14.01 6.54 0.36
C PRO A 90 -15.29 6.69 -0.46
N ARG A 91 -15.13 6.65 -1.79
CA ARG A 91 -16.27 6.79 -2.70
C ARG A 91 -15.84 6.50 -4.14
N THR A 92 -16.37 5.42 -4.70
CA THR A 92 -16.05 5.04 -6.07
C THR A 92 -17.32 4.76 -6.87
N ILE A 93 -17.37 5.29 -8.09
CA ILE A 93 -18.53 5.08 -8.95
C ILE A 93 -18.30 3.91 -9.90
N VAL A 94 -19.36 3.13 -10.13
CA VAL A 94 -19.28 1.98 -11.02
C VAL A 94 -18.16 1.05 -10.60
N PRO A 95 -18.36 0.35 -9.47
CA PRO A 95 -17.37 -0.60 -8.93
C PRO A 95 -17.25 -1.85 -9.80
N LYS A 96 -16.07 -2.47 -9.77
CA LYS A 96 -15.82 -3.68 -10.54
C LYS A 96 -15.19 -4.76 -9.66
N SER A 97 -16.02 -5.73 -9.27
CA SER A 97 -15.54 -6.83 -8.42
C SER A 97 -15.33 -8.09 -9.25
N TYR A 98 -14.31 -8.87 -8.89
CA TYR A 98 -13.99 -10.11 -9.59
C TYR A 98 -12.87 -10.86 -8.90
N ALA A 99 -13.19 -12.04 -8.39
CA ALA A 99 -12.21 -12.87 -7.70
C ALA A 99 -11.27 -13.55 -8.69
N ASP A 100 -10.16 -14.08 -8.18
CA ASP A 100 -9.18 -14.76 -9.02
C ASP A 100 -9.39 -16.27 -8.99
N ASN A 101 -8.73 -16.97 -9.91
CA ASN A 101 -8.84 -18.42 -9.99
C ASN A 101 -7.62 -19.09 -9.37
N PHE A 102 -7.85 -20.17 -8.64
CA PHE A 102 -6.77 -20.91 -7.99
C PHE A 102 -6.08 -21.85 -8.99
N THR A 103 -4.75 -21.91 -8.92
CA THR A 103 -3.97 -22.76 -9.81
C THR A 103 -2.51 -22.79 -9.41
N LYS A 104 -1.93 -23.98 -9.35
CA LYS A 104 -0.54 -24.14 -8.98
C LYS A 104 -0.26 -23.51 -7.62
N PRO A 105 -0.77 -24.14 -6.56
CA PRO A 105 -0.59 -23.65 -5.18
C PRO A 105 0.85 -23.81 -4.70
N ARG A 106 1.44 -22.71 -4.26
CA ARG A 106 2.81 -22.73 -3.78
C ARG A 106 2.98 -23.75 -2.67
N ASP A 107 3.61 -24.88 -2.99
CA ASP A 107 3.84 -25.94 -2.02
C ASP A 107 5.14 -26.67 -2.32
N MET A 108 5.88 -27.01 -1.26
CA MET A 108 7.14 -27.72 -1.40
C MET A 108 6.91 -29.20 -1.70
N MET A 5 -9.76 -7.05 18.39
CA MET A 5 -9.50 -7.33 19.80
C MET A 5 -8.42 -8.39 19.95
N GLN A 6 -8.72 -9.61 19.50
CA GLN A 6 -7.77 -10.71 19.58
C GLN A 6 -8.00 -11.71 18.45
N GLU A 7 -6.90 -12.25 17.91
CA GLU A 7 -6.97 -13.22 16.83
C GLU A 7 -5.62 -13.85 16.58
N GLN A 8 -5.52 -15.15 16.83
CA GLN A 8 -4.26 -15.88 16.63
C GLN A 8 -3.77 -15.71 15.20
N VAL A 9 -2.63 -15.06 15.04
CA VAL A 9 -2.05 -14.84 13.73
C VAL A 9 -0.56 -15.19 13.72
N SER A 10 -0.16 -16.02 12.75
CA SER A 10 1.23 -16.44 12.62
C SER A 10 1.93 -15.69 11.49
N ASN A 11 1.15 -15.32 10.47
CA ASN A 11 1.69 -14.61 9.32
C ASN A 11 1.70 -13.11 9.57
N VAL A 12 2.10 -12.34 8.56
CA VAL A 12 2.14 -10.89 8.67
C VAL A 12 1.09 -10.23 7.79
N ARG A 13 1.04 -8.90 7.82
CA ARG A 13 0.07 -8.15 7.04
C ARG A 13 0.70 -6.89 6.46
N ALA A 14 0.14 -6.40 5.36
CA ALA A 14 0.63 -5.19 4.72
C ALA A 14 -0.27 -4.00 5.03
N ARG A 15 0.30 -2.99 5.67
CA ARG A 15 -0.45 -1.78 6.02
C ARG A 15 -0.22 -0.68 5.00
N ILE A 16 -1.20 -0.48 4.11
CA ILE A 16 -1.10 0.54 3.08
C ILE A 16 -1.99 1.74 3.41
N TYR A 17 -1.45 2.94 3.21
CA TYR A 17 -2.19 4.17 3.49
C TYR A 17 -1.51 5.37 2.84
N LYS A 18 -2.31 6.36 2.47
CA LYS A 18 -1.79 7.57 1.84
C LYS A 18 -1.87 8.76 2.80
N PRO A 19 -0.80 8.97 3.58
CA PRO A 19 -0.73 10.06 4.54
C PRO A 19 -0.61 11.42 3.86
N ALA A 20 -0.53 12.48 4.67
CA ALA A 20 -0.40 13.83 4.14
C ALA A 20 0.95 14.04 3.49
N LYS A 21 1.06 15.12 2.71
CA LYS A 21 2.31 15.44 2.02
C LYS A 21 3.36 15.92 3.01
N SER A 22 4.56 16.23 2.49
CA SER A 22 5.66 16.68 3.34
C SER A 22 6.52 17.70 2.59
N THR A 23 7.49 18.27 3.29
CA THR A 23 8.39 19.25 2.69
C THR A 23 9.57 18.58 2.01
N MET A 24 10.28 19.33 1.17
CA MET A 24 11.43 18.80 0.46
C MET A 24 11.04 17.60 -0.39
N GLN A 25 9.91 17.72 -1.09
CA GLN A 25 9.43 16.65 -1.94
C GLN A 25 9.64 16.98 -3.42
N SER A 26 9.78 15.95 -4.24
CA SER A 26 9.99 16.14 -5.68
C SER A 26 11.28 16.93 -5.93
N GLY A 27 12.34 16.57 -5.22
CA GLY A 27 13.61 17.25 -5.39
C GLY A 27 14.67 16.37 -6.03
N HIS A 28 15.49 15.75 -5.19
CA HIS A 28 16.56 14.87 -5.68
C HIS A 28 16.49 13.50 -5.00
N SER A 29 15.27 13.06 -4.71
CA SER A 29 15.08 11.76 -4.05
C SER A 29 14.02 10.95 -4.78
N LYS A 30 13.89 9.68 -4.40
CA LYS A 30 12.92 8.78 -5.01
C LYS A 30 11.50 9.33 -4.85
N LEU A 31 10.61 8.91 -5.74
CA LEU A 31 9.22 9.36 -5.70
C LEU A 31 8.38 8.44 -4.82
N LYS A 32 7.58 9.03 -3.95
CA LYS A 32 6.72 8.28 -3.05
C LYS A 32 5.38 8.97 -2.87
N ALA A 33 4.30 8.25 -3.17
CA ALA A 33 2.95 8.79 -3.03
C ALA A 33 2.15 8.01 -2.00
N TRP A 34 2.43 6.71 -1.89
CA TRP A 34 1.73 5.86 -0.95
C TRP A 34 2.70 5.27 0.07
N LYS A 35 2.18 4.92 1.25
CA LYS A 35 2.99 4.35 2.30
C LYS A 35 2.60 2.90 2.57
N LEU A 36 3.60 2.05 2.80
CA LEU A 36 3.35 0.64 3.07
C LEU A 36 4.20 0.15 4.25
N GLU A 37 3.53 -0.42 5.24
CA GLU A 37 4.23 -0.92 6.42
C GLU A 37 3.81 -2.36 6.72
N PHE A 38 4.69 -3.31 6.41
CA PHE A 38 4.42 -4.72 6.64
C PHE A 38 4.88 -5.14 8.03
N GLU A 39 4.06 -5.94 8.70
CA GLU A 39 4.38 -6.42 10.04
C GLU A 39 5.57 -7.37 10.00
N PRO A 40 6.22 -7.55 11.16
CA PRO A 40 7.38 -8.43 11.30
C PRO A 40 7.00 -9.91 11.17
N SER A 41 7.75 -10.62 10.34
CA SER A 41 7.50 -12.05 10.12
C SER A 41 8.62 -12.90 10.73
N CYS A 42 8.40 -14.21 10.76
CA CYS A 42 9.38 -15.14 11.32
C CYS A 42 10.35 -15.61 10.25
N THR A 43 11.18 -14.69 9.75
CA THR A 43 12.15 -15.01 8.72
C THR A 43 13.32 -15.82 9.30
N GLN A 44 14.18 -16.31 8.41
CA GLN A 44 15.34 -17.10 8.83
C GLN A 44 16.62 -16.50 8.28
N TYR A 45 16.68 -15.18 8.21
CA TYR A 45 17.85 -14.49 7.69
C TYR A 45 18.11 -14.86 6.24
N THR A 46 17.03 -15.03 5.47
CA THR A 46 17.13 -15.39 4.06
C THR A 46 16.39 -14.39 3.19
N GLU A 47 16.94 -13.18 3.09
CA GLU A 47 16.33 -12.13 2.29
C GLU A 47 17.34 -11.55 1.30
N PRO A 48 17.67 -12.34 0.26
CA PRO A 48 18.62 -11.92 -0.78
C PRO A 48 18.07 -10.83 -1.67
N LEU A 49 18.95 -9.94 -2.13
CA LEU A 49 18.55 -8.84 -2.99
C LEU A 49 19.23 -8.94 -4.35
N MET A 50 19.02 -7.92 -5.19
CA MET A 50 19.62 -7.89 -6.51
C MET A 50 20.39 -6.59 -6.73
N ASN A 51 19.68 -5.47 -6.69
CA ASN A 51 20.30 -4.17 -6.88
C ASN A 51 21.33 -3.88 -5.79
N TRP A 52 22.03 -2.77 -5.91
CA TRP A 52 23.05 -2.38 -4.94
C TRP A 52 22.50 -1.33 -3.98
N THR A 53 23.10 -1.26 -2.79
CA THR A 53 22.68 -0.29 -1.78
C THR A 53 23.31 1.07 -2.02
N GLY A 54 22.69 2.11 -1.48
CA GLY A 54 23.21 3.46 -1.65
C GLY A 54 24.01 3.92 -0.45
N SER A 55 23.90 5.21 -0.13
CA SER A 55 24.63 5.77 1.00
C SER A 55 23.67 6.43 2.00
N HIS A 56 23.37 5.72 3.07
CA HIS A 56 22.47 6.23 4.10
C HIS A 56 22.89 5.75 5.49
N ASP A 57 22.41 6.44 6.51
CA ASP A 57 22.74 6.08 7.89
C ASP A 57 21.93 4.87 8.35
N THR A 58 20.63 5.03 8.42
CA THR A 58 19.74 3.94 8.84
C THR A 58 18.32 4.15 8.34
N LYS A 59 17.62 3.05 8.08
CA LYS A 59 16.25 3.13 7.60
C LYS A 59 15.46 1.87 8.00
N GLN A 60 14.34 2.07 8.68
CA GLN A 60 13.51 0.96 9.12
C GLN A 60 12.95 0.20 7.93
N GLN A 61 13.04 -1.13 7.98
CA GLN A 61 12.54 -1.98 6.90
C GLN A 61 11.05 -2.23 7.06
N VAL A 62 10.62 -2.42 8.31
CA VAL A 62 9.21 -2.67 8.60
C VAL A 62 8.31 -1.63 7.96
N CYS A 63 8.83 -0.41 7.84
CA CYS A 63 8.08 0.70 7.24
C CYS A 63 8.77 1.20 5.98
N LEU A 64 7.98 1.40 4.92
CA LEU A 64 8.52 1.88 3.66
C LEU A 64 7.47 2.69 2.89
N SER A 65 7.89 3.32 1.81
CA SER A 65 6.99 4.12 0.99
C SER A 65 7.08 3.72 -0.47
N PHE A 66 5.92 3.50 -1.10
CA PHE A 66 5.87 3.11 -2.50
C PHE A 66 5.44 4.28 -3.38
N THR A 67 5.94 4.30 -4.61
CA THR A 67 5.61 5.37 -5.54
C THR A 67 4.12 5.40 -5.84
N THR A 68 3.56 4.25 -6.22
CA THR A 68 2.14 4.15 -6.52
C THR A 68 1.45 3.17 -5.59
N ARG A 69 0.13 3.10 -5.68
CA ARG A 69 -0.66 2.21 -4.84
C ARG A 69 -0.44 0.76 -5.25
N GLU A 70 -0.58 0.47 -6.54
CA GLU A 70 -0.39 -0.87 -7.06
C GLU A 70 0.94 -1.46 -6.60
N LEU A 71 1.94 -0.60 -6.46
CA LEU A 71 3.27 -1.02 -6.03
C LEU A 71 3.19 -1.77 -4.70
N ALA A 72 2.44 -1.21 -3.76
CA ALA A 72 2.29 -1.82 -2.45
C ALA A 72 1.61 -3.19 -2.56
N ILE A 73 0.40 -3.20 -3.10
CA ILE A 73 -0.35 -4.44 -3.27
C ILE A 73 0.49 -5.50 -3.99
N ALA A 74 1.23 -5.06 -5.01
CA ALA A 74 2.06 -5.97 -5.77
C ALA A 74 3.05 -6.71 -4.87
N TYR A 75 3.37 -6.10 -3.74
CA TYR A 75 4.30 -6.70 -2.79
C TYR A 75 3.61 -7.75 -1.93
N ALA A 76 2.50 -7.36 -1.29
CA ALA A 76 1.75 -8.26 -0.45
C ALA A 76 1.23 -9.45 -1.24
N VAL A 77 0.50 -9.18 -2.32
CA VAL A 77 -0.05 -10.23 -3.17
C VAL A 77 1.03 -11.22 -3.57
N ALA A 78 2.25 -10.73 -3.72
CA ALA A 78 3.37 -11.58 -4.10
C ALA A 78 3.47 -12.82 -3.21
N HIS A 79 3.04 -12.67 -1.96
CA HIS A 79 3.07 -13.77 -1.01
C HIS A 79 1.70 -13.98 -0.37
N LYS A 80 0.66 -13.57 -1.08
CA LYS A 80 -0.70 -13.71 -0.58
C LYS A 80 -0.83 -13.13 0.82
N ILE A 81 -0.52 -11.85 0.95
CA ILE A 81 -0.62 -11.17 2.24
C ILE A 81 -1.81 -10.22 2.29
N ASP A 82 -2.45 -10.14 3.45
CA ASP A 82 -3.60 -9.27 3.63
C ASP A 82 -3.18 -7.80 3.64
N TYR A 83 -3.37 -7.13 2.51
CA TYR A 83 -3.00 -5.73 2.38
C TYR A 83 -4.23 -4.83 2.53
N THR A 84 -4.11 -3.81 3.38
CA THR A 84 -5.20 -2.88 3.61
C THR A 84 -4.87 -1.49 3.09
N VAL A 85 -5.68 -0.99 2.17
CA VAL A 85 -5.47 0.33 1.59
C VAL A 85 -6.28 1.39 2.34
N LEU A 86 -5.58 2.37 2.90
CA LEU A 86 -6.23 3.45 3.63
C LEU A 86 -6.14 4.76 2.87
N GLN A 87 -7.27 5.20 2.34
CA GLN A 87 -7.33 6.45 1.57
C GLN A 87 -8.24 7.47 2.26
N ASP A 88 -8.03 8.74 1.96
CA ASP A 88 -8.83 9.81 2.54
C ASP A 88 -9.92 10.26 1.58
N ASN A 89 -11.08 10.62 2.13
CA ASN A 89 -12.20 11.07 1.32
C ASN A 89 -12.59 10.01 0.29
N PRO A 90 -13.13 8.88 0.78
CA PRO A 90 -13.54 7.78 -0.08
C PRO A 90 -14.78 8.12 -0.92
N ARG A 91 -14.90 7.47 -2.07
CA ARG A 91 -16.04 7.71 -2.95
C ARG A 91 -17.30 7.01 -2.44
N THR A 92 -18.46 7.56 -2.79
CA THR A 92 -19.73 6.99 -2.36
C THR A 92 -20.77 7.09 -3.46
N ILE A 93 -21.40 5.96 -3.78
CA ILE A 93 -22.42 5.91 -4.82
C ILE A 93 -23.81 5.82 -4.21
N VAL A 94 -24.80 6.33 -4.93
CA VAL A 94 -26.19 6.31 -4.48
C VAL A 94 -26.71 4.89 -4.39
N PRO A 95 -27.36 4.55 -3.27
CA PRO A 95 -27.93 3.23 -3.04
C PRO A 95 -29.13 2.94 -3.94
N LYS A 96 -29.30 1.68 -4.31
CA LYS A 96 -30.41 1.27 -5.16
C LYS A 96 -31.69 1.07 -4.34
N SER A 97 -32.80 1.58 -4.85
CA SER A 97 -34.08 1.46 -4.17
C SER A 97 -35.16 0.94 -5.12
N TYR A 98 -35.91 -0.05 -4.67
CA TYR A 98 -36.97 -0.63 -5.48
C TYR A 98 -37.89 -1.51 -4.62
N ALA A 99 -39.14 -1.09 -4.50
CA ALA A 99 -40.12 -1.84 -3.71
C ALA A 99 -40.89 -2.82 -4.59
N ASP A 100 -41.47 -3.84 -3.96
CA ASP A 100 -42.23 -4.84 -4.68
C ASP A 100 -43.71 -4.77 -4.31
N ASN A 101 -44.51 -5.67 -4.89
CA ASN A 101 -45.94 -5.71 -4.62
C ASN A 101 -46.29 -6.88 -3.70
N PHE A 102 -47.57 -6.98 -3.34
CA PHE A 102 -48.03 -8.05 -2.47
C PHE A 102 -49.50 -8.39 -2.75
N THR A 103 -50.00 -9.40 -2.05
CA THR A 103 -51.39 -9.83 -2.23
C THR A 103 -51.77 -10.87 -1.19
N LYS A 104 -52.99 -10.74 -0.67
CA LYS A 104 -53.49 -11.67 0.35
C LYS A 104 -54.01 -12.95 -0.31
N PRO A 105 -54.11 -14.03 0.49
CA PRO A 105 -54.60 -15.32 0.01
C PRO A 105 -56.09 -15.29 -0.31
N ARG A 106 -56.47 -15.93 -1.42
CA ARG A 106 -57.86 -15.97 -1.83
C ARG A 106 -58.49 -17.31 -1.44
N ASP A 107 -58.73 -17.49 -0.13
CA ASP A 107 -59.34 -18.71 0.36
C ASP A 107 -59.61 -18.61 1.86
N MET A 108 -60.79 -19.07 2.28
CA MET A 108 -61.17 -19.02 3.69
C MET A 108 -61.31 -20.43 4.25
N MET A 5 3.80 -13.34 24.86
CA MET A 5 2.89 -13.56 23.74
C MET A 5 1.87 -14.66 24.08
N GLN A 6 0.73 -14.62 23.41
CA GLN A 6 -0.33 -15.61 23.64
C GLN A 6 -0.85 -16.16 22.32
N GLU A 7 -1.20 -15.26 21.40
CA GLU A 7 -1.71 -15.66 20.11
C GLU A 7 -0.61 -15.67 19.06
N GLN A 8 -0.02 -16.85 18.83
CA GLN A 8 1.05 -16.99 17.86
C GLN A 8 0.51 -17.51 16.53
N VAL A 9 0.96 -16.89 15.44
CA VAL A 9 0.52 -17.29 14.10
C VAL A 9 1.70 -17.41 13.15
N SER A 10 1.42 -17.74 11.89
CA SER A 10 2.47 -17.88 10.88
C SER A 10 2.10 -17.13 9.61
N ASN A 11 1.71 -15.87 9.77
CA ASN A 11 1.33 -15.04 8.63
C ASN A 11 1.46 -13.55 8.98
N VAL A 12 1.68 -12.73 7.95
CA VAL A 12 1.83 -11.29 8.14
C VAL A 12 0.77 -10.53 7.35
N ARG A 13 0.77 -9.20 7.51
CA ARG A 13 -0.19 -8.35 6.81
C ARG A 13 0.49 -7.07 6.32
N ALA A 14 -0.03 -6.52 5.22
CA ALA A 14 0.51 -5.30 4.66
C ALA A 14 -0.36 -4.10 5.01
N ARG A 15 0.30 -3.00 5.40
CA ARG A 15 -0.42 -1.79 5.77
C ARG A 15 -0.20 -0.69 4.72
N ILE A 16 -1.20 -0.48 3.88
CA ILE A 16 -1.12 0.53 2.84
C ILE A 16 -1.89 1.79 3.22
N TYR A 17 -1.32 2.95 2.92
CA TYR A 17 -1.95 4.23 3.24
C TYR A 17 -1.75 5.24 2.12
N LYS A 18 -2.84 5.85 1.69
CA LYS A 18 -2.79 6.84 0.62
C LYS A 18 -2.26 8.17 1.13
N PRO A 19 -1.64 8.95 0.22
CA PRO A 19 -1.07 10.27 0.56
C PRO A 19 -2.14 11.30 0.87
N ALA A 20 -1.75 12.35 1.59
CA ALA A 20 -2.68 13.41 1.95
C ALA A 20 -2.63 14.55 0.94
N LYS A 21 -3.79 15.11 0.62
CA LYS A 21 -3.88 16.21 -0.33
C LYS A 21 -3.45 17.53 0.32
N SER A 22 -2.43 18.16 -0.25
CA SER A 22 -1.92 19.43 0.28
C SER A 22 -2.36 20.60 -0.60
N THR A 23 -2.34 21.80 -0.03
CA THR A 23 -2.73 22.99 -0.76
C THR A 23 -1.62 23.46 -1.69
N MET A 24 -1.51 22.82 -2.86
CA MET A 24 -0.49 23.17 -3.84
C MET A 24 0.88 23.19 -3.19
N GLN A 25 1.16 22.19 -2.36
CA GLN A 25 2.46 22.09 -1.69
C GLN A 25 3.20 20.83 -2.11
N SER A 26 3.49 20.74 -3.40
CA SER A 26 4.20 19.57 -3.94
C SER A 26 5.67 19.89 -4.16
N GLY A 27 6.47 18.86 -4.44
CA GLY A 27 7.89 19.04 -4.67
C GLY A 27 8.27 18.80 -6.11
N HIS A 28 9.57 18.70 -6.36
CA HIS A 28 10.08 18.46 -7.71
C HIS A 28 10.37 16.98 -7.93
N SER A 29 11.01 16.35 -6.96
CA SER A 29 11.34 14.93 -7.05
C SER A 29 10.63 14.14 -5.97
N LYS A 30 9.36 13.80 -6.22
CA LYS A 30 8.56 13.04 -5.27
C LYS A 30 8.28 11.64 -5.80
N LEU A 31 9.28 10.77 -5.72
CA LEU A 31 9.14 9.39 -6.19
C LEU A 31 8.04 8.67 -5.43
N LYS A 32 8.31 8.32 -4.18
CA LYS A 32 7.35 7.64 -3.33
C LYS A 32 6.15 8.53 -3.04
N ALA A 33 4.95 8.00 -3.27
CA ALA A 33 3.72 8.74 -3.03
C ALA A 33 2.85 8.04 -2.00
N TRP A 34 2.81 6.71 -2.07
CA TRP A 34 2.01 5.92 -1.15
C TRP A 34 2.87 5.34 -0.03
N LYS A 35 2.23 4.95 1.06
CA LYS A 35 2.94 4.39 2.21
C LYS A 35 2.62 2.90 2.37
N LEU A 36 3.62 2.12 2.72
CA LEU A 36 3.45 0.69 2.91
C LEU A 36 4.24 0.19 4.12
N GLU A 37 3.57 -0.53 5.01
CA GLU A 37 4.21 -1.05 6.21
C GLU A 37 3.74 -2.48 6.49
N PHE A 38 4.63 -3.44 6.25
CA PHE A 38 4.31 -4.85 6.47
C PHE A 38 4.73 -5.29 7.88
N GLU A 39 3.88 -6.07 8.52
CA GLU A 39 4.16 -6.56 9.87
C GLU A 39 5.42 -7.41 9.89
N PRO A 40 6.02 -7.57 11.08
CA PRO A 40 7.24 -8.36 11.27
C PRO A 40 6.99 -9.85 11.07
N SER A 41 7.84 -10.49 10.27
CA SER A 41 7.72 -11.92 10.01
C SER A 41 8.57 -12.73 10.98
N CYS A 42 9.88 -12.62 10.83
CA CYS A 42 10.81 -13.34 11.69
C CYS A 42 11.78 -12.38 12.36
N THR A 43 12.00 -12.57 13.66
CA THR A 43 12.91 -11.72 14.43
C THR A 43 14.34 -12.23 14.33
N GLN A 44 15.10 -11.67 13.39
CA GLN A 44 16.49 -12.08 13.21
C GLN A 44 17.25 -11.03 12.40
N TYR A 45 18.41 -10.61 12.91
CA TYR A 45 19.23 -9.61 12.24
C TYR A 45 19.68 -10.11 10.86
N THR A 46 19.74 -9.20 9.91
CA THR A 46 20.15 -9.54 8.55
C THR A 46 21.26 -8.61 8.07
N GLU A 47 22.08 -9.11 7.15
CA GLU A 47 23.18 -8.33 6.60
C GLU A 47 22.69 -7.39 5.50
N PRO A 48 23.49 -6.36 5.21
CA PRO A 48 23.17 -5.38 4.17
C PRO A 48 23.25 -5.96 2.76
N LEU A 49 22.53 -5.35 1.83
CA LEU A 49 22.52 -5.82 0.44
C LEU A 49 22.87 -4.68 -0.52
N MET A 50 22.12 -3.58 -0.43
CA MET A 50 22.37 -2.43 -1.28
C MET A 50 23.72 -1.79 -0.98
N ASN A 51 24.27 -1.10 -1.97
CA ASN A 51 25.57 -0.45 -1.80
C ASN A 51 25.40 0.95 -1.20
N TRP A 52 25.62 1.04 0.11
CA TRP A 52 25.49 2.32 0.81
C TRP A 52 26.81 3.08 0.79
N THR A 53 26.74 4.39 0.98
CA THR A 53 27.92 5.24 0.97
C THR A 53 28.45 5.43 2.39
N GLY A 54 27.54 5.51 3.35
CA GLY A 54 27.94 5.69 4.74
C GLY A 54 28.48 4.42 5.36
N SER A 55 28.08 4.16 6.61
CA SER A 55 28.53 2.98 7.32
C SER A 55 28.05 1.71 6.63
N HIS A 56 28.53 0.57 7.09
CA HIS A 56 28.14 -0.71 6.51
C HIS A 56 27.30 -1.53 7.49
N ASP A 57 26.48 -0.83 8.28
CA ASP A 57 25.62 -1.49 9.26
C ASP A 57 24.30 -0.76 9.39
N THR A 58 23.20 -1.52 9.37
CA THR A 58 21.87 -0.95 9.47
C THR A 58 20.91 -1.93 10.14
N LYS A 59 19.72 -1.45 10.48
CA LYS A 59 18.70 -2.27 11.12
C LYS A 59 17.48 -2.44 10.21
N GLN A 60 16.87 -3.63 10.25
CA GLN A 60 15.71 -3.91 9.44
C GLN A 60 14.56 -2.96 9.78
N GLN A 61 13.88 -2.48 8.75
CA GLN A 61 12.76 -1.56 8.94
C GLN A 61 11.44 -2.22 8.56
N VAL A 62 10.35 -1.70 9.11
CA VAL A 62 9.02 -2.24 8.83
C VAL A 62 8.17 -1.24 8.05
N CYS A 63 8.44 0.05 8.26
CA CYS A 63 7.70 1.10 7.57
C CYS A 63 8.46 1.59 6.35
N LEU A 64 7.85 1.43 5.18
CA LEU A 64 8.47 1.86 3.93
C LEU A 64 7.48 2.63 3.07
N SER A 65 7.96 3.12 1.93
CA SER A 65 7.11 3.88 1.01
C SER A 65 7.22 3.32 -0.41
N PHE A 66 6.21 3.63 -1.24
CA PHE A 66 6.20 3.16 -2.61
C PHE A 66 5.69 4.25 -3.55
N THR A 67 6.06 4.16 -4.82
CA THR A 67 5.65 5.14 -5.81
C THR A 67 4.13 5.28 -5.86
N THR A 68 3.45 4.16 -6.08
CA THR A 68 1.99 4.16 -6.15
C THR A 68 1.41 2.98 -5.36
N ARG A 69 0.09 2.93 -5.28
CA ARG A 69 -0.59 1.86 -4.56
C ARG A 69 -0.33 0.51 -5.23
N GLU A 70 -0.36 0.49 -6.56
CA GLU A 70 -0.13 -0.73 -7.31
C GLU A 70 1.15 -1.42 -6.86
N LEU A 71 2.12 -0.62 -6.42
CA LEU A 71 3.40 -1.14 -5.97
C LEU A 71 3.24 -1.86 -4.63
N ALA A 72 2.39 -1.32 -3.76
CA ALA A 72 2.15 -1.91 -2.46
C ALA A 72 1.41 -3.23 -2.57
N ILE A 73 0.21 -3.19 -3.16
CA ILE A 73 -0.60 -4.39 -3.33
C ILE A 73 0.17 -5.47 -4.08
N ALA A 74 1.01 -5.05 -5.02
CA ALA A 74 1.82 -5.98 -5.79
C ALA A 74 2.80 -6.73 -4.90
N TYR A 75 3.24 -6.08 -3.84
CA TYR A 75 4.19 -6.70 -2.90
C TYR A 75 3.49 -7.72 -2.01
N ALA A 76 2.42 -7.28 -1.34
CA ALA A 76 1.67 -8.16 -0.46
C ALA A 76 1.16 -9.39 -1.20
N VAL A 77 0.45 -9.16 -2.31
CA VAL A 77 -0.09 -10.25 -3.10
C VAL A 77 1.02 -11.20 -3.56
N ALA A 78 2.22 -10.65 -3.76
CA ALA A 78 3.35 -11.45 -4.20
C ALA A 78 3.54 -12.67 -3.30
N HIS A 79 3.16 -12.54 -2.03
CA HIS A 79 3.29 -13.63 -1.08
C HIS A 79 1.95 -13.92 -0.40
N LYS A 80 0.86 -13.60 -1.10
CA LYS A 80 -0.47 -13.84 -0.57
C LYS A 80 -0.63 -13.21 0.81
N ILE A 81 -0.32 -11.92 0.91
CA ILE A 81 -0.43 -11.20 2.17
C ILE A 81 -1.65 -10.29 2.18
N ASP A 82 -2.30 -10.19 3.34
CA ASP A 82 -3.48 -9.35 3.48
C ASP A 82 -3.09 -7.88 3.57
N TYR A 83 -3.35 -7.14 2.50
CA TYR A 83 -3.03 -5.72 2.44
C TYR A 83 -4.28 -4.87 2.70
N THR A 84 -4.11 -3.83 3.51
CA THR A 84 -5.22 -2.93 3.84
C THR A 84 -4.91 -1.51 3.39
N VAL A 85 -5.80 -0.96 2.56
CA VAL A 85 -5.62 0.40 2.06
C VAL A 85 -6.33 1.41 2.97
N LEU A 86 -5.60 2.44 3.36
CA LEU A 86 -6.15 3.49 4.23
C LEU A 86 -6.43 4.76 3.44
N GLN A 87 -7.64 5.29 3.60
CA GLN A 87 -8.04 6.51 2.91
C GLN A 87 -8.63 7.52 3.88
N ASP A 88 -7.89 8.59 4.14
CA ASP A 88 -8.34 9.64 5.04
C ASP A 88 -9.10 10.74 4.30
N ASN A 89 -10.15 11.25 4.92
CA ASN A 89 -10.95 12.30 4.30
C ASN A 89 -11.43 11.88 2.91
N PRO A 90 -12.34 10.90 2.87
CA PRO A 90 -12.89 10.38 1.61
C PRO A 90 -13.81 11.39 0.92
N ARG A 91 -13.52 11.67 -0.35
CA ARG A 91 -14.33 12.62 -1.12
C ARG A 91 -15.48 11.91 -1.82
N THR A 92 -16.66 12.52 -1.75
CA THR A 92 -17.85 11.94 -2.37
C THR A 92 -17.98 12.39 -3.83
N ILE A 93 -17.76 11.48 -4.76
CA ILE A 93 -17.85 11.78 -6.18
C ILE A 93 -19.28 12.10 -6.57
N VAL A 94 -19.44 13.01 -7.54
CA VAL A 94 -20.76 13.40 -8.01
C VAL A 94 -20.89 13.19 -9.52
N PRO A 95 -22.00 12.58 -9.94
CA PRO A 95 -22.28 12.30 -11.35
C PRO A 95 -22.55 13.58 -12.14
N LYS A 96 -21.80 13.78 -13.22
CA LYS A 96 -21.98 14.95 -14.06
C LYS A 96 -23.27 14.88 -14.85
N SER A 97 -23.56 15.93 -15.62
CA SER A 97 -24.78 15.97 -16.43
C SER A 97 -24.50 16.59 -17.79
N TYR A 98 -25.54 16.69 -18.61
CA TYR A 98 -25.41 17.27 -19.95
C TYR A 98 -26.79 17.51 -20.57
N ALA A 99 -26.98 18.71 -21.11
CA ALA A 99 -28.25 19.07 -21.72
C ALA A 99 -28.17 18.89 -23.24
N ASP A 100 -27.01 19.13 -23.81
CA ASP A 100 -26.81 18.99 -25.25
C ASP A 100 -28.00 19.56 -26.02
N ASN A 101 -28.52 20.69 -25.54
CA ASN A 101 -29.66 21.34 -26.18
C ASN A 101 -29.19 22.28 -27.28
N PHE A 102 -30.09 22.58 -28.21
CA PHE A 102 -29.78 23.48 -29.32
C PHE A 102 -30.58 24.78 -29.22
N THR A 103 -30.32 25.70 -30.13
CA THR A 103 -31.02 26.99 -30.15
C THR A 103 -31.99 27.08 -31.32
N LYS A 104 -32.72 25.98 -31.57
CA LYS A 104 -33.68 25.94 -32.66
C LYS A 104 -33.00 26.22 -34.00
N PRO A 105 -32.20 25.23 -34.47
CA PRO A 105 -31.48 25.35 -35.74
C PRO A 105 -32.41 25.30 -36.94
N ARG A 106 -32.29 26.27 -37.83
CA ARG A 106 -33.13 26.33 -39.02
C ARG A 106 -32.41 25.73 -40.22
N ASP A 107 -33.17 25.08 -41.10
CA ASP A 107 -32.60 24.46 -42.29
C ASP A 107 -33.48 24.71 -43.51
N MET A 108 -32.86 24.84 -44.67
CA MET A 108 -33.59 25.09 -45.91
C MET A 108 -34.48 23.90 -46.25
N MET A 5 -9.23 -13.20 20.96
CA MET A 5 -9.33 -14.65 20.79
C MET A 5 -9.40 -15.02 19.31
N GLN A 6 -10.14 -14.23 18.54
CA GLN A 6 -10.29 -14.47 17.11
C GLN A 6 -9.26 -13.68 16.31
N GLU A 7 -7.99 -13.83 16.67
CA GLU A 7 -6.91 -13.13 15.99
C GLU A 7 -5.84 -14.11 15.52
N GLN A 8 -5.66 -14.19 14.20
CA GLN A 8 -4.67 -15.08 13.62
C GLN A 8 -3.33 -14.37 13.44
N VAL A 9 -2.31 -14.85 14.12
CA VAL A 9 -0.98 -14.26 14.03
C VAL A 9 0.00 -15.22 13.36
N SER A 10 -0.44 -15.83 12.26
CA SER A 10 0.41 -16.78 11.54
C SER A 10 1.20 -16.06 10.44
N ASN A 11 0.47 -15.35 9.59
CA ASN A 11 1.10 -14.62 8.48
C ASN A 11 0.98 -13.11 8.70
N VAL A 12 2.08 -12.40 8.43
CA VAL A 12 2.10 -10.95 8.58
C VAL A 12 1.05 -10.28 7.70
N ARG A 13 0.93 -8.97 7.84
CA ARG A 13 -0.03 -8.21 7.05
C ARG A 13 0.59 -6.92 6.52
N ALA A 14 0.07 -6.44 5.40
CA ALA A 14 0.57 -5.21 4.78
C ALA A 14 -0.34 -4.03 5.08
N ARG A 15 0.18 -3.02 5.76
CA ARG A 15 -0.59 -1.84 6.11
C ARG A 15 -0.33 -0.71 5.10
N ILE A 16 -1.29 -0.51 4.20
CA ILE A 16 -1.18 0.53 3.19
C ILE A 16 -2.08 1.72 3.51
N TYR A 17 -1.51 2.91 3.44
CA TYR A 17 -2.26 4.13 3.74
C TYR A 17 -1.72 5.31 2.94
N LYS A 18 -2.60 6.25 2.60
CA LYS A 18 -2.21 7.43 1.84
C LYS A 18 -2.25 8.68 2.71
N PRO A 19 -1.11 8.98 3.36
CA PRO A 19 -0.99 10.15 4.25
C PRO A 19 -1.01 11.46 3.46
N ALA A 20 -1.36 12.54 4.15
CA ALA A 20 -1.42 13.86 3.53
C ALA A 20 -0.06 14.26 2.95
N LYS A 21 -0.07 15.15 1.97
CA LYS A 21 1.16 15.61 1.34
C LYS A 21 1.78 16.75 2.14
N SER A 22 0.93 17.62 2.69
CA SER A 22 1.41 18.76 3.46
C SER A 22 0.38 19.16 4.52
N THR A 23 0.86 19.44 5.73
CA THR A 23 -0.03 19.83 6.83
C THR A 23 0.52 21.05 7.55
N MET A 24 1.65 20.88 8.22
CA MET A 24 2.28 21.97 8.96
C MET A 24 2.72 23.09 8.01
N GLN A 25 3.79 22.84 7.28
CA GLN A 25 4.32 23.83 6.34
C GLN A 25 4.63 23.18 4.99
N SER A 26 5.05 24.00 4.03
CA SER A 26 5.38 23.51 2.70
C SER A 26 6.40 22.36 2.79
N GLY A 27 6.04 21.23 2.19
CA GLY A 27 6.93 20.08 2.20
C GLY A 27 7.65 19.88 0.88
N HIS A 28 8.77 19.18 0.93
CA HIS A 28 9.56 18.94 -0.27
C HIS A 28 10.23 17.57 -0.20
N SER A 29 10.99 17.23 -1.25
CA SER A 29 11.69 15.94 -1.31
C SER A 29 10.71 14.79 -1.12
N LYS A 30 9.50 14.95 -1.63
CA LYS A 30 8.47 13.93 -1.53
C LYS A 30 8.22 13.26 -2.88
N LEU A 31 8.86 12.12 -3.10
CA LEU A 31 8.71 11.38 -4.35
C LEU A 31 7.61 10.33 -4.23
N LYS A 32 7.52 9.72 -3.05
CA LYS A 32 6.50 8.69 -2.81
C LYS A 32 5.17 9.32 -2.43
N ALA A 33 4.09 8.58 -2.63
CA ALA A 33 2.75 9.06 -2.30
C ALA A 33 2.04 8.10 -1.36
N TRP A 34 2.25 6.81 -1.56
CA TRP A 34 1.62 5.80 -0.72
C TRP A 34 2.61 5.24 0.29
N LYS A 35 2.10 4.88 1.46
CA LYS A 35 2.95 4.33 2.52
C LYS A 35 2.57 2.89 2.82
N LEU A 36 3.57 2.04 2.98
CA LEU A 36 3.35 0.63 3.27
C LEU A 36 4.10 0.20 4.52
N GLU A 37 3.40 -0.42 5.46
CA GLU A 37 4.00 -0.88 6.70
C GLU A 37 3.60 -2.32 7.00
N PHE A 38 4.52 -3.25 6.78
CA PHE A 38 4.26 -4.66 7.02
C PHE A 38 4.53 -5.01 8.49
N GLU A 39 3.66 -5.83 9.07
CA GLU A 39 3.81 -6.24 10.46
C GLU A 39 5.02 -7.15 10.62
N PRO A 40 5.51 -7.27 11.87
CA PRO A 40 6.68 -8.09 12.20
C PRO A 40 6.38 -9.58 12.08
N SER A 41 7.43 -10.38 11.91
CA SER A 41 7.28 -11.82 11.77
C SER A 41 8.03 -12.56 12.87
N CYS A 42 7.67 -13.81 13.10
CA CYS A 42 8.31 -14.62 14.13
C CYS A 42 9.07 -15.80 13.51
N THR A 43 10.18 -16.17 14.13
CA THR A 43 10.99 -17.27 13.64
C THR A 43 11.30 -17.11 12.15
N GLN A 44 11.50 -15.87 11.73
CA GLN A 44 11.80 -15.58 10.33
C GLN A 44 12.80 -14.44 10.21
N TYR A 45 13.65 -14.51 9.19
CA TYR A 45 14.66 -13.48 8.97
C TYR A 45 14.02 -12.20 8.42
N THR A 46 14.80 -11.13 8.37
CA THR A 46 14.32 -9.85 7.86
C THR A 46 14.68 -9.66 6.40
N GLU A 47 15.14 -10.73 5.76
CA GLU A 47 15.52 -10.68 4.36
C GLU A 47 15.94 -12.06 3.86
N PRO A 48 14.98 -12.97 3.73
CA PRO A 48 15.22 -14.34 3.27
C PRO A 48 15.60 -14.39 1.79
N LEU A 49 15.28 -13.32 1.06
CA LEU A 49 15.59 -13.24 -0.37
C LEU A 49 15.86 -11.80 -0.78
N MET A 50 16.91 -11.60 -1.57
CA MET A 50 17.27 -10.27 -2.04
C MET A 50 16.84 -10.08 -3.49
N ASN A 51 15.67 -9.46 -3.68
CA ASN A 51 15.14 -9.21 -5.01
C ASN A 51 15.23 -7.74 -5.36
N TRP A 52 15.04 -6.88 -4.36
CA TRP A 52 15.09 -5.44 -4.56
C TRP A 52 16.54 -4.96 -4.61
N THR A 53 17.13 -5.00 -5.81
CA THR A 53 18.50 -4.56 -6.00
C THR A 53 18.66 -3.09 -5.68
N GLY A 54 19.78 -2.74 -5.02
CA GLY A 54 20.03 -1.36 -4.66
C GLY A 54 20.59 -1.22 -3.26
N SER A 55 21.91 -1.14 -3.16
CA SER A 55 22.57 -1.01 -1.86
C SER A 55 22.05 0.21 -1.12
N HIS A 56 21.61 0.00 0.12
CA HIS A 56 21.08 1.07 0.95
C HIS A 56 22.00 1.33 2.14
N ASP A 57 21.66 2.36 2.92
CA ASP A 57 22.45 2.71 4.10
C ASP A 57 22.48 1.56 5.10
N THR A 58 23.17 1.79 6.22
CA THR A 58 23.28 0.78 7.27
C THR A 58 22.23 0.99 8.35
N LYS A 59 21.00 1.28 7.93
CA LYS A 59 19.90 1.51 8.87
C LYS A 59 18.81 0.45 8.70
N GLN A 60 18.29 -0.03 9.82
CA GLN A 60 17.23 -1.04 9.79
C GLN A 60 15.86 -0.39 9.74
N GLN A 61 15.41 -0.08 8.52
CA GLN A 61 14.10 0.54 8.34
C GLN A 61 13.00 -0.51 8.19
N VAL A 62 11.89 -0.30 8.88
CA VAL A 62 10.78 -1.23 8.82
C VAL A 62 9.67 -0.70 7.93
N CYS A 63 9.57 0.62 7.84
CA CYS A 63 8.55 1.26 7.02
C CYS A 63 9.00 1.35 5.56
N LEU A 64 8.14 0.91 4.65
CA LEU A 64 8.45 0.93 3.22
C LEU A 64 7.48 1.84 2.47
N SER A 65 8.04 2.80 1.74
CA SER A 65 7.23 3.74 0.97
C SER A 65 7.02 3.24 -0.45
N PHE A 66 5.96 3.73 -1.10
CA PHE A 66 5.65 3.33 -2.47
C PHE A 66 5.13 4.52 -3.28
N THR A 67 5.53 4.59 -4.54
CA THR A 67 5.11 5.67 -5.42
C THR A 67 3.65 5.52 -5.81
N THR A 68 3.24 4.29 -6.09
CA THR A 68 1.86 4.02 -6.49
C THR A 68 1.33 2.78 -5.78
N ARG A 69 0.02 2.75 -5.52
CA ARG A 69 -0.61 1.63 -4.85
C ARG A 69 -0.30 0.32 -5.58
N GLU A 70 -0.34 0.37 -6.91
CA GLU A 70 -0.08 -0.81 -7.72
C GLU A 70 1.24 -1.46 -7.32
N LEU A 71 2.19 -0.64 -6.87
CA LEU A 71 3.49 -1.14 -6.45
C LEU A 71 3.43 -1.70 -5.04
N ALA A 72 2.64 -1.06 -4.18
CA ALA A 72 2.49 -1.52 -2.79
C ALA A 72 1.80 -2.87 -2.74
N ILE A 73 0.55 -2.92 -3.19
CA ILE A 73 -0.21 -4.16 -3.18
C ILE A 73 0.53 -5.27 -3.90
N ALA A 74 1.27 -4.90 -4.94
CA ALA A 74 2.03 -5.88 -5.71
C ALA A 74 3.04 -6.60 -4.83
N TYR A 75 3.40 -5.98 -3.72
CA TYR A 75 4.36 -6.57 -2.78
C TYR A 75 3.68 -7.60 -1.89
N ALA A 76 2.54 -7.22 -1.31
CA ALA A 76 1.80 -8.12 -0.43
C ALA A 76 1.25 -9.32 -1.21
N VAL A 77 0.54 -9.04 -2.28
CA VAL A 77 -0.04 -10.08 -3.12
C VAL A 77 1.01 -11.12 -3.51
N ALA A 78 2.26 -10.66 -3.64
CA ALA A 78 3.35 -11.54 -4.01
C ALA A 78 3.43 -12.75 -3.08
N HIS A 79 2.96 -12.58 -1.85
CA HIS A 79 2.98 -13.64 -0.86
C HIS A 79 1.59 -13.87 -0.28
N LYS A 80 0.57 -13.50 -1.05
CA LYS A 80 -0.81 -13.66 -0.61
C LYS A 80 -1.02 -13.06 0.77
N ILE A 81 -0.40 -11.92 1.01
CA ILE A 81 -0.52 -11.23 2.29
C ILE A 81 -1.73 -10.30 2.32
N ASP A 82 -2.41 -10.24 3.45
CA ASP A 82 -3.58 -9.39 3.61
C ASP A 82 -3.19 -7.92 3.65
N TYR A 83 -3.38 -7.23 2.53
CA TYR A 83 -3.04 -5.82 2.43
C TYR A 83 -4.28 -4.94 2.60
N THR A 84 -4.14 -3.87 3.37
CA THR A 84 -5.25 -2.95 3.61
C THR A 84 -4.92 -1.55 3.11
N VAL A 85 -5.75 -1.03 2.21
CA VAL A 85 -5.54 0.31 1.66
C VAL A 85 -6.38 1.34 2.40
N LEU A 86 -5.72 2.36 2.93
CA LEU A 86 -6.42 3.42 3.66
C LEU A 86 -6.41 4.72 2.87
N GLN A 87 -7.60 5.16 2.45
CA GLN A 87 -7.74 6.39 1.69
C GLN A 87 -8.13 7.55 2.59
N ASP A 88 -7.72 8.76 2.23
CA ASP A 88 -8.04 9.95 3.00
C ASP A 88 -8.88 10.92 2.17
N ASN A 89 -10.07 11.25 2.69
CA ASN A 89 -10.97 12.17 2.01
C ASN A 89 -11.35 11.62 0.63
N PRO A 90 -12.17 10.56 0.62
CA PRO A 90 -12.63 9.93 -0.62
C PRO A 90 -13.60 10.81 -1.39
N ARG A 91 -14.10 10.30 -2.52
CA ARG A 91 -15.04 11.04 -3.35
C ARG A 91 -15.77 10.10 -4.31
N THR A 92 -17.01 10.46 -4.63
CA THR A 92 -17.82 9.64 -5.54
C THR A 92 -17.08 9.38 -6.85
N ILE A 93 -16.78 8.10 -7.09
CA ILE A 93 -16.07 7.71 -8.30
C ILE A 93 -16.96 7.84 -9.53
N VAL A 94 -16.41 7.53 -10.69
CA VAL A 94 -17.16 7.62 -11.94
C VAL A 94 -16.31 7.15 -13.13
N PRO A 95 -16.18 5.82 -13.26
CA PRO A 95 -15.40 5.22 -14.35
C PRO A 95 -16.06 5.39 -15.71
N LYS A 96 -15.45 4.82 -16.75
CA LYS A 96 -15.99 4.90 -18.09
C LYS A 96 -15.38 3.83 -19.00
N SER A 97 -16.23 3.04 -19.63
CA SER A 97 -15.79 1.98 -20.51
C SER A 97 -16.57 1.98 -21.82
N TYR A 98 -16.24 1.06 -22.71
CA TYR A 98 -16.92 0.95 -24.00
C TYR A 98 -16.86 -0.48 -24.53
N ALA A 99 -18.02 -1.12 -24.60
CA ALA A 99 -18.10 -2.49 -25.08
C ALA A 99 -18.12 -2.53 -26.61
N ASP A 100 -17.53 -3.57 -27.18
CA ASP A 100 -17.47 -3.72 -28.63
C ASP A 100 -17.58 -5.19 -29.03
N ASN A 101 -18.17 -5.45 -30.19
CA ASN A 101 -18.34 -6.80 -30.69
C ASN A 101 -17.27 -7.14 -31.72
N PHE A 102 -16.01 -7.13 -31.29
CA PHE A 102 -14.90 -7.44 -32.18
C PHE A 102 -14.68 -8.94 -32.29
N THR A 103 -15.32 -9.55 -33.29
CA THR A 103 -15.20 -10.99 -33.50
C THR A 103 -14.96 -11.30 -34.97
N LYS A 104 -13.81 -11.92 -35.25
CA LYS A 104 -13.45 -12.28 -36.61
C LYS A 104 -13.27 -13.79 -36.75
N PRO A 105 -14.38 -14.53 -36.65
CA PRO A 105 -14.37 -15.99 -36.76
C PRO A 105 -14.06 -16.47 -38.17
N ARG A 106 -12.91 -17.10 -38.35
CA ARG A 106 -12.50 -17.60 -39.66
C ARG A 106 -12.33 -19.12 -39.62
N ASP A 107 -13.42 -19.83 -39.88
CA ASP A 107 -13.40 -21.29 -39.88
C ASP A 107 -14.68 -21.85 -40.49
N MET A 108 -14.62 -23.10 -40.95
CA MET A 108 -15.77 -23.75 -41.56
C MET A 108 -16.39 -24.77 -40.61
N MET A 5 -12.86 -12.37 19.61
CA MET A 5 -12.76 -13.56 18.79
C MET A 5 -11.52 -13.51 17.90
N GLN A 6 -10.38 -13.89 18.46
CA GLN A 6 -9.12 -13.88 17.73
C GLN A 6 -8.69 -15.31 17.37
N GLU A 7 -7.77 -15.41 16.42
CA GLU A 7 -7.27 -16.72 15.99
C GLU A 7 -5.77 -16.67 15.73
N GLN A 8 -5.19 -17.81 15.38
CA GLN A 8 -3.76 -17.89 15.10
C GLN A 8 -3.44 -17.38 13.71
N VAL A 9 -2.24 -16.85 13.53
CA VAL A 9 -1.82 -16.32 12.25
C VAL A 9 -0.32 -16.54 12.02
N SER A 10 0.03 -17.00 10.83
CA SER A 10 1.43 -17.25 10.49
C SER A 10 1.96 -16.19 9.52
N ASN A 11 1.16 -15.86 8.52
CA ASN A 11 1.54 -14.87 7.53
C ASN A 11 1.37 -13.46 8.09
N VAL A 12 2.27 -12.57 7.70
CA VAL A 12 2.21 -11.18 8.16
C VAL A 12 1.10 -10.42 7.44
N ARG A 13 1.01 -9.12 7.72
CA ARG A 13 0.00 -8.27 7.11
C ARG A 13 0.62 -6.98 6.58
N ALA A 14 0.10 -6.51 5.45
CA ALA A 14 0.60 -5.28 4.84
C ALA A 14 -0.34 -4.10 5.12
N ARG A 15 0.19 -3.08 5.78
CA ARG A 15 -0.60 -1.89 6.11
C ARG A 15 -0.33 -0.76 5.13
N ILE A 16 -1.27 -0.57 4.20
CA ILE A 16 -1.13 0.48 3.19
C ILE A 16 -2.02 1.68 3.53
N TYR A 17 -1.42 2.87 3.51
CA TYR A 17 -2.15 4.10 3.81
C TYR A 17 -1.60 5.27 3.00
N LYS A 18 -2.48 6.21 2.68
CA LYS A 18 -2.09 7.38 1.91
C LYS A 18 -2.29 8.65 2.72
N PRO A 19 -1.24 9.06 3.45
CA PRO A 19 -1.27 10.27 4.29
C PRO A 19 -1.31 11.54 3.46
N ALA A 20 -1.56 12.67 4.12
CA ALA A 20 -1.62 13.96 3.44
C ALA A 20 -0.30 14.27 2.74
N LYS A 21 -0.38 15.09 1.70
CA LYS A 21 0.81 15.48 0.94
C LYS A 21 1.57 16.58 1.66
N SER A 22 2.90 16.51 1.60
CA SER A 22 3.75 17.50 2.25
C SER A 22 5.10 17.60 1.55
N THR A 23 5.71 18.78 1.60
CA THR A 23 7.01 19.01 0.98
C THR A 23 7.99 19.65 1.95
N MET A 24 8.47 18.86 2.90
CA MET A 24 9.42 19.37 3.89
C MET A 24 10.78 19.64 3.25
N GLN A 25 11.30 18.65 2.53
CA GLN A 25 12.60 18.79 1.87
C GLN A 25 12.64 17.98 0.58
N SER A 26 13.36 18.48 -0.41
CA SER A 26 13.48 17.81 -1.69
C SER A 26 14.83 18.09 -2.34
N GLY A 27 15.17 17.31 -3.36
CA GLY A 27 16.43 17.51 -4.05
C GLY A 27 17.17 16.20 -4.28
N HIS A 28 17.09 15.69 -5.50
CA HIS A 28 17.75 14.44 -5.86
C HIS A 28 17.20 13.29 -5.03
N SER A 29 15.92 13.33 -4.73
CA SER A 29 15.26 12.29 -3.94
C SER A 29 14.08 11.68 -4.69
N LYS A 30 13.70 10.48 -4.30
CA LYS A 30 12.58 9.78 -4.93
C LYS A 30 11.26 10.26 -4.36
N LEU A 31 10.25 10.35 -5.22
CA LEU A 31 8.92 10.78 -4.80
C LEU A 31 8.07 9.60 -4.34
N LYS A 32 7.11 9.87 -3.47
CA LYS A 32 6.23 8.83 -2.95
C LYS A 32 4.83 9.38 -2.69
N ALA A 33 3.82 8.56 -2.94
CA ALA A 33 2.44 8.96 -2.73
C ALA A 33 1.74 8.03 -1.75
N TRP A 34 2.07 6.76 -1.81
CA TRP A 34 1.47 5.76 -0.92
C TRP A 34 2.49 5.24 0.08
N LYS A 35 2.01 4.83 1.24
CA LYS A 35 2.89 4.31 2.29
C LYS A 35 2.55 2.85 2.61
N LEU A 36 3.58 2.05 2.89
CA LEU A 36 3.38 0.65 3.22
C LEU A 36 4.11 0.28 4.50
N GLU A 37 3.40 -0.40 5.40
CA GLU A 37 3.98 -0.81 6.67
C GLU A 37 3.56 -2.23 7.03
N PHE A 38 4.48 -3.18 6.86
CA PHE A 38 4.20 -4.58 7.17
C PHE A 38 4.42 -4.87 8.65
N GLU A 39 3.55 -5.70 9.22
CA GLU A 39 3.64 -6.06 10.63
C GLU A 39 4.17 -7.48 10.79
N PRO A 40 5.48 -7.59 11.06
CA PRO A 40 6.14 -8.88 11.25
C PRO A 40 5.72 -9.56 12.55
N SER A 41 5.65 -10.89 12.51
CA SER A 41 5.25 -11.66 13.68
C SER A 41 6.39 -11.73 14.69
N CYS A 42 7.59 -12.04 14.21
CA CYS A 42 8.77 -12.14 15.06
C CYS A 42 9.90 -11.29 14.52
N THR A 43 10.88 -11.01 15.38
CA THR A 43 12.03 -10.20 14.99
C THR A 43 13.34 -10.98 15.15
N GLN A 44 14.35 -10.58 14.41
CA GLN A 44 15.66 -11.24 14.47
C GLN A 44 16.76 -10.30 13.99
N TYR A 45 17.99 -10.60 14.39
CA TYR A 45 19.14 -9.79 14.02
C TYR A 45 19.32 -9.77 12.50
N THR A 46 19.52 -8.58 11.95
CA THR A 46 19.70 -8.43 10.51
C THR A 46 21.01 -9.06 10.06
N GLU A 47 20.90 -10.02 9.13
CA GLU A 47 22.08 -10.70 8.61
C GLU A 47 23.00 -9.73 7.88
N PRO A 48 24.27 -10.14 7.71
CA PRO A 48 25.28 -9.32 7.03
C PRO A 48 25.02 -9.19 5.53
N LEU A 49 24.26 -10.14 5.00
CA LEU A 49 23.93 -10.14 3.58
C LEU A 49 22.69 -9.30 3.30
N MET A 50 22.90 -8.13 2.71
CA MET A 50 21.79 -7.22 2.39
C MET A 50 21.90 -6.72 0.95
N ASN A 51 20.85 -6.05 0.49
CA ASN A 51 20.83 -5.52 -0.88
C ASN A 51 21.90 -4.45 -1.06
N TRP A 52 21.74 -3.32 -0.36
CA TRP A 52 22.69 -2.23 -0.46
C TRP A 52 22.66 -1.37 0.81
N THR A 53 23.77 -0.71 1.10
CA THR A 53 23.87 0.14 2.28
C THR A 53 23.32 -0.56 3.51
N GLY A 54 24.08 -1.53 4.02
CA GLY A 54 23.65 -2.28 5.19
C GLY A 54 24.82 -2.82 5.99
N SER A 55 25.95 -2.12 5.94
CA SER A 55 27.15 -2.54 6.66
C SER A 55 27.01 -2.25 8.15
N HIS A 56 26.66 -1.01 8.48
CA HIS A 56 26.50 -0.60 9.87
C HIS A 56 25.30 0.33 10.01
N ASP A 57 24.29 -0.13 10.74
CA ASP A 57 23.08 0.66 10.96
C ASP A 57 22.28 0.10 12.13
N THR A 58 22.23 0.85 13.23
CA THR A 58 21.50 0.43 14.42
C THR A 58 20.02 0.25 14.11
N LYS A 59 19.46 1.18 13.35
CA LYS A 59 18.04 1.12 12.98
C LYS A 59 17.76 -0.09 12.11
N GLN A 60 16.49 -0.43 11.97
CA GLN A 60 16.09 -1.57 11.15
C GLN A 60 14.89 -1.22 10.28
N GLN A 61 15.08 -1.30 8.96
CA GLN A 61 14.02 -0.98 8.02
C GLN A 61 12.77 -1.81 8.30
N VAL A 62 11.74 -1.17 8.82
CA VAL A 62 10.49 -1.86 9.13
C VAL A 62 9.35 -1.34 8.26
N CYS A 63 9.43 -0.08 7.87
CA CYS A 63 8.40 0.53 7.03
C CYS A 63 9.01 1.09 5.74
N LEU A 64 8.19 1.19 4.70
CA LEU A 64 8.65 1.71 3.41
C LEU A 64 7.52 2.44 2.69
N SER A 65 7.88 3.14 1.63
CA SER A 65 6.90 3.89 0.85
C SER A 65 6.81 3.34 -0.57
N PHE A 66 5.78 3.77 -1.30
CA PHE A 66 5.57 3.33 -2.68
C PHE A 66 5.01 4.46 -3.53
N THR A 67 5.63 4.69 -4.68
CA THR A 67 5.20 5.74 -5.59
C THR A 67 3.73 5.55 -5.98
N THR A 68 3.37 4.33 -6.32
CA THR A 68 2.00 4.02 -6.71
C THR A 68 1.46 2.82 -5.94
N ARG A 69 0.16 2.84 -5.66
CA ARG A 69 -0.48 1.76 -4.92
C ARG A 69 -0.18 0.41 -5.57
N GLU A 70 -0.23 0.38 -6.89
CA GLU A 70 0.04 -0.85 -7.63
C GLU A 70 1.37 -1.48 -7.21
N LEU A 71 2.31 -0.63 -6.81
CA LEU A 71 3.62 -1.09 -6.38
C LEU A 71 3.55 -1.69 -4.98
N ALA A 72 2.75 -1.07 -4.12
CA ALA A 72 2.59 -1.54 -2.75
C ALA A 72 1.91 -2.90 -2.72
N ILE A 73 0.65 -2.93 -3.16
CA ILE A 73 -0.12 -4.17 -3.18
C ILE A 73 0.64 -5.28 -3.90
N ALA A 74 1.40 -4.90 -4.92
CA ALA A 74 2.18 -5.87 -5.68
C ALA A 74 3.11 -6.67 -4.77
N TYR A 75 3.48 -6.07 -3.64
CA TYR A 75 4.36 -6.74 -2.68
C TYR A 75 3.60 -7.76 -1.87
N ALA A 76 2.52 -7.32 -1.22
CA ALA A 76 1.70 -8.21 -0.41
C ALA A 76 1.16 -9.38 -1.23
N VAL A 77 0.50 -9.06 -2.33
CA VAL A 77 -0.07 -10.08 -3.20
C VAL A 77 0.98 -11.11 -3.59
N ALA A 78 2.23 -10.67 -3.68
CA ALA A 78 3.33 -11.56 -4.04
C ALA A 78 3.41 -12.75 -3.09
N HIS A 79 2.92 -12.56 -1.87
CA HIS A 79 2.94 -13.62 -0.87
C HIS A 79 1.54 -13.86 -0.30
N LYS A 80 0.52 -13.51 -1.08
CA LYS A 80 -0.87 -13.68 -0.66
C LYS A 80 -1.09 -13.06 0.72
N ILE A 81 -0.47 -11.92 0.96
CA ILE A 81 -0.61 -11.23 2.24
C ILE A 81 -1.81 -10.27 2.22
N ASP A 82 -2.53 -10.22 3.33
CA ASP A 82 -3.69 -9.35 3.44
C ASP A 82 -3.27 -7.88 3.52
N TYR A 83 -3.45 -7.15 2.42
CA TYR A 83 -3.07 -5.75 2.37
C TYR A 83 -4.30 -4.86 2.57
N THR A 84 -4.16 -3.85 3.43
CA THR A 84 -5.26 -2.93 3.70
C THR A 84 -4.94 -1.53 3.19
N VAL A 85 -5.82 -0.98 2.35
CA VAL A 85 -5.63 0.35 1.80
C VAL A 85 -6.42 1.39 2.59
N LEU A 86 -5.72 2.40 3.10
CA LEU A 86 -6.34 3.46 3.87
C LEU A 86 -6.35 4.77 3.08
N GLN A 87 -7.54 5.23 2.74
CA GLN A 87 -7.69 6.48 1.99
C GLN A 87 -8.64 7.44 2.70
N ASP A 88 -8.32 8.73 2.64
CA ASP A 88 -9.14 9.75 3.29
C ASP A 88 -10.60 9.61 2.88
N ASN A 89 -11.48 10.34 3.57
CA ASN A 89 -12.90 10.29 3.27
C ASN A 89 -13.18 10.63 1.80
N PRO A 90 -14.36 10.24 1.32
CA PRO A 90 -14.77 10.49 -0.07
C PRO A 90 -15.03 11.97 -0.34
N ARG A 91 -14.64 12.43 -1.52
CA ARG A 91 -14.83 13.82 -1.90
C ARG A 91 -16.24 14.05 -2.43
N THR A 92 -16.76 15.25 -2.22
CA THR A 92 -18.11 15.60 -2.66
C THR A 92 -18.15 15.80 -4.18
N ILE A 93 -18.73 14.84 -4.88
CA ILE A 93 -18.83 14.91 -6.33
C ILE A 93 -19.96 15.84 -6.76
N VAL A 94 -20.04 16.12 -8.05
CA VAL A 94 -21.06 17.00 -8.59
C VAL A 94 -21.42 16.62 -10.02
N PRO A 95 -22.07 15.46 -10.17
CA PRO A 95 -22.50 14.96 -11.49
C PRO A 95 -23.62 15.79 -12.10
N LYS A 96 -23.88 15.57 -13.37
CA LYS A 96 -24.94 16.29 -14.08
C LYS A 96 -25.90 15.32 -14.75
N SER A 97 -27.19 15.65 -14.69
CA SER A 97 -28.23 14.81 -15.29
C SER A 97 -28.46 15.20 -16.75
N TYR A 98 -28.89 14.23 -17.55
CA TYR A 98 -29.15 14.47 -18.96
C TYR A 98 -29.96 13.32 -19.57
N ALA A 99 -31.12 13.65 -20.12
CA ALA A 99 -31.99 12.65 -20.73
C ALA A 99 -31.59 12.40 -22.19
N ASP A 100 -31.74 11.15 -22.62
CA ASP A 100 -31.39 10.78 -23.98
C ASP A 100 -32.63 10.36 -24.77
N ASN A 101 -32.53 10.41 -26.09
CA ASN A 101 -33.65 10.04 -26.96
C ASN A 101 -33.94 8.54 -26.86
N PHE A 102 -35.07 8.19 -26.27
CA PHE A 102 -35.46 6.80 -26.12
C PHE A 102 -35.53 6.10 -27.47
N THR A 103 -35.46 4.77 -27.45
CA THR A 103 -35.53 3.99 -28.68
C THR A 103 -36.49 2.81 -28.54
N LYS A 104 -37.37 2.64 -29.52
CA LYS A 104 -38.33 1.56 -29.50
C LYS A 104 -37.64 0.22 -29.26
N PRO A 105 -38.41 -0.76 -28.75
CA PRO A 105 -37.88 -2.11 -28.47
C PRO A 105 -37.56 -2.88 -29.74
N ARG A 106 -37.11 -4.13 -29.57
CA ARG A 106 -36.76 -4.97 -30.71
C ARG A 106 -37.97 -5.21 -31.60
N ASP A 107 -37.79 -5.04 -32.90
CA ASP A 107 -38.87 -5.24 -33.86
C ASP A 107 -39.01 -6.72 -34.21
N MET A 108 -39.32 -7.53 -33.20
CA MET A 108 -39.49 -8.97 -33.40
C MET A 108 -40.75 -9.25 -34.21
#